data_5U49
# 
_entry.id   5U49 
# 
_audit_conform.dict_name       mmcif_pdbx.dic 
_audit_conform.dict_version    5.379 
_audit_conform.dict_location   http://mmcif.pdb.org/dictionaries/ascii/mmcif_pdbx.dic 
# 
loop_
_database_2.database_id 
_database_2.database_code 
_database_2.pdbx_database_accession 
_database_2.pdbx_DOI 
PDB   5U49         pdb_00005u49 10.2210/pdb5u49/pdb 
WWPDB D_1000225281 ?            ?                   
# 
loop_
_pdbx_database_related.content_type 
_pdbx_database_related.db_id 
_pdbx_database_related.db_name 
_pdbx_database_related.details 
unspecified 5U48 PDB . 
unspecified 5U4A PDB . 
unspecified 5U4B PDB . 
unspecified 5U4C PDB . 
unspecified 5U4D PDB . 
unspecified 5U4E PDB . 
unspecified 5U4F PDB . 
unspecified 5U4G PDB . 
# 
_pdbx_database_status.status_code                     REL 
_pdbx_database_status.status_code_sf                  REL 
_pdbx_database_status.status_code_mr                  ? 
_pdbx_database_status.entry_id                        5U49 
_pdbx_database_status.recvd_initial_deposition_date   2016-12-03 
_pdbx_database_status.SG_entry                        N 
_pdbx_database_status.deposit_site                    RCSB 
_pdbx_database_status.process_site                    RCSB 
_pdbx_database_status.status_code_cs                  ? 
_pdbx_database_status.methods_development_category    ? 
_pdbx_database_status.pdb_format_compatible           Y 
_pdbx_database_status.status_code_nmr_data            ? 
# 
loop_
_audit_author.name 
_audit_author.pdbx_ordinal 
_audit_author.identifier_ORCID 
'Windsor, I.W.' 1 ? 
'Smith, T.P.'   2 ? 
'Raines, R.T.'  3 ? 
'Forest, K.T.'  4 ? 
# 
_citation.abstract                  ? 
_citation.abstract_id_CAS           ? 
_citation.book_id_ISBN              ? 
_citation.book_publisher            ? 
_citation.book_publisher_city       ? 
_citation.book_title                ? 
_citation.coordinate_linkage        ? 
_citation.country                   US 
_citation.database_id_Medline       ? 
_citation.details                   ? 
_citation.id                        primary 
_citation.journal_abbrev            'J. Med. Chem.' 
_citation.journal_id_ASTM           JMCMAR 
_citation.journal_id_CSD            0151 
_citation.journal_id_ISSN           1520-4804 
_citation.journal_full              ? 
_citation.journal_issue             ? 
_citation.journal_volume            60 
_citation.language                  ? 
_citation.page_first                7820 
_citation.page_last                 7834 
_citation.title                     
'Stilbene Boronic Acids Form a Covalent Bond with Human Transthyretin and Inhibit Its Aggregation.' 
_citation.year                      2017 
_citation.database_id_CSD           ? 
_citation.pdbx_database_id_DOI      10.1021/acs.jmedchem.7b00952 
_citation.pdbx_database_id_PubMed   28920684 
_citation.unpublished_flag          ? 
# 
loop_
_citation_author.citation_id 
_citation_author.name 
_citation_author.ordinal 
_citation_author.identifier_ORCID 
primary 'Smith, T.P.'   1 ? 
primary 'Windsor, I.W.' 2 ? 
primary 'Forest, K.T.'  3 ? 
primary 'Raines, R.T.'  4 ? 
# 
_cell.angle_alpha                  90.000 
_cell.angle_alpha_esd              ? 
_cell.angle_beta                   90.000 
_cell.angle_beta_esd               ? 
_cell.angle_gamma                  90.000 
_cell.angle_gamma_esd              ? 
_cell.entry_id                     5U49 
_cell.details                      ? 
_cell.formula_units_Z              ? 
_cell.length_a                     44.517 
_cell.length_a_esd                 ? 
_cell.length_b                     65.895 
_cell.length_b_esd                 ? 
_cell.length_c                     84.594 
_cell.length_c_esd                 ? 
_cell.volume                       ? 
_cell.volume_esd                   ? 
_cell.Z_PDB                        8 
_cell.reciprocal_angle_alpha       ? 
_cell.reciprocal_angle_beta        ? 
_cell.reciprocal_angle_gamma       ? 
_cell.reciprocal_angle_alpha_esd   ? 
_cell.reciprocal_angle_beta_esd    ? 
_cell.reciprocal_angle_gamma_esd   ? 
_cell.reciprocal_length_a          ? 
_cell.reciprocal_length_b          ? 
_cell.reciprocal_length_c          ? 
_cell.reciprocal_length_a_esd      ? 
_cell.reciprocal_length_b_esd      ? 
_cell.reciprocal_length_c_esd      ? 
_cell.pdbx_unique_axis             ? 
# 
_symmetry.entry_id                         5U49 
_symmetry.cell_setting                     ? 
_symmetry.Int_Tables_number                23 
_symmetry.space_group_name_Hall            ? 
_symmetry.space_group_name_H-M             'I 2 2 2' 
_symmetry.pdbx_full_space_group_name_H-M   ? 
# 
loop_
_entity.id 
_entity.type 
_entity.src_method 
_entity.pdbx_description 
_entity.formula_weight 
_entity.pdbx_number_of_molecules 
_entity.pdbx_ec 
_entity.pdbx_mutation 
_entity.pdbx_fragment 
_entity.details 
1 polymer     man Transthyretin                                                 13908.557 1  ? ? ? ? 
2 non-polymer syn '5-[(E)-2-(2-chloro-4-hydroxyphenyl)ethenyl]benzene-1,3-diol' 262.688   1  ? ? ? ? 
3 water       nat water                                                         18.015    11 ? ? ? ? 
# 
_entity_name_com.entity_id   1 
_entity_name_com.name        ATTR,Prealbumin,TBPA 
# 
_entity_poly.entity_id                      1 
_entity_poly.type                           'polypeptide(L)' 
_entity_poly.nstd_linkage                   no 
_entity_poly.nstd_monomer                   no 
_entity_poly.pdbx_seq_one_letter_code       
;MGPTGTGESKCPLMVKVLDAVRGSPAINVAVHVFRKAADDTWEPFASGKTSESGELHGLTTEEEFVEGIYKVEIDTKSYW
KALGISPFHEHAEVVFTANDSGPRRYTIAALLSPYSYSTTAVVTNPKE
;
_entity_poly.pdbx_seq_one_letter_code_can   
;MGPTGTGESKCPLMVKVLDAVRGSPAINVAVHVFRKAADDTWEPFASGKTSESGELHGLTTEEEFVEGIYKVEIDTKSYW
KALGISPFHEHAEVVFTANDSGPRRYTIAALLSPYSYSTTAVVTNPKE
;
_entity_poly.pdbx_strand_id                 A 
_entity_poly.pdbx_target_identifier         ? 
# 
loop_
_entity_poly_seq.entity_id 
_entity_poly_seq.num 
_entity_poly_seq.mon_id 
_entity_poly_seq.hetero 
1 1   MET n 
1 2   GLY n 
1 3   PRO n 
1 4   THR n 
1 5   GLY n 
1 6   THR n 
1 7   GLY n 
1 8   GLU n 
1 9   SER n 
1 10  LYS n 
1 11  CYS n 
1 12  PRO n 
1 13  LEU n 
1 14  MET n 
1 15  VAL n 
1 16  LYS n 
1 17  VAL n 
1 18  LEU n 
1 19  ASP n 
1 20  ALA n 
1 21  VAL n 
1 22  ARG n 
1 23  GLY n 
1 24  SER n 
1 25  PRO n 
1 26  ALA n 
1 27  ILE n 
1 28  ASN n 
1 29  VAL n 
1 30  ALA n 
1 31  VAL n 
1 32  HIS n 
1 33  VAL n 
1 34  PHE n 
1 35  ARG n 
1 36  LYS n 
1 37  ALA n 
1 38  ALA n 
1 39  ASP n 
1 40  ASP n 
1 41  THR n 
1 42  TRP n 
1 43  GLU n 
1 44  PRO n 
1 45  PHE n 
1 46  ALA n 
1 47  SER n 
1 48  GLY n 
1 49  LYS n 
1 50  THR n 
1 51  SER n 
1 52  GLU n 
1 53  SER n 
1 54  GLY n 
1 55  GLU n 
1 56  LEU n 
1 57  HIS n 
1 58  GLY n 
1 59  LEU n 
1 60  THR n 
1 61  THR n 
1 62  GLU n 
1 63  GLU n 
1 64  GLU n 
1 65  PHE n 
1 66  VAL n 
1 67  GLU n 
1 68  GLY n 
1 69  ILE n 
1 70  TYR n 
1 71  LYS n 
1 72  VAL n 
1 73  GLU n 
1 74  ILE n 
1 75  ASP n 
1 76  THR n 
1 77  LYS n 
1 78  SER n 
1 79  TYR n 
1 80  TRP n 
1 81  LYS n 
1 82  ALA n 
1 83  LEU n 
1 84  GLY n 
1 85  ILE n 
1 86  SER n 
1 87  PRO n 
1 88  PHE n 
1 89  HIS n 
1 90  GLU n 
1 91  HIS n 
1 92  ALA n 
1 93  GLU n 
1 94  VAL n 
1 95  VAL n 
1 96  PHE n 
1 97  THR n 
1 98  ALA n 
1 99  ASN n 
1 100 ASP n 
1 101 SER n 
1 102 GLY n 
1 103 PRO n 
1 104 ARG n 
1 105 ARG n 
1 106 TYR n 
1 107 THR n 
1 108 ILE n 
1 109 ALA n 
1 110 ALA n 
1 111 LEU n 
1 112 LEU n 
1 113 SER n 
1 114 PRO n 
1 115 TYR n 
1 116 SER n 
1 117 TYR n 
1 118 SER n 
1 119 THR n 
1 120 THR n 
1 121 ALA n 
1 122 VAL n 
1 123 VAL n 
1 124 THR n 
1 125 ASN n 
1 126 PRO n 
1 127 LYS n 
1 128 GLU n 
# 
_entity_src_gen.entity_id                          1 
_entity_src_gen.pdbx_src_id                        1 
_entity_src_gen.pdbx_alt_source_flag               sample 
_entity_src_gen.pdbx_seq_type                      'Biological sequence' 
_entity_src_gen.pdbx_beg_seq_num                   1 
_entity_src_gen.pdbx_end_seq_num                   128 
_entity_src_gen.gene_src_common_name               Human 
_entity_src_gen.gene_src_genus                     ? 
_entity_src_gen.pdbx_gene_src_gene                 'TTR, PALB' 
_entity_src_gen.gene_src_species                   ? 
_entity_src_gen.gene_src_strain                    ? 
_entity_src_gen.gene_src_tissue                    ? 
_entity_src_gen.gene_src_tissue_fraction           ? 
_entity_src_gen.gene_src_details                   ? 
_entity_src_gen.pdbx_gene_src_fragment             ? 
_entity_src_gen.pdbx_gene_src_scientific_name      'Homo sapiens' 
_entity_src_gen.pdbx_gene_src_ncbi_taxonomy_id     9606 
_entity_src_gen.pdbx_gene_src_variant              ? 
_entity_src_gen.pdbx_gene_src_cell_line            ? 
_entity_src_gen.pdbx_gene_src_atcc                 ? 
_entity_src_gen.pdbx_gene_src_organ                ? 
_entity_src_gen.pdbx_gene_src_organelle            ? 
_entity_src_gen.pdbx_gene_src_cell                 ? 
_entity_src_gen.pdbx_gene_src_cellular_location    ? 
_entity_src_gen.host_org_common_name               ? 
_entity_src_gen.pdbx_host_org_scientific_name      'Escherichia coli' 
_entity_src_gen.pdbx_host_org_ncbi_taxonomy_id     469008 
_entity_src_gen.host_org_genus                     ? 
_entity_src_gen.pdbx_host_org_gene                 ? 
_entity_src_gen.pdbx_host_org_organ                ? 
_entity_src_gen.host_org_species                   ? 
_entity_src_gen.pdbx_host_org_tissue               ? 
_entity_src_gen.pdbx_host_org_tissue_fraction      ? 
_entity_src_gen.pdbx_host_org_strain               'BL21(DE3)' 
_entity_src_gen.pdbx_host_org_variant              ? 
_entity_src_gen.pdbx_host_org_cell_line            ? 
_entity_src_gen.pdbx_host_org_atcc                 ? 
_entity_src_gen.pdbx_host_org_culture_collection   ? 
_entity_src_gen.pdbx_host_org_cell                 ? 
_entity_src_gen.pdbx_host_org_organelle            ? 
_entity_src_gen.pdbx_host_org_cellular_location    ? 
_entity_src_gen.pdbx_host_org_vector_type          PLASMID 
_entity_src_gen.pdbx_host_org_vector               ? 
_entity_src_gen.host_org_details                   ? 
_entity_src_gen.expression_system_id               ? 
_entity_src_gen.plasmid_name                       pET32b 
_entity_src_gen.plasmid_details                    ? 
_entity_src_gen.pdbx_description                   ? 
# 
_struct_ref.id                         1 
_struct_ref.db_name                    UNP 
_struct_ref.db_code                    TTHY_HUMAN 
_struct_ref.pdbx_db_accession          P02766 
_struct_ref.pdbx_db_isoform            ? 
_struct_ref.entity_id                  1 
_struct_ref.pdbx_seq_one_letter_code   
;GPTGTGESKCPLMVKVLDAVRGSPAINVAVHVFRKAADDTWEPFASGKTSESGELHGLTTEEEFVEGIYKVEIDTKSYWK
ALGISPFHEHAEVVFTANDSGPRRYTIAALLSPYSYSTTAVVTNPKE
;
_struct_ref.pdbx_align_begin           21 
# 
_struct_ref_seq.align_id                      1 
_struct_ref_seq.ref_id                        1 
_struct_ref_seq.pdbx_PDB_id_code              5U49 
_struct_ref_seq.pdbx_strand_id                A 
_struct_ref_seq.seq_align_beg                 2 
_struct_ref_seq.pdbx_seq_align_beg_ins_code   ? 
_struct_ref_seq.seq_align_end                 128 
_struct_ref_seq.pdbx_seq_align_end_ins_code   ? 
_struct_ref_seq.pdbx_db_accession             P02766 
_struct_ref_seq.db_align_beg                  21 
_struct_ref_seq.pdbx_db_align_beg_ins_code    ? 
_struct_ref_seq.db_align_end                  147 
_struct_ref_seq.pdbx_db_align_end_ins_code    ? 
_struct_ref_seq.pdbx_auth_seq_align_beg       1 
_struct_ref_seq.pdbx_auth_seq_align_end       127 
# 
_struct_ref_seq_dif.align_id                     1 
_struct_ref_seq_dif.pdbx_pdb_id_code             5U49 
_struct_ref_seq_dif.mon_id                       MET 
_struct_ref_seq_dif.pdbx_pdb_strand_id           A 
_struct_ref_seq_dif.seq_num                      1 
_struct_ref_seq_dif.pdbx_pdb_ins_code            ? 
_struct_ref_seq_dif.pdbx_seq_db_name             UNP 
_struct_ref_seq_dif.pdbx_seq_db_accession_code   P02766 
_struct_ref_seq_dif.db_mon_id                    ? 
_struct_ref_seq_dif.pdbx_seq_db_seq_num          ? 
_struct_ref_seq_dif.details                      'initiating methionine' 
_struct_ref_seq_dif.pdbx_auth_seq_num            0 
_struct_ref_seq_dif.pdbx_ordinal                 1 
# 
loop_
_chem_comp.id 
_chem_comp.type 
_chem_comp.mon_nstd_flag 
_chem_comp.name 
_chem_comp.pdbx_synonyms 
_chem_comp.formula 
_chem_comp.formula_weight 
ALA 'L-peptide linking' y ALANINE                                                       ? 'C3 H7 N O2'     89.093  
ARG 'L-peptide linking' y ARGININE                                                      ? 'C6 H15 N4 O2 1' 175.209 
ASN 'L-peptide linking' y ASPARAGINE                                                    ? 'C4 H8 N2 O3'    132.118 
ASP 'L-peptide linking' y 'ASPARTIC ACID'                                               ? 'C4 H7 N O4'     133.103 
CYS 'L-peptide linking' y CYSTEINE                                                      ? 'C3 H7 N O2 S'   121.158 
GLU 'L-peptide linking' y 'GLUTAMIC ACID'                                               ? 'C5 H9 N O4'     147.129 
GLY 'peptide linking'   y GLYCINE                                                       ? 'C2 H5 N O2'     75.067  
HIS 'L-peptide linking' y HISTIDINE                                                     ? 'C6 H10 N3 O2 1' 156.162 
HOH non-polymer         . WATER                                                         ? 'H2 O'           18.015  
ILE 'L-peptide linking' y ISOLEUCINE                                                    ? 'C6 H13 N O2'    131.173 
LEU 'L-peptide linking' y LEUCINE                                                       ? 'C6 H13 N O2'    131.173 
LYS 'L-peptide linking' y LYSINE                                                        ? 'C6 H15 N2 O2 1' 147.195 
MET 'L-peptide linking' y METHIONINE                                                    ? 'C5 H11 N O2 S'  149.211 
PHE 'L-peptide linking' y PHENYLALANINE                                                 ? 'C9 H11 N O2'    165.189 
PRO 'L-peptide linking' y PROLINE                                                       ? 'C5 H9 N O2'     115.130 
S2L non-polymer         . '5-[(E)-2-(2-chloro-4-hydroxyphenyl)ethenyl]benzene-1,3-diol' ? 'C14 H11 Cl O3'  262.688 
SER 'L-peptide linking' y SERINE                                                        ? 'C3 H7 N O3'     105.093 
THR 'L-peptide linking' y THREONINE                                                     ? 'C4 H9 N O3'     119.119 
TRP 'L-peptide linking' y TRYPTOPHAN                                                    ? 'C11 H12 N2 O2'  204.225 
TYR 'L-peptide linking' y TYROSINE                                                      ? 'C9 H11 N O3'    181.189 
VAL 'L-peptide linking' y VALINE                                                        ? 'C5 H11 N O2'    117.146 
# 
_exptl.absorpt_coefficient_mu     ? 
_exptl.absorpt_correction_T_max   ? 
_exptl.absorpt_correction_T_min   ? 
_exptl.absorpt_correction_type    ? 
_exptl.absorpt_process_details    ? 
_exptl.entry_id                   5U49 
_exptl.crystals_number            1 
_exptl.details                    ? 
_exptl.method                     'X-RAY DIFFRACTION' 
_exptl.method_details             ? 
# 
_exptl_crystal.colour                      ? 
_exptl_crystal.density_diffrn              ? 
_exptl_crystal.density_Matthews            2.23 
_exptl_crystal.density_method              ? 
_exptl_crystal.density_percent_sol         44.85 
_exptl_crystal.description                 ? 
_exptl_crystal.F_000                       ? 
_exptl_crystal.id                          1 
_exptl_crystal.preparation                 ? 
_exptl_crystal.size_max                    ? 
_exptl_crystal.size_mid                    ? 
_exptl_crystal.size_min                    ? 
_exptl_crystal.size_rad                    ? 
_exptl_crystal.colour_lustre               ? 
_exptl_crystal.colour_modifier             ? 
_exptl_crystal.colour_primary              ? 
_exptl_crystal.density_meas                ? 
_exptl_crystal.density_meas_esd            ? 
_exptl_crystal.density_meas_gt             ? 
_exptl_crystal.density_meas_lt             ? 
_exptl_crystal.density_meas_temp           ? 
_exptl_crystal.density_meas_temp_esd       ? 
_exptl_crystal.density_meas_temp_gt        ? 
_exptl_crystal.density_meas_temp_lt        ? 
_exptl_crystal.pdbx_crystal_image_url      ? 
_exptl_crystal.pdbx_crystal_image_format   ? 
_exptl_crystal.pdbx_mosaicity              ? 
_exptl_crystal.pdbx_mosaicity_esd          ? 
# 
_exptl_crystal_grow.apparatus       ? 
_exptl_crystal_grow.atmosphere      ? 
_exptl_crystal_grow.crystal_id      1 
_exptl_crystal_grow.details         ? 
_exptl_crystal_grow.method          'VAPOR DIFFUSION, HANGING DROP' 
_exptl_crystal_grow.method_ref      ? 
_exptl_crystal_grow.pH              5.5 
_exptl_crystal_grow.pressure        ? 
_exptl_crystal_grow.pressure_esd    ? 
_exptl_crystal_grow.seeding         ? 
_exptl_crystal_grow.seeding_ref     ? 
_exptl_crystal_grow.temp            298 
_exptl_crystal_grow.temp_details    ? 
_exptl_crystal_grow.temp_esd        ? 
_exptl_crystal_grow.time            ? 
_exptl_crystal_grow.pdbx_details    '1.3 M Sodium Citrate, 3.0% Glycerol' 
_exptl_crystal_grow.pdbx_pH_range   ? 
# 
_diffrn.ambient_environment    ? 
_diffrn.ambient_temp           100 
_diffrn.ambient_temp_details   ? 
_diffrn.ambient_temp_esd       ? 
_diffrn.crystal_id             1 
_diffrn.crystal_support        ? 
_diffrn.crystal_treatment      ? 
_diffrn.details                ? 
_diffrn.id                     1 
_diffrn.ambient_pressure       ? 
_diffrn.ambient_pressure_esd   ? 
_diffrn.ambient_pressure_gt    ? 
_diffrn.ambient_pressure_lt    ? 
_diffrn.ambient_temp_gt        ? 
_diffrn.ambient_temp_lt        ? 
# 
_diffrn_detector.details                      ? 
_diffrn_detector.detector                     PIXEL 
_diffrn_detector.diffrn_id                    1 
_diffrn_detector.type                         'DECTRIS EIGER X 9M' 
_diffrn_detector.area_resol_mean              ? 
_diffrn_detector.dtime                        ? 
_diffrn_detector.pdbx_frames_total            ? 
_diffrn_detector.pdbx_collection_time_total   ? 
_diffrn_detector.pdbx_collection_date         2016-04-13 
# 
_diffrn_radiation.collimation                      ? 
_diffrn_radiation.diffrn_id                        1 
_diffrn_radiation.filter_edge                      ? 
_diffrn_radiation.inhomogeneity                    ? 
_diffrn_radiation.monochromator                    ? 
_diffrn_radiation.polarisn_norm                    ? 
_diffrn_radiation.polarisn_ratio                   ? 
_diffrn_radiation.probe                            ? 
_diffrn_radiation.type                             ? 
_diffrn_radiation.xray_symbol                      ? 
_diffrn_radiation.wavelength_id                    1 
_diffrn_radiation.pdbx_monochromatic_or_laue_m_l   M 
_diffrn_radiation.pdbx_wavelength_list             ? 
_diffrn_radiation.pdbx_wavelength                  ? 
_diffrn_radiation.pdbx_diffrn_protocol             'SINGLE WAVELENGTH' 
_diffrn_radiation.pdbx_analyzer                    ? 
_diffrn_radiation.pdbx_scattering_type             x-ray 
# 
_diffrn_radiation_wavelength.id           1 
_diffrn_radiation_wavelength.wavelength   1.239801 
_diffrn_radiation_wavelength.wt           1.0 
# 
_diffrn_source.current                     ? 
_diffrn_source.details                     ? 
_diffrn_source.diffrn_id                   1 
_diffrn_source.power                       ? 
_diffrn_source.size                        ? 
_diffrn_source.source                      SYNCHROTRON 
_diffrn_source.target                      ? 
_diffrn_source.type                        'APS BEAMLINE 21-ID-D' 
_diffrn_source.voltage                     ? 
_diffrn_source.take-off_angle              ? 
_diffrn_source.pdbx_wavelength_list        1.239801 
_diffrn_source.pdbx_wavelength             ? 
_diffrn_source.pdbx_synchrotron_beamline   21-ID-D 
_diffrn_source.pdbx_synchrotron_site       APS 
# 
_reflns.B_iso_Wilson_estimate            38.3 
_reflns.entry_id                         5U49 
_reflns.data_reduction_details           ? 
_reflns.data_reduction_method            ? 
_reflns.d_resolution_high                2.22 
_reflns.d_resolution_low                 33.0 
_reflns.details                          ? 
_reflns.limit_h_max                      ? 
_reflns.limit_h_min                      ? 
_reflns.limit_k_max                      ? 
_reflns.limit_k_min                      ? 
_reflns.limit_l_max                      ? 
_reflns.limit_l_min                      ? 
_reflns.number_all                       ? 
_reflns.number_obs                       5956 
_reflns.observed_criterion               ? 
_reflns.observed_criterion_F_max         ? 
_reflns.observed_criterion_F_min         ? 
_reflns.observed_criterion_I_max         ? 
_reflns.observed_criterion_I_min         ? 
_reflns.observed_criterion_sigma_F       ? 
_reflns.observed_criterion_sigma_I       ? 
_reflns.percent_possible_obs             98.7 
_reflns.R_free_details                   ? 
_reflns.Rmerge_F_all                     ? 
_reflns.Rmerge_F_obs                     ? 
_reflns.Friedel_coverage                 ? 
_reflns.number_gt                        ? 
_reflns.threshold_expression             ? 
_reflns.pdbx_redundancy                  6.6 
_reflns.pdbx_Rmerge_I_obs                0.364 
_reflns.pdbx_Rmerge_I_all                ? 
_reflns.pdbx_Rsym_value                  ? 
_reflns.pdbx_netI_over_av_sigmaI         ? 
_reflns.pdbx_netI_over_sigmaI            19.2 
_reflns.pdbx_res_netI_over_av_sigmaI_2   ? 
_reflns.pdbx_res_netI_over_sigmaI_2      ? 
_reflns.pdbx_chi_squared                 ? 
_reflns.pdbx_scaling_rejects             ? 
_reflns.pdbx_d_res_high_opt              ? 
_reflns.pdbx_d_res_low_opt               ? 
_reflns.pdbx_d_res_opt_method            ? 
_reflns.phase_calculation_details        ? 
_reflns.pdbx_Rrim_I_all                  ? 
_reflns.pdbx_Rpim_I_all                  ? 
_reflns.pdbx_d_opt                       ? 
_reflns.pdbx_number_measured_all         ? 
_reflns.pdbx_diffrn_id                   1 
_reflns.pdbx_ordinal                     1 
_reflns.pdbx_CC_half                     ? 
_reflns.pdbx_R_split                     ? 
# 
loop_
_reflns_shell.d_res_high 
_reflns_shell.d_res_low 
_reflns_shell.meanI_over_sigI_all 
_reflns_shell.meanI_over_sigI_obs 
_reflns_shell.number_measured_all 
_reflns_shell.number_measured_obs 
_reflns_shell.number_possible 
_reflns_shell.number_unique_all 
_reflns_shell.number_unique_obs 
_reflns_shell.percent_possible_all 
_reflns_shell.percent_possible_obs 
_reflns_shell.Rmerge_F_all 
_reflns_shell.Rmerge_F_obs 
_reflns_shell.Rmerge_I_all 
_reflns_shell.Rmerge_I_obs 
_reflns_shell.meanI_over_sigI_gt 
_reflns_shell.meanI_over_uI_all 
_reflns_shell.meanI_over_uI_gt 
_reflns_shell.number_measured_gt 
_reflns_shell.number_unique_gt 
_reflns_shell.percent_possible_gt 
_reflns_shell.Rmerge_F_gt 
_reflns_shell.Rmerge_I_gt 
_reflns_shell.pdbx_redundancy 
_reflns_shell.pdbx_Rsym_value 
_reflns_shell.pdbx_chi_squared 
_reflns_shell.pdbx_netI_over_sigmaI_all 
_reflns_shell.pdbx_netI_over_sigmaI_obs 
_reflns_shell.pdbx_Rrim_I_all 
_reflns_shell.pdbx_Rpim_I_all 
_reflns_shell.pdbx_rejects 
_reflns_shell.pdbx_ordinal 
_reflns_shell.pdbx_diffrn_id 
_reflns_shell.pdbx_CC_half 
_reflns_shell.pdbx_R_split 
2.220 2.290  ? ? ? ? ? ? 300 98.000  ? ? ? ? 1.537 ? ? ? ? ? ? ? ? 4.400 ? ? ? ? ? ? ? 1  1 0.101 ? 
2.290 2.330  ? ? ? ? ? ? ?   99.300  ? ? ? ? 2.727 ? ? ? ? ? ? ? ? 4.700 ? ? ? ? ? ? ? 2  1 0.062 ? 
2.330 2.380  ? ? ? ? ? ? ?   99.700  ? ? ? ? 2.887 ? ? ? ? ? ? ? ? 5.500 ? ? ? ? ? ? ? 3  1 0.261 ? 
2.380 2.420  ? ? ? ? ? ? ?   100.000 ? ? ? ? 5.942 ? ? ? ? ? ? ? ? 6.100 ? ? ? ? ? ? ? 4  1 0.212 ? 
2.420 2.480  ? ? ? ? ? ? ?   99.700  ? ? ? ? 4.559 ? ? ? ? ? ? ? ? 6.600 ? ? ? ? ? ? ? 5  1 0.320 ? 
2.480 2.530  ? ? ? ? ? ? ?   100.000 ? ? ? ? 3.643 ? ? ? ? ? ? ? ? 6.800 ? ? ? ? ? ? ? 6  1 0.392 ? 
2.530 2.600  ? ? ? ? ? ? ?   99.700  ? ? ? ? 2.517 ? ? ? ? ? ? ? ? 7.000 ? ? ? ? ? ? ? 7  1 0.369 ? 
2.600 2.670  ? ? ? ? ? ? ?   100.000 ? ? ? ? 1.579 ? ? ? ? ? ? ? ? 6.800 ? ? ? ? ? ? ? 8  1 0.624 ? 
2.670 2.750  ? ? ? ? ? ? ?   99.300  ? ? ? ? 1.232 ? ? ? ? ? ? ? ? 6.800 ? ? ? ? ? ? ? 9  1 0.262 ? 
2.750 2.830  ? ? ? ? ? ? ?   99.700  ? ? ? ? 0.877 ? ? ? ? ? ? ? ? 6.600 ? ? ? ? ? ? ? 10 1 0.756 ? 
2.830 2.940  ? ? ? ? ? ? ?   100.000 ? ? ? ? 0.655 ? ? ? ? ? ? ? ? 6.300 ? ? ? ? ? ? ? 11 1 0.798 ? 
2.940 3.050  ? ? ? ? ? ? ?   99.000  ? ? ? ? 0.509 ? ? ? ? ? ? ? ? 5.800 ? ? ? ? ? ? ? 12 1 0.847 ? 
3.050 3.190  ? ? ? ? ? ? ?   85.500  ? ? ? ? 0.378 ? ? ? ? ? ? ? ? 5.600 ? ? ? ? ? ? ? 13 1 0.909 ? 
3.190 3.360  ? ? ? ? ? ? ?   95.100  ? ? ? ? 0.270 ? ? ? ? ? ? ? ? 6.500 ? ? ? ? ? ? ? 14 1 0.960 ? 
3.360 3.570  ? ? ? ? ? ? ?   99.700  ? ? ? ? 0.261 ? ? ? ? ? ? ? ? 7.900 ? ? ? ? ? ? ? 15 1 0.973 ? 
3.570 3.850  ? ? ? ? ? ? ?   100.000 ? ? ? ? 0.199 ? ? ? ? ? ? ? ? 7.900 ? ? ? ? ? ? ? 16 1 0.971 ? 
3.850 4.230  ? ? ? ? ? ? ?   100.000 ? ? ? ? 0.174 ? ? ? ? ? ? ? ? 7.800 ? ? ? ? ? ? ? 17 1 0.981 ? 
4.230 4.850  ? ? ? ? ? ? ?   100.000 ? ? ? ? 0.146 ? ? ? ? ? ? ? ? 7.600 ? ? ? ? ? ? ? 18 1 0.982 ? 
4.850 6.100  ? ? ? ? ? ? ?   99.700  ? ? ? ? 0.140 ? ? ? ? ? ? ? ? 7.600 ? ? ? ? ? ? ? 19 1 0.985 ? 
6.100 50.000 ? ? ? ? ? ? ?   98.800  ? ? ? ? 0.107 ? ? ? ? ? ? ? ? 6.900 ? ? ? ? ? ? ? 20 1 0.978 ? 
# 
_refine.aniso_B[1][1]                            ? 
_refine.aniso_B[1][2]                            ? 
_refine.aniso_B[1][3]                            ? 
_refine.aniso_B[2][2]                            ? 
_refine.aniso_B[2][3]                            ? 
_refine.aniso_B[3][3]                            ? 
_refine.B_iso_max                                82.560 
_refine.B_iso_mean                               41.2 
_refine.B_iso_min                                22.910 
_refine.correlation_coeff_Fo_to_Fc               ? 
_refine.correlation_coeff_Fo_to_Fc_free          ? 
_refine.details                                  ? 
_refine.diff_density_max                         ? 
_refine.diff_density_max_esd                     ? 
_refine.diff_density_min                         ? 
_refine.diff_density_min_esd                     ? 
_refine.diff_density_rms                         ? 
_refine.diff_density_rms_esd                     ? 
_refine.entry_id                                 5U49 
_refine.pdbx_refine_id                           'X-RAY DIFFRACTION' 
_refine.ls_abs_structure_details                 ? 
_refine.ls_abs_structure_Flack                   ? 
_refine.ls_abs_structure_Flack_esd               ? 
_refine.ls_abs_structure_Rogers                  ? 
_refine.ls_abs_structure_Rogers_esd              ? 
_refine.ls_d_res_high                            2.22 
_refine.ls_d_res_low                             33.0 
_refine.ls_extinction_coef                       ? 
_refine.ls_extinction_coef_esd                   ? 
_refine.ls_extinction_expression                 ? 
_refine.ls_extinction_method                     ? 
_refine.ls_goodness_of_fit_all                   ? 
_refine.ls_goodness_of_fit_all_esd               ? 
_refine.ls_goodness_of_fit_obs                   ? 
_refine.ls_goodness_of_fit_obs_esd               ? 
_refine.ls_hydrogen_treatment                    ? 
_refine.ls_matrix_type                           ? 
_refine.ls_number_constraints                    ? 
_refine.ls_number_parameters                     ? 
_refine.ls_number_reflns_all                     ? 
_refine.ls_number_reflns_obs                     5919 
_refine.ls_number_reflns_R_free                  621 
_refine.ls_number_reflns_R_work                  ? 
_refine.ls_number_restraints                     ? 
_refine.ls_percent_reflns_obs                    96.85 
_refine.ls_percent_reflns_R_free                 9.99 
_refine.ls_R_factor_all                          ? 
_refine.ls_R_factor_obs                          0.209 
_refine.ls_R_factor_R_free                       0.275 
_refine.ls_R_factor_R_free_error                 ? 
_refine.ls_R_factor_R_free_error_details         ? 
_refine.ls_R_factor_R_work                       0.202 
_refine.ls_R_Fsqd_factor_obs                     ? 
_refine.ls_R_I_factor_obs                        ? 
_refine.ls_redundancy_reflns_all                 ? 
_refine.ls_redundancy_reflns_obs                 ? 
_refine.ls_restrained_S_all                      ? 
_refine.ls_restrained_S_obs                      ? 
_refine.ls_shift_over_esd_max                    ? 
_refine.ls_shift_over_esd_mean                   ? 
_refine.ls_structure_factor_coef                 ? 
_refine.ls_weighting_details                     ? 
_refine.ls_weighting_scheme                      ? 
_refine.ls_wR_factor_all                         ? 
_refine.ls_wR_factor_obs                         ? 
_refine.ls_wR_factor_R_free                      ? 
_refine.ls_wR_factor_R_work                      ? 
_refine.occupancy_max                            ? 
_refine.occupancy_min                            ? 
_refine.solvent_model_details                    ? 
_refine.solvent_model_param_bsol                 ? 
_refine.solvent_model_param_ksol                 ? 
_refine.ls_R_factor_gt                           ? 
_refine.ls_goodness_of_fit_gt                    ? 
_refine.ls_goodness_of_fit_ref                   ? 
_refine.ls_shift_over_su_max                     ? 
_refine.ls_shift_over_su_max_lt                  ? 
_refine.ls_shift_over_su_mean                    ? 
_refine.ls_shift_over_su_mean_lt                 ? 
_refine.pdbx_ls_sigma_I                          ? 
_refine.pdbx_ls_sigma_F                          1.36 
_refine.pdbx_ls_sigma_Fsqd                       ? 
_refine.pdbx_data_cutoff_high_absF               ? 
_refine.pdbx_data_cutoff_high_rms_absF           ? 
_refine.pdbx_data_cutoff_low_absF                ? 
_refine.pdbx_isotropic_thermal_model             ? 
_refine.pdbx_ls_cross_valid_method               'FREE R-VALUE' 
_refine.pdbx_method_to_determine_struct          ? 
_refine.pdbx_starting_model                      'pdbid 2QGB' 
_refine.pdbx_stereochemistry_target_values       ? 
_refine.pdbx_R_Free_selection_details            'Random 10%' 
_refine.pdbx_stereochem_target_val_spec_case     ? 
_refine.pdbx_overall_ESU_R                       ? 
_refine.pdbx_overall_ESU_R_Free                  ? 
_refine.pdbx_solvent_vdw_probe_radii             1.11 
_refine.pdbx_solvent_ion_probe_radii             ? 
_refine.pdbx_solvent_shrinkage_radii             0.9 
_refine.pdbx_real_space_R                        ? 
_refine.pdbx_density_correlation                 ? 
_refine.pdbx_pd_number_of_powder_patterns        ? 
_refine.pdbx_pd_number_of_points                 ? 
_refine.pdbx_pd_meas_number_of_points            ? 
_refine.pdbx_pd_proc_ls_prof_R_factor            ? 
_refine.pdbx_pd_proc_ls_prof_wR_factor           ? 
_refine.pdbx_pd_Marquardt_correlation_coeff      ? 
_refine.pdbx_pd_Fsqrd_R_factor                   ? 
_refine.pdbx_pd_ls_matrix_band_width             ? 
_refine.pdbx_overall_phase_error                 31.62 
_refine.pdbx_overall_SU_R_free_Cruickshank_DPI   ? 
_refine.pdbx_overall_SU_R_free_Blow_DPI          ? 
_refine.pdbx_overall_SU_R_Blow_DPI               ? 
_refine.pdbx_TLS_residual_ADP_flag               ? 
_refine.pdbx_diffrn_id                           1 
_refine.overall_SU_B                             ? 
_refine.overall_SU_ML                            0.31 
_refine.overall_SU_R_Cruickshank_DPI             ? 
_refine.overall_SU_R_free                        ? 
_refine.overall_FOM_free_R_set                   ? 
_refine.overall_FOM_work_R_set                   ? 
_refine.pdbx_average_fsc_overall                 ? 
_refine.pdbx_average_fsc_work                    ? 
_refine.pdbx_average_fsc_free                    ? 
# 
_refine_hist.cycle_id                         final 
_refine_hist.pdbx_refine_id                   'X-RAY DIFFRACTION' 
_refine_hist.d_res_high                       2.22 
_refine_hist.d_res_low                        33.0 
_refine_hist.pdbx_number_atoms_ligand         18 
_refine_hist.number_atoms_solvent             11 
_refine_hist.number_atoms_total               925 
_refine_hist.pdbx_number_residues_total       116 
_refine_hist.pdbx_B_iso_mean_ligand           39.54 
_refine_hist.pdbx_B_iso_mean_solvent          38.51 
_refine_hist.pdbx_number_atoms_protein        896 
_refine_hist.pdbx_number_atoms_nucleic_acid   0 
# 
loop_
_refine_ls_restr.pdbx_refine_id 
_refine_ls_restr.criterion 
_refine_ls_restr.dev_ideal 
_refine_ls_restr.dev_ideal_target 
_refine_ls_restr.number 
_refine_ls_restr.rejects 
_refine_ls_restr.type 
_refine_ls_restr.weight 
_refine_ls_restr.pdbx_restraint_function 
'X-RAY DIFFRACTION' ? 0.008  ? 939  ? f_bond_d           ? ? 
'X-RAY DIFFRACTION' ? 1.044  ? 1282 ? f_angle_d          ? ? 
'X-RAY DIFFRACTION' ? 0.039  ? 143  ? f_chiral_restr     ? ? 
'X-RAY DIFFRACTION' ? 0.004  ? 163  ? f_plane_restr      ? ? 
'X-RAY DIFFRACTION' ? 15.037 ? 325  ? f_dihedral_angle_d ? ? 
# 
loop_
_refine_ls_shell.pdbx_refine_id 
_refine_ls_shell.d_res_high 
_refine_ls_shell.d_res_low 
_refine_ls_shell.number_reflns_all 
_refine_ls_shell.number_reflns_obs 
_refine_ls_shell.number_reflns_R_free 
_refine_ls_shell.number_reflns_R_work 
_refine_ls_shell.percent_reflns_obs 
_refine_ls_shell.percent_reflns_R_free 
_refine_ls_shell.R_factor_all 
_refine_ls_shell.R_factor_obs 
_refine_ls_shell.R_factor_R_free 
_refine_ls_shell.R_factor_R_free_error 
_refine_ls_shell.R_factor_R_work 
_refine_ls_shell.redundancy_reflns_all 
_refine_ls_shell.redundancy_reflns_obs 
_refine_ls_shell.wR_factor_all 
_refine_ls_shell.wR_factor_obs 
_refine_ls_shell.wR_factor_R_free 
_refine_ls_shell.wR_factor_R_work 
_refine_ls_shell.pdbx_total_number_of_bins_used 
_refine_ls_shell.pdbx_phase_error 
_refine_ls_shell.pdbx_fsc_work 
_refine_ls_shell.pdbx_fsc_free 
'X-RAY DIFFRACTION' 2.2211 2.4446  1457 . 146 1311 93.0000  . . . 0.3184 0.0000 0.2488 . . . . . . 4 . . . 
'X-RAY DIFFRACTION' 2.4446 2.7982  1562 . 156 1406 99.0000  . . . 0.3128 0.0000 0.2381 . . . . . . 4 . . . 
'X-RAY DIFFRACTION' 2.7982 3.5248  1518 . 150 1368 95.0000  . . . 0.2739 0.0000 0.2097 . . . . . . 4 . . . 
'X-RAY DIFFRACTION' 3.5248 32.9511 1682 . 169 1513 100.0000 . . . 0.2573 0.0000 0.1811 . . . . . . 4 . . . 
# 
_struct.entry_id                     5U49 
_struct.title                        
'Wild-type Transthyretin in complex with 5-[(1E)-2-(2-Chloro-4-hydroxyphenyl)ethenyl]-1,3-benzenediol' 
_struct.pdbx_model_details           ? 
_struct.pdbx_formula_weight          ? 
_struct.pdbx_formula_weight_method   ? 
_struct.pdbx_model_type_details      ? 
_struct.pdbx_CASP_flag               N 
# 
_struct_keywords.entry_id        5U49 
_struct_keywords.text            'Boronic acids, Medicinal chemistry, stilbene, covalent ligand, TRANSPORT PROTEIN' 
_struct_keywords.pdbx_keywords   'TRANSPORT PROTEIN' 
# 
loop_
_struct_asym.id 
_struct_asym.pdbx_blank_PDB_chainid_flag 
_struct_asym.pdbx_modified 
_struct_asym.entity_id 
_struct_asym.details 
A N N 1 ? 
B N N 2 ? 
C N N 3 ? 
# 
_struct_conf.conf_type_id            HELX_P 
_struct_conf.id                      HELX_P1 
_struct_conf.pdbx_PDB_helix_id       AA1 
_struct_conf.beg_label_comp_id       ASP 
_struct_conf.beg_label_asym_id       A 
_struct_conf.beg_label_seq_id        75 
_struct_conf.pdbx_beg_PDB_ins_code   ? 
_struct_conf.end_label_comp_id       ALA 
_struct_conf.end_label_asym_id       A 
_struct_conf.end_label_seq_id        82 
_struct_conf.pdbx_end_PDB_ins_code   ? 
_struct_conf.beg_auth_comp_id        ASP 
_struct_conf.beg_auth_asym_id        A 
_struct_conf.beg_auth_seq_id         74 
_struct_conf.end_auth_comp_id        ALA 
_struct_conf.end_auth_asym_id        A 
_struct_conf.end_auth_seq_id         81 
_struct_conf.pdbx_PDB_helix_class    1 
_struct_conf.details                 ? 
_struct_conf.pdbx_PDB_helix_length   8 
# 
_struct_conf_type.id          HELX_P 
_struct_conf_type.criteria    ? 
_struct_conf_type.reference   ? 
# 
loop_
_struct_sheet.id 
_struct_sheet.type 
_struct_sheet.number_strands 
_struct_sheet.details 
AA1 ? 3 ? 
AA2 ? 4 ? 
AA3 ? 4 ? 
# 
loop_
_struct_sheet_order.sheet_id 
_struct_sheet_order.range_id_1 
_struct_sheet_order.range_id_2 
_struct_sheet_order.offset 
_struct_sheet_order.sense 
AA1 1 2 ? anti-parallel 
AA1 2 3 ? anti-parallel 
AA2 1 2 ? anti-parallel 
AA2 2 3 ? parallel      
AA2 3 4 ? anti-parallel 
AA3 1 2 ? anti-parallel 
AA3 2 3 ? anti-parallel 
AA3 3 4 ? anti-parallel 
# 
loop_
_struct_sheet_range.sheet_id 
_struct_sheet_range.id 
_struct_sheet_range.beg_label_comp_id 
_struct_sheet_range.beg_label_asym_id 
_struct_sheet_range.beg_label_seq_id 
_struct_sheet_range.pdbx_beg_PDB_ins_code 
_struct_sheet_range.end_label_comp_id 
_struct_sheet_range.end_label_asym_id 
_struct_sheet_range.end_label_seq_id 
_struct_sheet_range.pdbx_end_PDB_ins_code 
_struct_sheet_range.beg_auth_comp_id 
_struct_sheet_range.beg_auth_asym_id 
_struct_sheet_range.beg_auth_seq_id 
_struct_sheet_range.end_auth_comp_id 
_struct_sheet_range.end_auth_asym_id 
_struct_sheet_range.end_auth_seq_id 
AA1 1 SER A 24  ? PRO A 25  ? SER A 23  PRO A 24  
AA1 2 LEU A 13  ? ASP A 19  ? LEU A 12  ASP A 18  
AA1 3 GLU A 55  ? LEU A 56  ? GLU A 54  LEU A 55  
AA2 1 SER A 24  ? PRO A 25  ? SER A 23  PRO A 24  
AA2 2 LEU A 13  ? ASP A 19  ? LEU A 12  ASP A 18  
AA2 3 ARG A 105 ? SER A 113 ? ARG A 104 SER A 112 
AA2 4 SER A 116 ? THR A 124 ? SER A 115 THR A 123 
AA3 1 TRP A 42  ? LYS A 49  ? TRP A 41  LYS A 48  
AA3 2 ALA A 30  ? LYS A 36  ? ALA A 29  LYS A 35  
AA3 3 GLY A 68  ? ILE A 74  ? GLY A 67  ILE A 73  
AA3 4 ALA A 92  ? ALA A 98  ? ALA A 91  ALA A 97  
# 
loop_
_pdbx_struct_sheet_hbond.sheet_id 
_pdbx_struct_sheet_hbond.range_id_1 
_pdbx_struct_sheet_hbond.range_id_2 
_pdbx_struct_sheet_hbond.range_1_label_atom_id 
_pdbx_struct_sheet_hbond.range_1_label_comp_id 
_pdbx_struct_sheet_hbond.range_1_label_asym_id 
_pdbx_struct_sheet_hbond.range_1_label_seq_id 
_pdbx_struct_sheet_hbond.range_1_PDB_ins_code 
_pdbx_struct_sheet_hbond.range_1_auth_atom_id 
_pdbx_struct_sheet_hbond.range_1_auth_comp_id 
_pdbx_struct_sheet_hbond.range_1_auth_asym_id 
_pdbx_struct_sheet_hbond.range_1_auth_seq_id 
_pdbx_struct_sheet_hbond.range_2_label_atom_id 
_pdbx_struct_sheet_hbond.range_2_label_comp_id 
_pdbx_struct_sheet_hbond.range_2_label_asym_id 
_pdbx_struct_sheet_hbond.range_2_label_seq_id 
_pdbx_struct_sheet_hbond.range_2_PDB_ins_code 
_pdbx_struct_sheet_hbond.range_2_auth_atom_id 
_pdbx_struct_sheet_hbond.range_2_auth_comp_id 
_pdbx_struct_sheet_hbond.range_2_auth_asym_id 
_pdbx_struct_sheet_hbond.range_2_auth_seq_id 
AA1 1 2 O SER A 24  ? O SER A 23  N ASP A 19  ? N ASP A 18  
AA1 2 3 N VAL A 15  ? N VAL A 14  O LEU A 56  ? O LEU A 55  
AA2 1 2 O SER A 24  ? O SER A 23  N ASP A 19  ? N ASP A 18  
AA2 2 3 N LEU A 18  ? N LEU A 17  O ALA A 110 ? O ALA A 109 
AA2 3 4 N SER A 113 ? N SER A 112 O SER A 116 ? O SER A 115 
AA3 1 2 O ALA A 46  ? O ALA A 45  N VAL A 33  ? N VAL A 32  
AA3 2 3 N HIS A 32  ? N HIS A 31  O GLU A 73  ? O GLU A 72  
AA3 3 4 N ILE A 74  ? N ILE A 73  O ALA A 92  ? O ALA A 91  
# 
_struct_site.id                   AC1 
_struct_site.pdbx_evidence_code   Software 
_struct_site.pdbx_auth_asym_id    A 
_struct_site.pdbx_auth_comp_id    S2L 
_struct_site.pdbx_auth_seq_id     200 
_struct_site.pdbx_auth_ins_code   ? 
_struct_site.pdbx_num_residues    3 
_struct_site.details              'binding site for residue S2L A 200' 
# 
loop_
_struct_site_gen.id 
_struct_site_gen.site_id 
_struct_site_gen.pdbx_num_res 
_struct_site_gen.label_comp_id 
_struct_site_gen.label_asym_id 
_struct_site_gen.label_seq_id 
_struct_site_gen.pdbx_auth_ins_code 
_struct_site_gen.auth_comp_id 
_struct_site_gen.auth_asym_id 
_struct_site_gen.auth_seq_id 
_struct_site_gen.label_atom_id 
_struct_site_gen.label_alt_id 
_struct_site_gen.symmetry 
_struct_site_gen.details 
1 AC1 3 ALA A 109 ? ALA A 108 . ? 3_756 ? 
2 AC1 3 SER A 118 ? SER A 117 . ? 3_756 ? 
3 AC1 3 SER A 118 ? SER A 117 . ? 1_555 ? 
# 
_atom_sites.entry_id                    5U49 
_atom_sites.fract_transf_matrix[1][1]   0.01335222 
_atom_sites.fract_transf_matrix[1][2]   0.01801810 
_atom_sites.fract_transf_matrix[1][3]   0.00128559 
_atom_sites.fract_transf_matrix[2][1]   -0.00975937 
_atom_sites.fract_transf_matrix[2][2]   0.00654701 
_atom_sites.fract_transf_matrix[2][3]   0.00960220 
_atom_sites.fract_transf_matrix[3][1]   0.00570755 
_atom_sites.fract_transf_matrix[3][2]   -0.00488090 
_atom_sites.fract_transf_matrix[3][3]   0.00912889 
_atom_sites.fract_transf_vector[1]      1.022639 
_atom_sites.fract_transf_vector[2]      1.158536 
_atom_sites.fract_transf_vector[3]      0.350325 
# 
loop_
_atom_type.symbol 
C  
CL 
N  
O  
S  
# 
loop_
_atom_site.group_PDB 
_atom_site.id 
_atom_site.type_symbol 
_atom_site.label_atom_id 
_atom_site.label_alt_id 
_atom_site.label_comp_id 
_atom_site.label_asym_id 
_atom_site.label_entity_id 
_atom_site.label_seq_id 
_atom_site.pdbx_PDB_ins_code 
_atom_site.Cartn_x 
_atom_site.Cartn_y 
_atom_site.Cartn_z 
_atom_site.occupancy 
_atom_site.B_iso_or_equiv 
_atom_site.pdbx_formal_charge 
_atom_site.auth_seq_id 
_atom_site.auth_comp_id 
_atom_site.auth_asym_id 
_atom_site.auth_atom_id 
_atom_site.pdbx_PDB_model_num 
ATOM   1   N  N   . CYS A 1 11  ? -10.887 -1.537  10.323  1.00 65.02 ? 10  CYS A N   1 
ATOM   2   C  CA  . CYS A 1 11  ? -10.459 -0.886  9.082   1.00 60.89 ? 10  CYS A CA  1 
ATOM   3   C  C   . CYS A 1 11  ? -10.341 -1.926  7.978   1.00 53.63 ? 10  CYS A C   1 
ATOM   4   O  O   . CYS A 1 11  ? -9.539  -2.850  8.087   1.00 54.74 ? 10  CYS A O   1 
ATOM   5   C  CB  . CYS A 1 11  ? -9.120  -0.161  9.272   1.00 59.69 ? 10  CYS A CB  1 
ATOM   6   S  SG  . CYS A 1 11  ? -9.053  1.530   8.612   1.00 67.15 ? 10  CYS A SG  1 
ATOM   7   N  N   . PRO A 1 12  ? -11.133 -1.776  6.903   1.00 49.85 ? 11  PRO A N   1 
ATOM   8   C  CA  . PRO A 1 12  ? -11.142 -2.782  5.836   1.00 48.30 ? 11  PRO A CA  1 
ATOM   9   C  C   . PRO A 1 12  ? -9.790  -2.880  5.132   1.00 44.85 ? 11  PRO A C   1 
ATOM   10  O  O   . PRO A 1 12  ? -9.372  -3.975  4.750   1.00 39.07 ? 11  PRO A O   1 
ATOM   11  C  CB  . PRO A 1 12  ? -12.228 -2.272  4.883   1.00 42.93 ? 11  PRO A CB  1 
ATOM   12  C  CG  . PRO A 1 12  ? -12.240 -0.800  5.115   1.00 49.75 ? 11  PRO A CG  1 
ATOM   13  C  CD  . PRO A 1 12  ? -11.982 -0.619  6.578   1.00 46.61 ? 11  PRO A CD  1 
ATOM   14  N  N   . LEU A 1 13  ? -9.112  -1.748  4.973   1.00 42.96 ? 12  LEU A N   1 
ATOM   15  C  CA  . LEU A 1 13  ? -7.831  -1.733  4.281   1.00 37.95 ? 12  LEU A CA  1 
ATOM   16  C  C   . LEU A 1 13  ? -6.862  -0.711  4.853   1.00 38.65 ? 12  LEU A C   1 
ATOM   17  O  O   . LEU A 1 13  ? -7.190  0.453   5.074   1.00 38.88 ? 12  LEU A O   1 
ATOM   18  C  CB  . LEU A 1 13  ? -8.033  -1.466  2.798   1.00 40.00 ? 12  LEU A CB  1 
ATOM   19  C  CG  . LEU A 1 13  ? -6.751  -1.420  1.971   1.00 35.50 ? 12  LEU A CG  1 
ATOM   20  C  CD1 . LEU A 1 13  ? -6.256  -2.816  1.639   1.00 36.44 ? 12  LEU A CD1 1 
ATOM   21  C  CD2 . LEU A 1 13  ? -7.017  -0.645  0.712   1.00 45.10 ? 12  LEU A CD2 1 
ATOM   22  N  N   . MET A 1 14  ? -5.643  -1.166  5.085   1.00 44.75 ? 13  MET A N   1 
ATOM   23  C  CA  . MET A 1 14  ? -4.643  -0.341  5.725   1.00 37.96 ? 13  MET A CA  1 
ATOM   24  C  C   . MET A 1 14  ? -3.272  -0.692  5.165   1.00 39.61 ? 13  MET A C   1 
ATOM   25  O  O   . MET A 1 14  ? -3.023  -1.832  4.767   1.00 36.47 ? 13  MET A O   1 
ATOM   26  C  CB  . MET A 1 14  ? -4.700  -0.539  7.239   1.00 41.53 ? 13  MET A CB  1 
ATOM   27  C  CG  . MET A 1 14  ? -3.546  0.096   7.987   1.00 53.67 ? 13  MET A CG  1 
ATOM   28  S  SD  . MET A 1 14  ? -2.807  -1.070  9.147   1.00 74.22 ? 13  MET A SD  1 
ATOM   29  C  CE  . MET A 1 14  ? -4.260  -1.496  10.121  1.00 64.62 ? 13  MET A CE  1 
ATOM   30  N  N   . VAL A 1 15  ? -2.391  0.298   5.124   1.00 38.17 ? 14  VAL A N   1 
ATOM   31  C  CA  . VAL A 1 15  ? -1.063  0.122   4.552   1.00 36.49 ? 14  VAL A CA  1 
ATOM   32  C  C   . VAL A 1 15  ? 0.014   0.587   5.536   1.00 40.60 ? 14  VAL A C   1 
ATOM   33  O  O   . VAL A 1 15  ? -0.054  1.716   6.045   1.00 41.74 ? 14  VAL A O   1 
ATOM   34  C  CB  . VAL A 1 15  ? -0.926  0.896   3.219   1.00 37.64 ? 14  VAL A CB  1 
ATOM   35  C  CG1 . VAL A 1 15  ? 0.477   0.747   2.642   1.00 34.47 ? 14  VAL A CG1 1 
ATOM   36  C  CG2 . VAL A 1 15  ? -1.989  0.432   2.205   1.00 33.11 ? 14  VAL A CG2 1 
ATOM   37  N  N   . LYS A 1 16  ? 0.984   -0.286  5.826   1.00 32.94 ? 15  LYS A N   1 
ATOM   38  C  CA  A LYS A 1 16  ? 2.097   0.065   6.707   0.97 34.40 ? 15  LYS A CA  1 
ATOM   39  C  C   . LYS A 1 16  ? 3.439   -0.008  5.969   1.00 31.00 ? 15  LYS A C   1 
ATOM   40  O  O   . LYS A 1 16  ? 3.691   -0.947  5.217   1.00 26.36 ? 15  LYS A O   1 
ATOM   41  C  CB  A LYS A 1 16  ? 2.129   -0.845  7.944   0.97 38.01 ? 15  LYS A CB  1 
ATOM   42  C  CG  A LYS A 1 16  ? 3.125   -0.353  9.015   0.97 42.60 ? 15  LYS A CG  1 
ATOM   43  C  CD  A LYS A 1 16  ? 2.967   -1.081  10.344  0.97 49.12 ? 15  LYS A CD  1 
ATOM   44  C  CE  A LYS A 1 16  ? 3.743   -0.349  11.447  0.97 51.22 ? 15  LYS A CE  1 
ATOM   45  N  NZ  A LYS A 1 16  ? 3.116   -0.570  12.784  0.97 52.88 ? 15  LYS A NZ  1 
ATOM   46  N  N   . VAL A 1 17  ? 4.289   0.998   6.155   1.00 25.78 ? 16  VAL A N   1 
ATOM   47  C  CA  . VAL A 1 17  ? 5.579   1.001   5.478   1.00 22.91 ? 16  VAL A CA  1 
ATOM   48  C  C   . VAL A 1 17  ? 6.680   1.148   6.535   1.00 32.17 ? 16  VAL A C   1 
ATOM   49  O  O   . VAL A 1 17  ? 6.643   2.052   7.382   1.00 33.15 ? 16  VAL A O   1 
ATOM   50  C  CB  . VAL A 1 17  ? 5.666   2.110   4.415   1.00 29.08 ? 16  VAL A CB  1 
ATOM   51  C  CG1 . VAL A 1 17  ? 6.941   1.954   3.531   1.00 24.22 ? 16  VAL A CG1 1 
ATOM   52  C  CG2 . VAL A 1 17  ? 4.396   2.105   3.553   1.00 29.21 ? 16  VAL A CG2 1 
ATOM   53  N  N   . LEU A 1 18  ? 7.631   0.219   6.498   1.00 28.34 ? 17  LEU A N   1 
ATOM   54  C  CA  . LEU A 1 18  ? 8.792   0.241   7.374   1.00 27.30 ? 17  LEU A CA  1 
ATOM   55  C  C   . LEU A 1 18  ? 10.058  0.480   6.569   1.00 27.12 ? 17  LEU A C   1 
ATOM   56  O  O   . LEU A 1 18  ? 10.099  0.297   5.362   1.00 26.56 ? 17  LEU A O   1 
ATOM   57  C  CB  . LEU A 1 18  ? 8.915   -1.069  8.169   1.00 29.38 ? 17  LEU A CB  1 
ATOM   58  C  CG  . LEU A 1 18  ? 7.737   -1.517  9.044   1.00 33.66 ? 17  LEU A CG  1 
ATOM   59  C  CD1 . LEU A 1 18  ? 8.159   -2.667  9.956   1.00 32.02 ? 17  LEU A CD1 1 
ATOM   60  C  CD2 . LEU A 1 18  ? 7.197   -0.367  9.866   1.00 36.56 ? 17  LEU A CD2 1 
ATOM   61  N  N   . ASP A 1 19  ? 11.096  0.900   7.270   1.00 32.13 ? 18  ASP A N   1 
ATOM   62  C  CA  . ASP A 1 19  ? 12.364  1.285   6.677   1.00 27.72 ? 18  ASP A CA  1 
ATOM   63  C  C   . ASP A 1 19  ? 13.416  0.399   7.322   1.00 28.37 ? 18  ASP A C   1 
ATOM   64  O  O   . ASP A 1 19  ? 13.574  0.427   8.538   1.00 26.36 ? 18  ASP A O   1 
ATOM   65  C  CB  . ASP A 1 19  ? 12.609  2.781   6.936   1.00 30.55 ? 18  ASP A CB  1 
ATOM   66  C  CG  . ASP A 1 19  ? 14.019  3.255   6.554   1.00 35.22 ? 18  ASP A CG  1 
ATOM   67  O  OD1 . ASP A 1 19  ? 14.984  2.462   6.542   1.00 33.21 ? 18  ASP A OD1 1 
ATOM   68  O  OD2 . ASP A 1 19  ? 14.159  4.472   6.289   1.00 36.54 ? 18  ASP A OD2 1 
ATOM   69  N  N   . ALA A 1 20  ? 14.129  -0.367  6.508   1.00 25.45 ? 19  ALA A N   1 
ATOM   70  C  CA  . ALA A 1 20  ? 15.095  -1.352  6.998   1.00 31.19 ? 19  ALA A CA  1 
ATOM   71  C  C   . ALA A 1 20  ? 16.511  -0.801  7.088   1.00 35.04 ? 19  ALA A C   1 
ATOM   72  O  O   . ALA A 1 20  ? 17.416  -1.488  7.540   1.00 31.74 ? 19  ALA A O   1 
ATOM   73  C  CB  . ALA A 1 20  ? 15.092  -2.583  6.097   1.00 26.88 ? 19  ALA A CB  1 
ATOM   74  N  N   . VAL A 1 21  ? 16.717  0.427   6.632   1.00 33.25 ? 20  VAL A N   1 
ATOM   75  C  CA  . VAL A 1 21  ? 18.046  1.008   6.711   1.00 33.12 ? 20  VAL A CA  1 
ATOM   76  C  C   . VAL A 1 21  ? 18.200  1.758   8.037   1.00 39.32 ? 20  VAL A C   1 
ATOM   77  O  O   . VAL A 1 21  ? 19.259  1.735   8.637   1.00 38.57 ? 20  VAL A O   1 
ATOM   78  C  CB  . VAL A 1 21  ? 18.323  1.962   5.534   1.00 37.28 ? 20  VAL A CB  1 
ATOM   79  C  CG1 . VAL A 1 21  ? 19.425  2.952   5.896   1.00 40.74 ? 20  VAL A CG1 1 
ATOM   80  C  CG2 . VAL A 1 21  ? 18.683  1.172   4.258   1.00 33.08 ? 20  VAL A CG2 1 
ATOM   81  N  N   . ARG A 1 22  ? 17.134  2.420   8.483   1.00 34.25 ? 21  ARG A N   1 
ATOM   82  C  CA  A ARG A 1 22  ? 17.151  3.185   9.721   0.90 32.18 ? 21  ARG A CA  1 
ATOM   83  C  C   . ARG A 1 22  ? 16.434  2.463   10.858  1.00 36.92 ? 21  ARG A C   1 
ATOM   84  O  O   . ARG A 1 22  ? 16.533  2.872   12.009  1.00 36.65 ? 21  ARG A O   1 
ATOM   85  C  CB  A ARG A 1 22  ? 16.505  4.554   9.502   0.90 35.14 ? 21  ARG A CB  1 
ATOM   86  C  CG  A ARG A 1 22  ? 17.332  5.499   8.621   0.90 43.29 ? 21  ARG A CG  1 
ATOM   87  C  CD  A ARG A 1 22  ? 16.490  6.654   8.061   0.90 47.58 ? 21  ARG A CD  1 
ATOM   88  N  NE  A ARG A 1 22  ? 15.212  6.807   8.759   0.90 48.00 ? 21  ARG A NE  1 
ATOM   89  C  CZ  A ARG A 1 22  ? 14.525  7.944   8.829   0.90 54.78 ? 21  ARG A CZ  1 
ATOM   90  N  NH1 A ARG A 1 22  ? 14.997  9.047   8.244   0.90 51.37 ? 21  ARG A NH1 1 
ATOM   91  N  NH2 A ARG A 1 22  ? 13.366  7.982   9.487   0.90 50.28 ? 21  ARG A NH2 1 
ATOM   92  N  N   . GLY A 1 23  ? 15.696  1.402   10.531  1.00 33.93 ? 22  GLY A N   1 
ATOM   93  C  CA  . GLY A 1 23  ? 14.945  0.662   11.525  1.00 34.69 ? 22  GLY A CA  1 
ATOM   94  C  C   . GLY A 1 23  ? 13.829  1.501   12.123  1.00 37.62 ? 22  GLY A C   1 
ATOM   95  O  O   . GLY A 1 23  ? 13.723  1.650   13.342  1.00 37.10 ? 22  GLY A O   1 
ATOM   96  N  N   . SER A 1 24  ? 12.983  2.053   11.262  1.00 36.25 ? 23  SER A N   1 
ATOM   97  C  CA  A SER A 1 24  ? 11.947  2.966   11.717  0.91 36.41 ? 23  SER A CA  1 
ATOM   98  C  C   . SER A 1 24  ? 10.728  2.875   10.825  1.00 33.88 ? 23  SER A C   1 
ATOM   99  O  O   . SER A 1 24  ? 10.762  2.222   9.798   1.00 31.25 ? 23  SER A O   1 
ATOM   100 C  CB  A SER A 1 24  ? 12.475  4.406   11.731  0.91 39.94 ? 23  SER A CB  1 
ATOM   101 O  OG  A SER A 1 24  ? 12.792  4.833   10.416  0.91 38.05 ? 23  SER A OG  1 
ATOM   102 N  N   . PRO A 1 25  ? 9.636   3.534   11.218  1.00 39.51 ? 24  PRO A N   1 
ATOM   103 C  CA  . PRO A 1 25  ? 8.535   3.619   10.267  1.00 33.43 ? 24  PRO A CA  1 
ATOM   104 C  C   . PRO A 1 25  ? 8.957   4.493   9.094   1.00 36.13 ? 24  PRO A C   1 
ATOM   105 O  O   . PRO A 1 25  ? 9.824   5.353   9.230   1.00 34.57 ? 24  PRO A O   1 
ATOM   106 C  CB  . PRO A 1 25  ? 7.412   4.270   11.077  1.00 39.24 ? 24  PRO A CB  1 
ATOM   107 C  CG  . PRO A 1 25  ? 7.809   4.078   12.518  1.00 41.97 ? 24  PRO A CG  1 
ATOM   108 C  CD  . PRO A 1 25  ? 9.292   4.112   12.528  1.00 39.84 ? 24  PRO A CD  1 
ATOM   109 N  N   . ALA A 1 26  ? 8.381   4.224   7.936   1.00 32.86 ? 25  ALA A N   1 
ATOM   110 C  CA  . ALA A 1 26  ? 8.566   5.048   6.760   1.00 35.34 ? 25  ALA A CA  1 
ATOM   111 C  C   . ALA A 1 26  ? 7.473   6.088   6.776   1.00 34.08 ? 25  ALA A C   1 
ATOM   112 O  O   . ALA A 1 26  ? 6.302   5.779   6.573   1.00 34.82 ? 25  ALA A O   1 
ATOM   113 C  CB  . ALA A 1 26  ? 8.501   4.208   5.487   1.00 34.10 ? 25  ALA A CB  1 
ATOM   114 N  N   . ILE A 1 27  ? 7.870   7.326   7.009   1.00 33.43 ? 26  ILE A N   1 
ATOM   115 C  CA  . ILE A 1 27  ? 6.957   8.401   7.342   1.00 33.31 ? 26  ILE A CA  1 
ATOM   116 C  C   . ILE A 1 27  ? 6.638   9.249   6.114   1.00 36.57 ? 26  ILE A C   1 
ATOM   117 O  O   . ILE A 1 27  ? 7.536   9.568   5.334   1.00 36.18 ? 26  ILE A O   1 
ATOM   118 C  CB  . ILE A 1 27  ? 7.584   9.283   8.469   1.00 41.34 ? 26  ILE A CB  1 
ATOM   119 C  CG1 . ILE A 1 27  ? 7.892   8.419   9.696   1.00 39.22 ? 26  ILE A CG1 1 
ATOM   120 C  CG2 . ILE A 1 27  ? 6.680   10.441  8.841   1.00 42.76 ? 26  ILE A CG2 1 
ATOM   121 C  CD1 . ILE A 1 27  ? 9.229   8.739   10.379  1.00 47.54 ? 26  ILE A CD1 1 
ATOM   122 N  N   . ASN A 1 28  ? 5.367   9.606   5.930   1.00 39.15 ? 27  ASN A N   1 
ATOM   123 C  CA  . ASN A 1 28  ? 4.990   10.553  4.868   1.00 42.42 ? 27  ASN A CA  1 
ATOM   124 C  C   . ASN A 1 28  ? 5.232   9.995   3.462   1.00 42.63 ? 27  ASN A C   1 
ATOM   125 O  O   . ASN A 1 28  ? 5.620   10.726  2.536   1.00 36.69 ? 27  ASN A O   1 
ATOM   126 C  CB  . ASN A 1 28  ? 5.753   11.881  5.033   1.00 38.50 ? 27  ASN A CB  1 
ATOM   127 C  CG  . ASN A 1 28  ? 5.095   13.025  4.288   1.00 50.31 ? 27  ASN A CG  1 
ATOM   128 O  OD1 . ASN A 1 28  ? 3.923   13.344  4.536   1.00 55.40 ? 27  ASN A OD1 1 
ATOM   129 N  ND2 . ASN A 1 28  ? 5.838   13.653  3.367   1.00 41.73 ? 27  ASN A ND2 1 
ATOM   130 N  N   . VAL A 1 29  ? 5.007   8.694   3.312   1.00 38.67 ? 28  VAL A N   1 
ATOM   131 C  CA  . VAL A 1 29  ? 5.122   8.058   2.013   1.00 38.56 ? 28  VAL A CA  1 
ATOM   132 C  C   . VAL A 1 29  ? 3.785   8.104   1.291   1.00 35.52 ? 28  VAL A C   1 
ATOM   133 O  O   . VAL A 1 29  ? 2.756   7.705   1.846   1.00 37.22 ? 28  VAL A O   1 
ATOM   134 C  CB  . VAL A 1 29  ? 5.586   6.595   2.140   1.00 41.90 ? 28  VAL A CB  1 
ATOM   135 C  CG1 . VAL A 1 29  ? 5.553   5.908   0.783   1.00 38.13 ? 28  VAL A CG1 1 
ATOM   136 C  CG2 . VAL A 1 29  ? 6.978   6.540   2.745   1.00 36.83 ? 28  VAL A CG2 1 
ATOM   137 N  N   . ALA A 1 30  ? 3.797   8.590   0.053   1.00 37.93 ? 29  ALA A N   1 
ATOM   138 C  CA  . ALA A 1 30  ? 2.570   8.671   -0.735  1.00 38.28 ? 29  ALA A CA  1 
ATOM   139 C  C   . ALA A 1 30  ? 2.135   7.288   -1.192  1.00 32.92 ? 29  ALA A C   1 
ATOM   140 O  O   . ALA A 1 30  ? 2.958   6.481   -1.638  1.00 35.75 ? 29  ALA A O   1 
ATOM   141 C  CB  . ALA A 1 30  ? 2.752   9.599   -1.941  1.00 38.20 ? 29  ALA A CB  1 
ATOM   142 N  N   . VAL A 1 31  ? 0.840   7.021   -1.060  1.00 32.82 ? 30  VAL A N   1 
ATOM   143 C  CA  . VAL A 1 31  ? 0.247   5.752   -1.480  1.00 34.73 ? 30  VAL A CA  1 
ATOM   144 C  C   . VAL A 1 31  ? -0.998  5.985   -2.346  1.00 36.29 ? 30  VAL A C   1 
ATOM   145 O  O   . VAL A 1 31  ? -1.867  6.788   -1.984  1.00 33.31 ? 30  VAL A O   1 
ATOM   146 C  CB  . VAL A 1 31  ? -0.143  4.884   -0.268  1.00 30.85 ? 30  VAL A CB  1 
ATOM   147 C  CG1 . VAL A 1 31  ? -0.750  3.573   -0.730  1.00 35.25 ? 30  VAL A CG1 1 
ATOM   148 C  CG2 . VAL A 1 31  ? 1.061   4.630   0.622   1.00 32.67 ? 30  VAL A CG2 1 
ATOM   149 N  N   . HIS A 1 32  ? -1.071  5.278   -3.478  1.00 35.53 ? 31  HIS A N   1 
ATOM   150 C  CA  . HIS A 1 32  ? -2.206  5.344   -4.401  1.00 36.34 ? 31  HIS A CA  1 
ATOM   151 C  C   . HIS A 1 32  ? -2.828  3.967   -4.620  1.00 36.08 ? 31  HIS A C   1 
ATOM   152 O  O   . HIS A 1 32  ? -2.107  2.997   -4.892  1.00 34.22 ? 31  HIS A O   1 
ATOM   153 C  CB  . HIS A 1 32  ? -1.786  5.912   -5.767  1.00 33.93 ? 31  HIS A CB  1 
ATOM   154 C  CG  . HIS A 1 32  ? -1.210  7.283   -5.703  1.00 36.41 ? 31  HIS A CG  1 
ATOM   155 N  ND1 . HIS A 1 32  ? -1.975  8.421   -5.849  1.00 43.36 ? 31  HIS A ND1 1 
ATOM   156 C  CD2 . HIS A 1 32  ? 0.064   7.709   -5.538  1.00 37.04 ? 31  HIS A CD2 1 
ATOM   157 C  CE1 . HIS A 1 32  ? -1.202  9.484   -5.763  1.00 43.75 ? 31  HIS A CE1 1 
ATOM   158 N  NE2 . HIS A 1 32  ? 0.043   9.077   -5.568  1.00 43.70 ? 31  HIS A NE2 1 
ATOM   159 N  N   . VAL A 1 33  ? -4.154  3.891   -4.535  1.00 33.25 ? 32  VAL A N   1 
ATOM   160 C  CA  . VAL A 1 33  ? -4.875  2.636   -4.754  1.00 35.13 ? 32  VAL A CA  1 
ATOM   161 C  C   . VAL A 1 33  ? -5.766  2.703   -6.001  1.00 34.58 ? 32  VAL A C   1 
ATOM   162 O  O   . VAL A 1 33  ? -6.468  3.683   -6.218  1.00 32.23 ? 32  VAL A O   1 
ATOM   163 C  CB  . VAL A 1 33  ? -5.749  2.269   -3.535  1.00 34.41 ? 32  VAL A CB  1 
ATOM   164 C  CG1 . VAL A 1 33  ? -6.414  0.919   -3.746  1.00 30.74 ? 32  VAL A CG1 1 
ATOM   165 C  CG2 . VAL A 1 33  ? -4.915  2.258   -2.240  1.00 33.16 ? 32  VAL A CG2 1 
ATOM   166 N  N   . PHE A 1 34  ? -5.720  1.663   -6.824  1.00 33.90 ? 33  PHE A N   1 
ATOM   167 C  CA  . PHE A 1 34  ? -6.565  1.577   -8.006  1.00 31.12 ? 33  PHE A CA  1 
ATOM   168 C  C   . PHE A 1 34  ? -7.401  0.311   -7.948  1.00 35.79 ? 33  PHE A C   1 
ATOM   169 O  O   . PHE A 1 34  ? -7.048  -0.656  -7.273  1.00 34.37 ? 33  PHE A O   1 
ATOM   170 C  CB  . PHE A 1 34  ? -5.734  1.609   -9.292  1.00 32.59 ? 33  PHE A CB  1 
ATOM   171 C  CG  . PHE A 1 34  ? -4.777  2.770   -9.365  1.00 36.19 ? 33  PHE A CG  1 
ATOM   172 C  CD1 . PHE A 1 34  ? -3.544  2.706   -8.732  1.00 36.54 ? 33  PHE A CD1 1 
ATOM   173 C  CD2 . PHE A 1 34  ? -5.118  3.934   -10.044 1.00 41.66 ? 33  PHE A CD2 1 
ATOM   174 C  CE1 . PHE A 1 34  ? -2.660  3.785   -8.777  1.00 37.84 ? 33  PHE A CE1 1 
ATOM   175 C  CE2 . PHE A 1 34  ? -4.230  5.026   -10.098 1.00 37.56 ? 33  PHE A CE2 1 
ATOM   176 C  CZ  . PHE A 1 34  ? -3.008  4.943   -9.466  1.00 39.50 ? 33  PHE A CZ  1 
ATOM   177 N  N   . ARG A 1 35  ? -8.542  0.336   -8.628  1.00 36.72 ? 34  ARG A N   1 
ATOM   178 C  CA  . ARG A 1 35  ? -9.380  -0.842  -8.765  1.00 33.39 ? 34  ARG A CA  1 
ATOM   179 C  C   . ARG A 1 35  ? -9.653  -1.074  -10.236 1.00 36.09 ? 34  ARG A C   1 
ATOM   180 O  O   . ARG A 1 35  ? -9.926  -0.134  -10.984 1.00 35.53 ? 34  ARG A O   1 
ATOM   181 C  CB  . ARG A 1 35  ? -10.676 -0.679  -7.990  1.00 37.79 ? 34  ARG A CB  1 
ATOM   182 C  CG  . ARG A 1 35  ? -11.634 -1.850  -8.121  1.00 35.54 ? 34  ARG A CG  1 
ATOM   183 C  CD  . ARG A 1 35  ? -12.982 -1.536  -7.478  1.00 34.57 ? 34  ARG A CD  1 
ATOM   184 N  NE  . ARG A 1 35  ? -13.803 -2.739  -7.454  1.00 47.63 ? 34  ARG A NE  1 
ATOM   185 C  CZ  . ARG A 1 35  ? -14.708 -3.052  -8.376  1.00 44.52 ? 34  ARG A CZ  1 
ATOM   186 N  NH1 . ARG A 1 35  ? -14.957 -2.228  -9.398  1.00 43.22 ? 34  ARG A NH1 1 
ATOM   187 N  NH2 . ARG A 1 35  ? -15.373 -4.187  -8.260  1.00 42.55 ? 34  ARG A NH2 1 
ATOM   188 N  N   . LYS A 1 36  ? -9.558  -2.322  -10.668 1.00 39.57 ? 35  LYS A N   1 
ATOM   189 C  CA  A LYS A 1 36  ? -9.745  -2.605  -12.081 1.00 44.82 ? 35  LYS A CA  1 
ATOM   190 C  C   . LYS A 1 36  ? -11.223 -2.463  -12.420 1.00 44.01 ? 35  LYS A C   1 
ATOM   191 O  O   . LYS A 1 36  ? -12.086 -3.005  -11.728 1.00 41.03 ? 35  LYS A O   1 
ATOM   192 C  CB  A LYS A 1 36  ? -9.232  -3.998  -12.444 1.00 40.80 ? 35  LYS A CB  1 
ATOM   193 C  CG  A LYS A 1 36  ? -9.453  -4.348  -13.903 1.00 50.27 ? 35  LYS A CG  1 
ATOM   194 C  CD  A LYS A 1 36  ? -8.675  -5.585  -14.314 1.00 54.30 ? 35  LYS A CD  1 
ATOM   195 C  CE  A LYS A 1 36  ? -7.178  -5.333  -14.301 1.00 60.95 ? 35  LYS A CE  1 
ATOM   196 N  NZ  A LYS A 1 36  ? -6.414  -6.493  -14.859 1.00 72.01 ? 35  LYS A NZ  1 
ATOM   197 N  N   . ALA A 1 37  ? -11.510 -1.695  -13.462 1.00 51.45 ? 36  ALA A N   1 
ATOM   198 C  CA  . ALA A 1 37  ? -12.889 -1.483  -13.885 1.00 52.92 ? 36  ALA A CA  1 
ATOM   199 C  C   . ALA A 1 37  ? -13.344 -2.642  -14.772 1.00 55.56 ? 36  ALA A C   1 
ATOM   200 O  O   . ALA A 1 37  ? -12.527 -3.454  -15.216 1.00 58.82 ? 36  ALA A O   1 
ATOM   201 C  CB  . ALA A 1 37  ? -13.024 -0.158  -14.614 1.00 54.64 ? 36  ALA A CB  1 
ATOM   202 N  N   . ALA A 1 38  ? -14.642 -2.715  -15.038 1.00 57.56 ? 37  ALA A N   1 
ATOM   203 C  CA  . ALA A 1 38  ? -15.199 -3.837  -15.786 1.00 64.00 ? 37  ALA A CA  1 
ATOM   204 C  C   . ALA A 1 38  ? -14.690 -3.917  -17.241 1.00 63.30 ? 37  ALA A C   1 
ATOM   205 O  O   . ALA A 1 38  ? -14.930 -4.912  -17.924 1.00 64.39 ? 37  ALA A O   1 
ATOM   206 C  CB  . ALA A 1 38  ? -16.726 -3.770  -15.754 1.00 61.77 ? 37  ALA A CB  1 
ATOM   207 N  N   . ASP A 1 39  ? -13.972 -2.892  -17.702 1.00 62.44 ? 38  ASP A N   1 
ATOM   208 C  CA  . ASP A 1 39  ? -13.400 -2.904  -19.053 1.00 67.20 ? 38  ASP A CA  1 
ATOM   209 C  C   . ASP A 1 39  ? -11.870 -3.100  -19.099 1.00 66.82 ? 38  ASP A C   1 
ATOM   210 O  O   . ASP A 1 39  ? -11.245 -2.837  -20.127 1.00 68.32 ? 38  ASP A O   1 
ATOM   211 C  CB  . ASP A 1 39  ? -13.777 -1.612  -19.804 1.00 63.29 ? 38  ASP A CB  1 
ATOM   212 C  CG  . ASP A 1 39  ? -13.297 -0.343  -19.102 1.00 68.85 ? 38  ASP A CG  1 
ATOM   213 O  OD1 . ASP A 1 39  ? -12.375 -0.422  -18.262 1.00 71.43 ? 38  ASP A OD1 1 
ATOM   214 O  OD2 . ASP A 1 39  ? -13.838 0.744   -19.399 1.00 69.91 ? 38  ASP A OD2 1 
ATOM   215 N  N   . ASP A 1 40  ? -11.287 -3.560  -17.990 1.00 66.09 ? 39  ASP A N   1 
ATOM   216 C  CA  . ASP A 1 40  ? -9.847  -3.846  -17.880 1.00 64.18 ? 39  ASP A CA  1 
ATOM   217 C  C   . ASP A 1 40  ? -8.981  -2.583  -17.763 1.00 65.32 ? 39  ASP A C   1 
ATOM   218 O  O   . ASP A 1 40  ? -7.795  -2.596  -18.093 1.00 68.36 ? 39  ASP A O   1 
ATOM   219 C  CB  . ASP A 1 40  ? -9.364  -4.688  -19.068 1.00 67.85 ? 39  ASP A CB  1 
ATOM   220 C  CG  . ASP A 1 40  ? -8.239  -5.655  -18.693 1.00 74.27 ? 39  ASP A CG  1 
ATOM   221 O  OD1 . ASP A 1 40  ? -7.372  -5.301  -17.864 1.00 75.11 ? 39  ASP A OD1 1 
ATOM   222 O  OD2 . ASP A 1 40  ? -8.223  -6.783  -19.233 1.00 82.56 ? 39  ASP A OD2 1 
ATOM   223 N  N   . THR A 1 41  ? -9.568  -1.495  -17.285 1.00 62.83 ? 40  THR A N   1 
ATOM   224 C  CA  . THR A 1 41  ? -8.788  -0.290  -17.030 1.00 61.50 ? 40  THR A CA  1 
ATOM   225 C  C   . THR A 1 41  ? -8.687  -0.006  -15.531 1.00 59.33 ? 40  THR A C   1 
ATOM   226 O  O   . THR A 1 41  ? -9.611  -0.318  -14.760 1.00 50.24 ? 40  THR A O   1 
ATOM   227 C  CB  . THR A 1 41  ? -9.382  0.941   -17.745 1.00 64.82 ? 40  THR A CB  1 
ATOM   228 O  OG1 . THR A 1 41  ? -10.674 1.253   -17.201 1.00 65.42 ? 40  THR A OG1 1 
ATOM   229 C  CG2 . THR A 1 41  ? -9.505  0.678   -19.242 1.00 62.17 ? 40  THR A CG2 1 
ATOM   230 N  N   . TRP A 1 42  ? -7.551  0.569   -15.134 1.00 55.21 ? 41  TRP A N   1 
ATOM   231 C  CA  . TRP A 1 42  ? -7.307  0.949   -13.753 1.00 49.40 ? 41  TRP A CA  1 
ATOM   232 C  C   . TRP A 1 42  ? -7.999  2.251   -13.420 1.00 51.38 ? 41  TRP A C   1 
ATOM   233 O  O   . TRP A 1 42  ? -7.681  3.304   -13.978 1.00 56.22 ? 41  TRP A O   1 
ATOM   234 C  CB  . TRP A 1 42  ? -5.806  1.067   -13.476 1.00 49.58 ? 41  TRP A CB  1 
ATOM   235 C  CG  . TRP A 1 42  ? -5.172  -0.267  -13.386 1.00 51.52 ? 41  TRP A CG  1 
ATOM   236 C  CD1 . TRP A 1 42  ? -4.210  -0.779  -14.205 1.00 51.62 ? 41  TRP A CD1 1 
ATOM   237 C  CD2 . TRP A 1 42  ? -5.493  -1.296  -12.444 1.00 43.32 ? 41  TRP A CD2 1 
ATOM   238 N  NE1 . TRP A 1 42  ? -3.897  -2.063  -13.818 1.00 53.99 ? 41  TRP A NE1 1 
ATOM   239 C  CE2 . TRP A 1 42  ? -4.675  -2.404  -12.741 1.00 48.66 ? 41  TRP A CE2 1 
ATOM   240 C  CE3 . TRP A 1 42  ? -6.381  -1.382  -11.364 1.00 40.79 ? 41  TRP A CE3 1 
ATOM   241 C  CZ2 . TRP A 1 42  ? -4.719  -3.585  -11.997 1.00 45.95 ? 41  TRP A CZ2 1 
ATOM   242 C  CZ3 . TRP A 1 42  ? -6.427  -2.557  -10.629 1.00 34.69 ? 41  TRP A CZ3 1 
ATOM   243 C  CH2 . TRP A 1 42  ? -5.606  -3.641  -10.953 1.00 40.67 ? 41  TRP A CH2 1 
ATOM   244 N  N   . GLU A 1 43  ? -8.941  2.178   -12.495 1.00 42.28 ? 42  GLU A N   1 
ATOM   245 C  CA  A GLU A 1 43  ? -9.682  3.357   -12.109 0.88 45.03 ? 42  GLU A CA  1 
ATOM   246 C  C   . GLU A 1 43  ? -9.309  3.764   -10.675 1.00 42.87 ? 42  GLU A C   1 
ATOM   247 O  O   . GLU A 1 43  ? -9.287  2.934   -9.769  1.00 39.38 ? 42  GLU A O   1 
ATOM   248 C  CB  A GLU A 1 43  ? -11.180 3.097   -12.267 0.88 45.16 ? 42  GLU A CB  1 
ATOM   249 C  CG  A GLU A 1 43  ? -11.573 2.490   -13.644 0.88 51.09 ? 42  GLU A CG  1 
ATOM   250 C  CD  A GLU A 1 43  ? -11.929 3.523   -14.722 0.88 60.84 ? 42  GLU A CD  1 
ATOM   251 O  OE1 A GLU A 1 43  ? -11.339 4.630   -14.729 0.88 59.24 ? 42  GLU A OE1 1 
ATOM   252 O  OE2 A GLU A 1 43  ? -12.806 3.221   -15.574 0.88 62.71 ? 42  GLU A OE2 1 
ATOM   253 N  N   . PRO A 1 44  ? -8.975  5.047   -10.479 1.00 43.42 ? 43  PRO A N   1 
ATOM   254 C  CA  . PRO A 1 44  ? -8.522  5.598   -9.191  1.00 43.07 ? 43  PRO A CA  1 
ATOM   255 C  C   . PRO A 1 44  ? -9.477  5.276   -8.055  1.00 42.12 ? 43  PRO A C   1 
ATOM   256 O  O   . PRO A 1 44  ? -10.665 5.500   -8.224  1.00 42.49 ? 43  PRO A O   1 
ATOM   257 C  CB  . PRO A 1 44  ? -8.479  7.105   -9.453  1.00 48.73 ? 43  PRO A CB  1 
ATOM   258 C  CG  . PRO A 1 44  ? -8.221  7.217   -10.931 1.00 47.16 ? 43  PRO A CG  1 
ATOM   259 C  CD  . PRO A 1 44  ? -8.955  6.053   -11.558 1.00 45.99 ? 43  PRO A CD  1 
ATOM   260 N  N   . PHE A 1 45  ? -8.979  4.771   -6.927  1.00 36.64 ? 44  PHE A N   1 
ATOM   261 C  CA  . PHE A 1 45  ? -9.861  4.339   -5.840  1.00 35.57 ? 44  PHE A CA  1 
ATOM   262 C  C   . PHE A 1 45  ? -9.631  5.109   -4.538  1.00 35.52 ? 44  PHE A C   1 
ATOM   263 O  O   . PHE A 1 45  ? -10.574 5.500   -3.868  1.00 39.71 ? 44  PHE A O   1 
ATOM   264 C  CB  . PHE A 1 45  ? -9.689  2.836   -5.599  1.00 36.07 ? 44  PHE A CB  1 
ATOM   265 C  CG  . PHE A 1 45  ? -10.757 2.222   -4.729  1.00 40.11 ? 44  PHE A CG  1 
ATOM   266 C  CD1 . PHE A 1 45  ? -11.973 1.823   -5.268  1.00 42.20 ? 44  PHE A CD1 1 
ATOM   267 C  CD2 . PHE A 1 45  ? -10.530 2.005   -3.381  1.00 38.07 ? 44  PHE A CD2 1 
ATOM   268 C  CE1 . PHE A 1 45  ? -12.954 1.244   -4.470  1.00 43.60 ? 44  PHE A CE1 1 
ATOM   269 C  CE2 . PHE A 1 45  ? -11.502 1.430   -2.580  1.00 40.36 ? 44  PHE A CE2 1 
ATOM   270 C  CZ  . PHE A 1 45  ? -12.719 1.050   -3.123  1.00 40.24 ? 44  PHE A CZ  1 
ATOM   271 N  N   . ALA A 1 46  ? -8.374  5.336   -4.180  1.00 32.60 ? 45  ALA A N   1 
ATOM   272 C  CA  . ALA A 1 46  ? -8.066  6.056   -2.949  1.00 34.83 ? 45  ALA A CA  1 
ATOM   273 C  C   . ALA A 1 46  ? -6.592  6.489   -2.919  1.00 34.73 ? 45  ALA A C   1 
ATOM   274 O  O   . ALA A 1 46  ? -5.783  5.999   -3.711  1.00 33.74 ? 45  ALA A O   1 
ATOM   275 C  CB  . ALA A 1 46  ? -8.408  5.183   -1.732  1.00 30.30 ? 45  ALA A CB  1 
ATOM   276 N  N   . SER A 1 47  ? -6.245  7.405   -2.018  1.00 32.68 ? 46  SER A N   1 
ATOM   277 C  CA  . SER A 1 47  ? -4.843  7.812   -1.845  1.00 34.21 ? 46  SER A CA  1 
ATOM   278 C  C   . SER A 1 47  ? -4.633  8.485   -0.506  1.00 36.56 ? 46  SER A C   1 
ATOM   279 O  O   . SER A 1 47  ? -5.596  8.858   0.175   1.00 33.19 ? 46  SER A O   1 
ATOM   280 C  CB  . SER A 1 47  ? -4.377  8.741   -2.973  1.00 34.91 ? 46  SER A CB  1 
ATOM   281 O  OG  . SER A 1 47  ? -5.064  9.976   -2.932  1.00 36.05 ? 46  SER A OG  1 
ATOM   282 N  N   . GLY A 1 48  ? -3.363  8.630   -0.133  1.00 33.79 ? 47  GLY A N   1 
ATOM   283 C  CA  . GLY A 1 48  ? -3.000  9.147   1.175   1.00 35.86 ? 47  GLY A CA  1 
ATOM   284 C  C   . GLY A 1 48  ? -1.496  9.187   1.362   1.00 36.47 ? 47  GLY A C   1 
ATOM   285 O  O   . GLY A 1 48  ? -0.746  8.811   0.468   1.00 33.31 ? 47  GLY A O   1 
ATOM   286 N  N   . LYS A 1 49  ? -1.057  9.660   2.520   1.00 36.91 ? 48  LYS A N   1 
ATOM   287 C  CA  A LYS A 1 49  ? 0.352   9.598   2.884   1.00 35.74 ? 48  LYS A CA  1 
ATOM   288 C  C   . LYS A 1 49  ? 0.461   8.910   4.238   1.00 35.52 ? 48  LYS A C   1 
ATOM   289 O  O   . LYS A 1 49  ? -0.421  9.063   5.083   1.00 37.80 ? 48  LYS A O   1 
ATOM   290 C  CB  A LYS A 1 49  ? 0.978   10.993  2.929   1.00 34.06 ? 48  LYS A CB  1 
ATOM   291 C  CG  A LYS A 1 49  ? 1.211   11.598  1.557   1.00 44.87 ? 48  LYS A CG  1 
ATOM   292 C  CD  A LYS A 1 49  ? 2.065   12.865  1.628   1.00 49.22 ? 48  LYS A CD  1 
ATOM   293 C  CE  A LYS A 1 49  ? 2.392   13.396  0.235   1.00 48.02 ? 48  LYS A CE  1 
ATOM   294 N  NZ  A LYS A 1 49  ? 3.071   14.728  0.290   1.00 52.30 ? 48  LYS A NZ  1 
ATOM   295 N  N   . THR A 1 50  ? 1.524   8.133   4.436   1.00 37.05 ? 49  THR A N   1 
ATOM   296 C  CA  . THR A 1 50  ? 1.702   7.443   5.700   1.00 38.88 ? 49  THR A CA  1 
ATOM   297 C  C   . THR A 1 50  ? 2.001   8.425   6.820   1.00 39.50 ? 49  THR A C   1 
ATOM   298 O  O   . THR A 1 50  ? 2.700   9.426   6.630   1.00 37.84 ? 49  THR A O   1 
ATOM   299 C  CB  . THR A 1 50  ? 2.824   6.398   5.636   1.00 38.34 ? 49  THR A CB  1 
ATOM   300 O  OG1 . THR A 1 50  ? 4.066   7.035   5.317   1.00 33.21 ? 49  THR A OG1 1 
ATOM   301 C  CG2 . THR A 1 50  ? 2.489   5.332   4.589   1.00 33.73 ? 49  THR A CG2 1 
ATOM   302 N  N   . SER A 1 51  ? 1.440   8.120   7.983   1.00 40.30 ? 50  SER A N   1 
ATOM   303 C  CA  . SER A 1 51  ? 1.623   8.904   9.188   1.00 42.26 ? 50  SER A CA  1 
ATOM   304 C  C   . SER A 1 51  ? 3.014   8.730   9.786   1.00 46.23 ? 50  SER A C   1 
ATOM   305 O  O   . SER A 1 51  ? 3.932   8.225   9.128   1.00 40.78 ? 50  SER A O   1 
ATOM   306 C  CB  . SER A 1 51  ? 0.576   8.507   10.220  1.00 44.09 ? 50  SER A CB  1 
ATOM   307 O  OG  . SER A 1 51  ? 0.845   7.204   10.710  1.00 51.99 ? 50  SER A OG  1 
ATOM   308 N  N   . GLU A 1 52  ? 3.151   9.139   11.048  1.00 51.41 ? 51  GLU A N   1 
ATOM   309 C  CA  . GLU A 1 52  ? 4.423   9.096   11.764  1.00 48.88 ? 51  GLU A CA  1 
ATOM   310 C  C   . GLU A 1 52  ? 4.796   7.673   12.160  1.00 45.12 ? 51  GLU A C   1 
ATOM   311 O  O   . GLU A 1 52  ? 5.970   7.346   12.312  1.00 49.14 ? 51  GLU A O   1 
ATOM   312 C  CB  . GLU A 1 52  ? 4.373   9.983   13.013  1.00 47.71 ? 51  GLU A CB  1 
ATOM   313 C  CG  . GLU A 1 52  ? 3.595   9.388   14.180  1.00 53.31 ? 51  GLU A CG  1 
ATOM   314 C  CD  . GLU A 1 52  ? 2.095   9.285   13.913  1.00 61.18 ? 51  GLU A CD  1 
ATOM   315 O  OE1 . GLU A 1 52  ? 1.515   10.264  13.380  1.00 61.94 ? 51  GLU A OE1 1 
ATOM   316 O  OE2 . GLU A 1 52  ? 1.498   8.229   14.234  1.00 54.97 ? 51  GLU A OE2 1 
ATOM   317 N  N   . SER A 1 53  ? 3.794   6.827   12.333  1.00 45.92 ? 52  SER A N   1 
ATOM   318 C  CA  . SER A 1 53  ? 4.050   5.432   12.633  1.00 49.49 ? 52  SER A CA  1 
ATOM   319 C  C   . SER A 1 53  ? 4.018   4.565   11.367  1.00 45.78 ? 52  SER A C   1 
ATOM   320 O  O   . SER A 1 53  ? 3.774   3.368   11.441  1.00 46.56 ? 52  SER A O   1 
ATOM   321 C  CB  . SER A 1 53  ? 3.038   4.921   13.654  1.00 50.49 ? 52  SER A CB  1 
ATOM   322 O  OG  . SER A 1 53  ? 1.722   5.144   13.193  1.00 53.30 ? 52  SER A OG  1 
ATOM   323 N  N   . GLY A 1 54  ? 4.251   5.178   10.207  1.00 42.43 ? 53  GLY A N   1 
ATOM   324 C  CA  . GLY A 1 54  ? 4.346   4.442   8.952   1.00 36.39 ? 53  GLY A CA  1 
ATOM   325 C  C   . GLY A 1 54  ? 3.043   3.876   8.417   1.00 40.42 ? 53  GLY A C   1 
ATOM   326 O  O   . GLY A 1 54  ? 3.045   3.030   7.512   1.00 38.98 ? 53  GLY A O   1 
ATOM   327 N  N   . GLU A 1 55  ? 1.922   4.358   8.942   1.00 41.59 ? 54  GLU A N   1 
ATOM   328 C  CA  . GLU A 1 55  ? 0.637   3.747   8.621   1.00 42.53 ? 54  GLU A CA  1 
ATOM   329 C  C   . GLU A 1 55  ? -0.337  4.701   7.935   1.00 38.65 ? 54  GLU A C   1 
ATOM   330 O  O   . GLU A 1 55  ? -0.264  5.914   8.105   1.00 38.81 ? 54  GLU A O   1 
ATOM   331 C  CB  . GLU A 1 55  ? 0.018   3.176   9.894   1.00 41.47 ? 54  GLU A CB  1 
ATOM   332 C  CG  . GLU A 1 55  ? 0.928   2.142   10.522  1.00 52.19 ? 54  GLU A CG  1 
ATOM   333 C  CD  . GLU A 1 55  ? 0.483   1.688   11.891  1.00 58.04 ? 54  GLU A CD  1 
ATOM   334 O  OE1 . GLU A 1 55  ? -0.688  1.926   12.257  1.00 62.36 ? 54  GLU A OE1 1 
ATOM   335 O  OE2 . GLU A 1 55  ? 1.321   1.088   12.600  1.00 66.32 ? 54  GLU A OE2 1 
ATOM   336 N  N   . LEU A 1 56  ? -1.234  4.130   7.142   1.00 38.34 ? 55  LEU A N   1 
ATOM   337 C  CA  . LEU A 1 56  ? -2.207  4.909   6.390   1.00 37.37 ? 55  LEU A CA  1 
ATOM   338 C  C   . LEU A 1 56  ? -3.571  4.274   6.552   1.00 41.86 ? 55  LEU A C   1 
ATOM   339 O  O   . LEU A 1 56  ? -3.822  3.184   6.028   1.00 40.88 ? 55  LEU A O   1 
ATOM   340 C  CB  . LEU A 1 56  ? -1.819  4.985   4.914   1.00 35.47 ? 55  LEU A CB  1 
ATOM   341 C  CG  . LEU A 1 56  ? -2.784  5.661   3.944   1.00 33.81 ? 55  LEU A CG  1 
ATOM   342 C  CD1 . LEU A 1 56  ? -3.172  7.031   4.446   1.00 37.67 ? 55  LEU A CD1 1 
ATOM   343 C  CD2 . LEU A 1 56  ? -2.122  5.775   2.592   1.00 39.91 ? 55  LEU A CD2 1 
ATOM   344 N  N   . HIS A 1 57  ? -4.443  4.947   7.297   1.00 44.09 ? 56  HIS A N   1 
ATOM   345 C  CA  . HIS A 1 57  ? -5.781  4.422   7.577   1.00 49.09 ? 56  HIS A CA  1 
ATOM   346 C  C   . HIS A 1 57  ? -6.837  5.204   6.818   1.00 44.84 ? 56  HIS A C   1 
ATOM   347 O  O   . HIS A 1 57  ? -6.540  6.228   6.204   1.00 42.66 ? 56  HIS A O   1 
ATOM   348 C  CB  . HIS A 1 57  ? -6.092  4.480   9.072   1.00 51.59 ? 56  HIS A CB  1 
ATOM   349 C  CG  . HIS A 1 57  ? -5.184  3.642   9.918   1.00 52.55 ? 56  HIS A CG  1 
ATOM   350 N  ND1 . HIS A 1 57  ? -5.495  2.352   10.293  1.00 57.42 ? 56  HIS A ND1 1 
ATOM   351 C  CD2 . HIS A 1 57  ? -3.978  3.917   10.472  1.00 51.74 ? 56  HIS A CD2 1 
ATOM   352 C  CE1 . HIS A 1 57  ? -4.517  1.865   11.035  1.00 58.48 ? 56  HIS A CE1 1 
ATOM   353 N  NE2 . HIS A 1 57  ? -3.586  2.796   11.161  1.00 57.87 ? 56  HIS A NE2 1 
ATOM   354 N  N   . GLY A 1 58  ? -8.073  4.727   6.881   1.00 45.40 ? 57  GLY A N   1 
ATOM   355 C  CA  . GLY A 1 58  ? -9.185  5.452   6.301   1.00 42.71 ? 57  GLY A CA  1 
ATOM   356 C  C   . GLY A 1 58  ? -9.044  5.623   4.801   1.00 47.27 ? 57  GLY A C   1 
ATOM   357 O  O   . GLY A 1 58  ? -9.303  6.697   4.254   1.00 45.92 ? 57  GLY A O   1 
ATOM   358 N  N   . LEU A 1 59  ? -8.612  4.562   4.132   1.00 40.48 ? 58  LEU A N   1 
ATOM   359 C  CA  . LEU A 1 59  ? -8.560  4.563   2.683   1.00 39.68 ? 58  LEU A CA  1 
ATOM   360 C  C   . LEU A 1 59  ? -9.955  4.426   2.095   1.00 41.51 ? 58  LEU A C   1 
ATOM   361 O  O   . LEU A 1 59  ? -10.273 5.038   1.082   1.00 46.51 ? 58  LEU A O   1 
ATOM   362 C  CB  . LEU A 1 59  ? -7.662  3.434   2.170   1.00 39.69 ? 58  LEU A CB  1 
ATOM   363 C  CG  . LEU A 1 59  ? -6.188  3.687   2.459   1.00 41.58 ? 58  LEU A CG  1 
ATOM   364 C  CD1 . LEU A 1 59  ? -5.268  2.638   1.816   1.00 38.07 ? 58  LEU A CD1 1 
ATOM   365 C  CD2 . LEU A 1 59  ? -5.851  5.085   1.993   1.00 37.21 ? 58  LEU A CD2 1 
ATOM   366 N  N   . THR A 1 60  ? -10.796 3.633   2.749   1.00 44.99 ? 59  THR A N   1 
ATOM   367 C  CA  . THR A 1 60  ? -12.072 3.249   2.168   1.00 45.48 ? 59  THR A CA  1 
ATOM   368 C  C   . THR A 1 60  ? -13.024 2.798   3.262   1.00 45.11 ? 59  THR A C   1 
ATOM   369 O  O   . THR A 1 60  ? -12.692 2.858   4.443   1.00 48.42 ? 59  THR A O   1 
ATOM   370 C  CB  . THR A 1 60  ? -11.883 2.115   1.112   1.00 48.17 ? 59  THR A CB  1 
ATOM   371 O  OG1 . THR A 1 60  ? -13.068 1.962   0.311   1.00 47.87 ? 59  THR A OG1 1 
ATOM   372 C  CG2 . THR A 1 60  ? -11.523 0.780   1.792   1.00 41.99 ? 59  THR A CG2 1 
ATOM   373 N  N   . THR A 1 61  ? -14.204 2.341   2.865   1.00 47.70 ? 60  THR A N   1 
ATOM   374 C  CA  . THR A 1 61  ? -15.187 1.840   3.812   1.00 45.43 ? 60  THR A CA  1 
ATOM   375 C  C   . THR A 1 61  ? -15.593 0.442   3.387   1.00 45.95 ? 60  THR A C   1 
ATOM   376 O  O   . THR A 1 61  ? -15.275 0.019   2.275   1.00 47.05 ? 60  THR A O   1 
ATOM   377 C  CB  . THR A 1 61  ? -16.404 2.758   3.887   1.00 50.75 ? 60  THR A CB  1 
ATOM   378 O  OG1 . THR A 1 61  ? -16.802 3.119   2.558   1.00 48.55 ? 60  THR A OG1 1 
ATOM   379 C  CG2 . THR A 1 61  ? -16.051 4.035   4.647   1.00 50.65 ? 60  THR A CG2 1 
ATOM   380 N  N   . GLU A 1 62  ? -16.276 -0.286  4.264   1.00 42.87 ? 61  GLU A N   1 
ATOM   381 C  CA  A GLU A 1 62  ? -16.662 -1.653  3.943   0.79 46.37 ? 61  GLU A CA  1 
ATOM   382 C  C   . GLU A 1 62  ? -17.684 -1.650  2.811   1.00 49.95 ? 61  GLU A C   1 
ATOM   383 O  O   . GLU A 1 62  ? -17.743 -2.595  2.009   1.00 48.00 ? 61  GLU A O   1 
ATOM   384 C  CB  A GLU A 1 62  ? -17.223 -2.378  5.173   0.79 49.79 ? 61  GLU A CB  1 
ATOM   385 C  CG  A GLU A 1 62  ? -16.238 -2.514  6.322   0.79 53.99 ? 61  GLU A CG  1 
ATOM   386 C  CD  A GLU A 1 62  ? -16.338 -3.849  7.052   0.79 62.19 ? 61  GLU A CD  1 
ATOM   387 O  OE1 A GLU A 1 62  ? -16.332 -4.911  6.384   0.79 61.15 ? 61  GLU A OE1 1 
ATOM   388 O  OE2 A GLU A 1 62  ? -16.411 -3.834  8.303   0.79 64.29 ? 61  GLU A OE2 1 
ATOM   389 N  N   . GLU A 1 63  ? -18.478 -0.581  2.757   1.00 48.74 ? 62  GLU A N   1 
ATOM   390 C  CA  . GLU A 1 63  ? -19.494 -0.394  1.726   1.00 50.57 ? 62  GLU A CA  1 
ATOM   391 C  C   . GLU A 1 63  ? -18.873 -0.403  0.337   1.00 45.86 ? 62  GLU A C   1 
ATOM   392 O  O   . GLU A 1 63  ? -19.284 -1.185  -0.520  1.00 43.01 ? 62  GLU A O   1 
ATOM   393 C  CB  . GLU A 1 63  ? -20.266 0.933   1.930   1.00 57.06 ? 62  GLU A CB  1 
ATOM   394 C  CG  . GLU A 1 63  ? -20.076 1.601   3.299   1.00 58.97 ? 62  GLU A CG  1 
ATOM   395 C  CD  . GLU A 1 63  ? -19.955 3.132   3.231   1.00 65.65 ? 62  GLU A CD  1 
ATOM   396 O  OE1 . GLU A 1 63  ? -19.907 3.711   2.116   1.00 54.01 ? 62  GLU A OE1 1 
ATOM   397 O  OE2 . GLU A 1 63  ? -19.895 3.758   4.317   1.00 70.32 ? 62  GLU A OE2 1 
ATOM   398 N  N   . GLU A 1 64  ? -17.895 0.478   0.109   1.00 46.06 ? 63  GLU A N   1 
ATOM   399 C  CA  A GLU A 1 64  ? -17.316 0.641   -1.221  0.75 41.40 ? 63  GLU A CA  1 
ATOM   400 C  C   . GLU A 1 64  ? -16.183 -0.345  -1.544  1.00 40.83 ? 63  GLU A C   1 
ATOM   401 O  O   . GLU A 1 64  ? -15.785 -0.480  -2.698  1.00 42.02 ? 63  GLU A O   1 
ATOM   402 C  CB  A GLU A 1 64  ? -16.820 2.074   -1.390  0.75 45.24 ? 63  GLU A CB  1 
ATOM   403 C  CG  A GLU A 1 64  ? -15.913 2.538   -0.283  0.75 48.19 ? 63  GLU A CG  1 
ATOM   404 C  CD  A GLU A 1 64  ? -15.250 3.858   -0.601  0.75 50.82 ? 63  GLU A CD  1 
ATOM   405 O  OE1 A GLU A 1 64  ? -15.943 4.898   -0.548  0.75 53.07 ? 63  GLU A OE1 1 
ATOM   406 O  OE2 A GLU A 1 64  ? -14.034 3.855   -0.909  0.75 50.28 ? 63  GLU A OE2 1 
ATOM   407 N  N   . PHE A 1 65  ? -15.674 -1.046  -0.533  1.00 44.88 ? 64  PHE A N   1 
ATOM   408 C  CA  . PHE A 1 65  ? -14.571 -1.984  -0.737  1.00 39.17 ? 64  PHE A CA  1 
ATOM   409 C  C   . PHE A 1 65  ? -15.110 -3.363  -1.121  1.00 40.70 ? 64  PHE A C   1 
ATOM   410 O  O   . PHE A 1 65  ? -15.051 -4.318  -0.341  1.00 38.72 ? 64  PHE A O   1 
ATOM   411 C  CB  . PHE A 1 65  ? -13.698 -2.050  0.527   1.00 37.90 ? 64  PHE A CB  1 
ATOM   412 C  CG  . PHE A 1 65  ? -12.428 -2.835  0.362   1.00 38.49 ? 64  PHE A CG  1 
ATOM   413 C  CD1 . PHE A 1 65  ? -11.663 -2.719  -0.785  1.00 38.39 ? 64  PHE A CD1 1 
ATOM   414 C  CD2 . PHE A 1 65  ? -11.989 -3.684  1.365   1.00 43.18 ? 64  PHE A CD2 1 
ATOM   415 C  CE1 . PHE A 1 65  ? -10.482 -3.448  -0.934  1.00 37.40 ? 64  PHE A CE1 1 
ATOM   416 C  CE2 . PHE A 1 65  ? -10.804 -4.414  1.224   1.00 42.73 ? 64  PHE A CE2 1 
ATOM   417 C  CZ  . PHE A 1 65  ? -10.055 -4.299  0.076   1.00 34.82 ? 64  PHE A CZ  1 
ATOM   418 N  N   . VAL A 1 66  ? -15.626 -3.460  -2.343  1.00 37.63 ? 65  VAL A N   1 
ATOM   419 C  CA  . VAL A 1 66  ? -16.248 -4.681  -2.836  1.00 32.75 ? 65  VAL A CA  1 
ATOM   420 C  C   . VAL A 1 66  ? -15.264 -5.635  -3.504  1.00 37.70 ? 65  VAL A C   1 
ATOM   421 O  O   . VAL A 1 66  ? -14.130 -5.266  -3.791  1.00 38.98 ? 65  VAL A O   1 
ATOM   422 C  CB  . VAL A 1 66  ? -17.358 -4.356  -3.868  1.00 37.25 ? 65  VAL A CB  1 
ATOM   423 C  CG1 . VAL A 1 66  ? -18.468 -3.570  -3.220  1.00 39.08 ? 65  VAL A CG1 1 
ATOM   424 C  CG2 . VAL A 1 66  ? -16.777 -3.571  -5.033  1.00 37.87 ? 65  VAL A CG2 1 
ATOM   425 N  N   . GLU A 1 67  ? -15.723 -6.855  -3.768  1.00 33.89 ? 66  GLU A N   1 
ATOM   426 C  CA  A GLU A 1 67  ? -14.965 -7.841  -4.529  0.79 34.87 ? 66  GLU A CA  1 
ATOM   427 C  C   . GLU A 1 67  ? -14.326 -7.210  -5.761  1.00 38.63 ? 66  GLU A C   1 
ATOM   428 O  O   . GLU A 1 67  ? -15.003 -6.568  -6.555  1.00 37.77 ? 66  GLU A O   1 
ATOM   429 C  CB  A GLU A 1 67  ? -15.882 -8.989  -4.951  0.79 40.89 ? 66  GLU A CB  1 
ATOM   430 C  CG  A GLU A 1 67  ? -15.197 -10.218 -5.528  0.79 41.14 ? 66  GLU A CG  1 
ATOM   431 C  CD  A GLU A 1 67  ? -16.185 -11.370 -5.732  0.79 51.68 ? 66  GLU A CD  1 
ATOM   432 O  OE1 A GLU A 1 67  ? -17.400 -11.170 -5.471  0.79 47.79 ? 66  GLU A OE1 1 
ATOM   433 O  OE2 A GLU A 1 67  ? -15.756 -12.474 -6.151  0.79 54.97 ? 66  GLU A OE2 1 
ATOM   434 N  N   . GLY A 1 68  ? -13.018 -7.378  -5.912  1.00 41.27 ? 67  GLY A N   1 
ATOM   435 C  CA  . GLY A 1 68  ? -12.344 -6.894  -7.096  1.00 38.81 ? 67  GLY A CA  1 
ATOM   436 C  C   . GLY A 1 68  ? -10.845 -7.089  -7.092  1.00 37.99 ? 67  GLY A C   1 
ATOM   437 O  O   . GLY A 1 68  ? -10.272 -7.579  -6.129  1.00 37.13 ? 67  GLY A O   1 
ATOM   438 N  N   . ILE A 1 69  ? -10.214 -6.704  -8.193  1.00 35.72 ? 68  ILE A N   1 
ATOM   439 C  CA  . ILE A 1 69  ? -8.766  -6.671  -8.269  1.00 35.16 ? 68  ILE A CA  1 
ATOM   440 C  C   . ILE A 1 69  ? -8.284  -5.273  -7.945  1.00 33.52 ? 68  ILE A C   1 
ATOM   441 O  O   . ILE A 1 69  ? -8.730  -4.304  -8.562  1.00 32.00 ? 68  ILE A O   1 
ATOM   442 C  CB  . ILE A 1 69  ? -8.250  -7.076  -9.653  1.00 39.83 ? 68  ILE A CB  1 
ATOM   443 C  CG1 . ILE A 1 69  ? -8.578  -8.541  -9.919  1.00 40.28 ? 68  ILE A CG1 1 
ATOM   444 C  CG2 . ILE A 1 69  ? -6.735  -6.854  -9.745  1.00 39.10 ? 68  ILE A CG2 1 
ATOM   445 C  CD1 . ILE A 1 69  ? -8.244  -8.971  -11.314 1.00 40.77 ? 68  ILE A CD1 1 
ATOM   446 N  N   . TYR A 1 70  ? -7.383  -5.169  -6.971  1.00 31.37 ? 69  TYR A N   1 
ATOM   447 C  CA  . TYR A 1 70  ? -6.856  -3.870  -6.570  1.00 32.70 ? 69  TYR A CA  1 
ATOM   448 C  C   . TYR A 1 70  ? -5.350  -3.778  -6.773  1.00 34.42 ? 69  TYR A C   1 
ATOM   449 O  O   . TYR A 1 70  ? -4.631  -4.782  -6.761  1.00 34.44 ? 69  TYR A O   1 
ATOM   450 C  CB  . TYR A 1 70  ? -7.196  -3.569  -5.108  1.00 26.56 ? 69  TYR A CB  1 
ATOM   451 C  CG  . TYR A 1 70  ? -8.681  -3.467  -4.847  1.00 31.66 ? 69  TYR A CG  1 
ATOM   452 C  CD1 . TYR A 1 70  ? -9.494  -4.605  -4.849  1.00 29.96 ? 69  TYR A CD1 1 
ATOM   453 C  CD2 . TYR A 1 70  ? -9.275  -2.232  -4.605  1.00 31.69 ? 69  TYR A CD2 1 
ATOM   454 C  CE1 . TYR A 1 70  ? -10.862 -4.510  -4.621  1.00 33.82 ? 69  TYR A CE1 1 
ATOM   455 C  CE2 . TYR A 1 70  ? -10.633 -2.123  -4.373  1.00 32.65 ? 69  TYR A CE2 1 
ATOM   456 C  CZ  . TYR A 1 70  ? -11.426 -3.264  -4.387  1.00 36.71 ? 69  TYR A CZ  1 
ATOM   457 O  OH  . TYR A 1 70  ? -12.779 -3.145  -4.143  1.00 38.21 ? 69  TYR A OH  1 
ATOM   458 N  N   . LYS A 1 71  ? -4.885  -2.553  -6.946  1.00 34.97 ? 70  LYS A N   1 
ATOM   459 C  CA  . LYS A 1 71  ? -3.470  -2.267  -7.100  1.00 33.36 ? 70  LYS A CA  1 
ATOM   460 C  C   . LYS A 1 71  ? -3.080  -1.185  -6.100  1.00 34.17 ? 70  LYS A C   1 
ATOM   461 O  O   . LYS A 1 71  ? -3.668  -0.100  -6.097  1.00 32.50 ? 70  LYS A O   1 
ATOM   462 C  CB  . LYS A 1 71  ? -3.175  -1.828  -8.537  1.00 33.02 ? 70  LYS A CB  1 
ATOM   463 C  CG  . LYS A 1 71  ? -1.806  -1.204  -8.739  1.00 37.91 ? 70  LYS A CG  1 
ATOM   464 C  CD  . LYS A 1 71  ? -1.232  -1.591  -10.095 1.00 43.49 ? 70  LYS A CD  1 
ATOM   465 C  CE  . LYS A 1 71  ? -1.548  -0.585  -11.180 1.00 48.19 ? 70  LYS A CE  1 
ATOM   466 N  NZ  . LYS A 1 71  ? -0.605  -0.740  -12.342 1.00 52.81 ? 70  LYS A NZ  1 
ATOM   467 N  N   . VAL A 1 72  ? -2.112  -1.494  -5.238  1.00 32.58 ? 71  VAL A N   1 
ATOM   468 C  CA  . VAL A 1 72  ? -1.579  -0.537  -4.272  1.00 29.73 ? 71  VAL A CA  1 
ATOM   469 C  C   . VAL A 1 72  ? -0.191  -0.108  -4.731  1.00 36.82 ? 71  VAL A C   1 
ATOM   470 O  O   . VAL A 1 72  ? 0.702   -0.936  -4.896  1.00 40.94 ? 71  VAL A O   1 
ATOM   471 C  CB  . VAL A 1 72  ? -1.489  -1.131  -2.830  1.00 34.83 ? 71  VAL A CB  1 
ATOM   472 C  CG1 . VAL A 1 72  ? -0.955  -0.115  -1.852  1.00 32.31 ? 71  VAL A CG1 1 
ATOM   473 C  CG2 . VAL A 1 72  ? -2.852  -1.645  -2.353  1.00 30.46 ? 71  VAL A CG2 1 
ATOM   474 N  N   . GLU A 1 73  ? -0.008  1.182   -4.950  1.00 34.38 ? 72  GLU A N   1 
ATOM   475 C  CA  A GLU A 1 73  ? 1.264   1.679   -5.435  0.75 37.21 ? 72  GLU A CA  1 
ATOM   476 C  C   . GLU A 1 73  ? 1.878   2.561   -4.364  1.00 37.62 ? 72  GLU A C   1 
ATOM   477 O  O   . GLU A 1 73  ? 1.259   3.509   -3.885  1.00 32.77 ? 72  GLU A O   1 
ATOM   478 C  CB  A GLU A 1 73  ? 1.092   2.433   -6.757  0.75 38.01 ? 72  GLU A CB  1 
ATOM   479 C  CG  A GLU A 1 73  ? 2.397   2.857   -7.423  0.75 39.70 ? 72  GLU A CG  1 
ATOM   480 C  CD  A GLU A 1 73  ? 2.703   4.322   -7.213  0.75 43.80 ? 72  GLU A CD  1 
ATOM   481 O  OE1 A GLU A 1 73  ? 1.847   5.022   -6.622  0.75 49.35 ? 72  GLU A OE1 1 
ATOM   482 O  OE2 A GLU A 1 73  ? 3.787   4.780   -7.638  0.75 50.14 ? 72  GLU A OE2 1 
ATOM   483 N  N   . ILE A 1 74  ? 3.093   2.207   -3.972  1.00 31.54 ? 73  ILE A N   1 
ATOM   484 C  CA  . ILE A 1 74  ? 3.810   2.916   -2.938  1.00 37.91 ? 73  ILE A CA  1 
ATOM   485 C  C   . ILE A 1 74  ? 4.968   3.651   -3.568  1.00 34.84 ? 73  ILE A C   1 
ATOM   486 O  O   . ILE A 1 74  ? 5.765   3.045   -4.275  1.00 32.38 ? 73  ILE A O   1 
ATOM   487 C  CB  . ILE A 1 74  ? 4.320   1.953   -1.878  1.00 35.48 ? 73  ILE A CB  1 
ATOM   488 C  CG1 . ILE A 1 74  ? 3.151   1.104   -1.366  1.00 34.72 ? 73  ILE A CG1 1 
ATOM   489 C  CG2 . ILE A 1 74  ? 5.042   2.723   -0.757  1.00 34.88 ? 73  ILE A CG2 1 
ATOM   490 C  CD1 . ILE A 1 74  ? 3.508   0.137   -0.274  1.00 34.62 ? 73  ILE A CD1 1 
ATOM   491 N  N   . ASP A 1 75  ? 5.056   4.958   -3.350  1.00 31.96 ? 74  ASP A N   1 
ATOM   492 C  CA  . ASP A 1 75  ? 6.119   5.716   -4.016  1.00 37.12 ? 74  ASP A CA  1 
ATOM   493 C  C   . ASP A 1 75  ? 7.432   5.671   -3.245  1.00 36.64 ? 74  ASP A C   1 
ATOM   494 O  O   . ASP A 1 75  ? 7.801   6.623   -2.550  1.00 37.74 ? 74  ASP A O   1 
ATOM   495 C  CB  . ASP A 1 75  ? 5.724   7.172   -4.244  1.00 38.13 ? 74  ASP A CB  1 
ATOM   496 C  CG  . ASP A 1 75  ? 6.646   7.864   -5.237  1.00 50.11 ? 74  ASP A CG  1 
ATOM   497 O  OD1 . ASP A 1 75  ? 7.646   7.226   -5.684  1.00 47.30 ? 74  ASP A OD1 1 
ATOM   498 O  OD2 . ASP A 1 75  ? 6.376   9.039   -5.573  1.00 59.51 ? 74  ASP A OD2 1 
ATOM   499 N  N   . THR A 1 76  ? 8.155   4.573   -3.412  1.00 34.06 ? 75  THR A N   1 
ATOM   500 C  CA  . THR A 1 76  ? 9.366   4.344   -2.639  1.00 32.94 ? 75  THR A CA  1 
ATOM   501 C  C   . THR A 1 76  ? 10.468  5.319   -3.049  1.00 31.46 ? 75  THR A C   1 
ATOM   502 O  O   . THR A 1 76  ? 11.151  5.859   -2.204  1.00 30.28 ? 75  THR A O   1 
ATOM   503 C  CB  . THR A 1 76  ? 9.852   2.900   -2.806  1.00 31.04 ? 75  THR A CB  1 
ATOM   504 O  OG1 . THR A 1 76  ? 10.075  2.639   -4.194  1.00 31.79 ? 75  THR A OG1 1 
ATOM   505 C  CG2 . THR A 1 76  ? 8.793   1.925   -2.295  1.00 28.95 ? 75  THR A CG2 1 
ATOM   506 N  N   . LYS A 1 77  ? 10.617  5.552   -4.346  1.00 36.60 ? 76  LYS A N   1 
ATOM   507 C  CA  . LYS A 1 77  ? 11.616  6.492   -4.870  1.00 37.17 ? 76  LYS A CA  1 
ATOM   508 C  C   . LYS A 1 77  ? 11.608  7.861   -4.165  1.00 39.31 ? 76  LYS A C   1 
ATOM   509 O  O   . LYS A 1 77  ? 12.637  8.300   -3.648  1.00 44.01 ? 76  LYS A O   1 
ATOM   510 C  CB  . LYS A 1 77  ? 11.405  6.689   -6.359  1.00 34.79 ? 76  LYS A CB  1 
ATOM   511 C  CG  . LYS A 1 77  ? 12.440  7.575   -7.001  1.00 45.46 ? 76  LYS A CG  1 
ATOM   512 C  CD  . LYS A 1 77  ? 13.182  6.800   -8.078  1.00 44.25 ? 76  LYS A CD  1 
ATOM   513 C  CE  . LYS A 1 77  ? 13.821  7.737   -9.085  1.00 45.97 ? 76  LYS A CE  1 
ATOM   514 N  NZ  . LYS A 1 77  ? 14.496  6.970   -10.165 1.00 49.43 ? 76  LYS A NZ  1 
ATOM   515 N  N   . SER A 1 78  ? 10.452  8.516   -4.131  1.00 38.27 ? 77  SER A N   1 
ATOM   516 C  CA  . SER A 1 78  ? 10.299  9.798   -3.438  1.00 41.88 ? 77  SER A CA  1 
ATOM   517 C  C   . SER A 1 78  ? 10.664  9.732   -1.950  1.00 38.06 ? 77  SER A C   1 
ATOM   518 O  O   . SER A 1 78  ? 11.184  10.693  -1.383  1.00 39.79 ? 77  SER A O   1 
ATOM   519 C  CB  . SER A 1 78  ? 8.865   10.310  -3.583  1.00 40.83 ? 77  SER A CB  1 
ATOM   520 O  OG  . SER A 1 78  ? 8.581   10.651  -4.929  1.00 44.73 ? 77  SER A OG  1 
ATOM   521 N  N   . TYR A 1 79  ? 10.390  8.607   -1.311  1.00 36.35 ? 78  TYR A N   1 
ATOM   522 C  CA  . TYR A 1 79  ? 10.747  8.469   0.096   1.00 36.45 ? 78  TYR A CA  1 
ATOM   523 C  C   . TYR A 1 79  ? 12.245  8.513   0.275   1.00 38.11 ? 78  TYR A C   1 
ATOM   524 O  O   . TYR A 1 79  ? 12.749  9.209   1.155   1.00 38.35 ? 78  TYR A O   1 
ATOM   525 C  CB  . TYR A 1 79  ? 10.203  7.168   0.694   1.00 35.11 ? 78  TYR A CB  1 
ATOM   526 C  CG  . TYR A 1 79  ? 10.733  6.854   2.086   1.00 30.64 ? 78  TYR A CG  1 
ATOM   527 C  CD1 . TYR A 1 79  ? 10.236  7.510   3.210   1.00 31.19 ? 78  TYR A CD1 1 
ATOM   528 C  CD2 . TYR A 1 79  ? 11.720  5.889   2.276   1.00 33.43 ? 78  TYR A CD2 1 
ATOM   529 C  CE1 . TYR A 1 79  ? 10.722  7.212   4.498   1.00 33.98 ? 78  TYR A CE1 1 
ATOM   530 C  CE2 . TYR A 1 79  ? 12.202  5.579   3.551   1.00 31.79 ? 78  TYR A CE2 1 
ATOM   531 C  CZ  . TYR A 1 79  ? 11.706  6.248   4.655   1.00 37.83 ? 78  TYR A CZ  1 
ATOM   532 O  OH  . TYR A 1 79  ? 12.193  5.935   5.918   1.00 38.51 ? 78  TYR A OH  1 
ATOM   533 N  N   . TRP A 1 80  ? 12.960  7.758   -0.553  1.00 34.75 ? 79  TRP A N   1 
ATOM   534 C  CA  . TRP A 1 80  ? 14.392  7.653   -0.377  1.00 37.70 ? 79  TRP A CA  1 
ATOM   535 C  C   . TRP A 1 80  ? 15.074  8.994   -0.705  1.00 43.77 ? 79  TRP A C   1 
ATOM   536 O  O   . TRP A 1 80  ? 15.942  9.448   0.043   1.00 42.73 ? 79  TRP A O   1 
ATOM   537 C  CB  . TRP A 1 80  ? 14.968  6.521   -1.229  1.00 30.96 ? 79  TRP A CB  1 
ATOM   538 C  CG  . TRP A 1 80  ? 14.622  5.128   -0.727  1.00 39.45 ? 79  TRP A CG  1 
ATOM   539 C  CD1 . TRP A 1 80  ? 13.892  4.175   -1.385  1.00 33.72 ? 79  TRP A CD1 1 
ATOM   540 C  CD2 . TRP A 1 80  ? 14.994  4.550   0.533   1.00 33.26 ? 79  TRP A CD2 1 
ATOM   541 N  NE1 . TRP A 1 80  ? 13.796  3.036   -0.616  1.00 32.72 ? 79  TRP A NE1 1 
ATOM   542 C  CE2 . TRP A 1 80  ? 14.454  3.240   0.570   1.00 33.00 ? 79  TRP A CE2 1 
ATOM   543 C  CE3 . TRP A 1 80  ? 15.726  5.001   1.635   1.00 33.60 ? 79  TRP A CE3 1 
ATOM   544 C  CZ2 . TRP A 1 80  ? 14.621  2.385   1.667   1.00 27.18 ? 79  TRP A CZ2 1 
ATOM   545 C  CZ3 . TRP A 1 80  ? 15.891  4.155   2.724   1.00 31.80 ? 79  TRP A CZ3 1 
ATOM   546 C  CH2 . TRP A 1 80  ? 15.323  2.861   2.736   1.00 29.26 ? 79  TRP A CH2 1 
ATOM   547 N  N   . LYS A 1 81  ? 14.676  9.621   -1.808  1.00 35.88 ? 80  LYS A N   1 
ATOM   548 C  CA  . LYS A 1 81  ? 15.272  10.896  -2.219  1.00 44.65 ? 80  LYS A CA  1 
ATOM   549 C  C   . LYS A 1 81  ? 15.114  11.970  -1.137  1.00 46.32 ? 80  LYS A C   1 
ATOM   550 O  O   . LYS A 1 81  ? 16.071  12.681  -0.828  1.00 45.50 ? 80  LYS A O   1 
ATOM   551 C  CB  . LYS A 1 81  ? 14.670  11.365  -3.550  1.00 37.98 ? 80  LYS A CB  1 
ATOM   552 C  CG  . LYS A 1 81  ? 15.255  10.615  -4.745  1.00 44.17 ? 80  LYS A CG  1 
ATOM   553 C  CD  . LYS A 1 81  ? 14.518  10.906  -6.043  1.00 51.34 ? 80  LYS A CD  1 
ATOM   554 C  CE  . LYS A 1 81  ? 14.640  12.373  -6.454  1.00 63.28 ? 80  LYS A CE  1 
ATOM   555 N  NZ  . LYS A 1 81  ? 13.744  12.715  -7.607  1.00 57.48 ? 80  LYS A NZ  1 
ATOM   556 N  N   . ALA A 1 82  ? 13.933  12.049  -0.525  1.00 44.59 ? 81  ALA A N   1 
ATOM   557 C  CA  . ALA A 1 82  ? 13.693  13.003  0.561   1.00 42.30 ? 81  ALA A CA  1 
ATOM   558 C  C   . ALA A 1 82  ? 14.665  12.800  1.721   1.00 52.09 ? 81  ALA A C   1 
ATOM   559 O  O   . ALA A 1 82  ? 14.811  13.669  2.579   1.00 54.25 ? 81  ALA A O   1 
ATOM   560 C  CB  . ALA A 1 82  ? 12.245  12.896  1.063   1.00 40.94 ? 81  ALA A CB  1 
ATOM   561 N  N   . LEU A 1 83  ? 15.333  11.649  1.727   1.00 49.30 ? 82  LEU A N   1 
ATOM   562 C  CA  . LEU A 1 83  ? 16.267  11.264  2.784   1.00 47.48 ? 82  LEU A CA  1 
ATOM   563 C  C   . LEU A 1 83  ? 17.714  11.421  2.332   1.00 46.25 ? 82  LEU A C   1 
ATOM   564 O  O   . LEU A 1 83  ? 18.641  11.172  3.092   1.00 48.06 ? 82  LEU A O   1 
ATOM   565 C  CB  . LEU A 1 83  ? 16.019  9.807   3.203   1.00 49.17 ? 82  LEU A CB  1 
ATOM   566 C  CG  . LEU A 1 83  ? 15.274  9.481   4.498   1.00 49.95 ? 82  LEU A CG  1 
ATOM   567 C  CD1 . LEU A 1 83  ? 14.072  10.386  4.686   1.00 50.23 ? 82  LEU A CD1 1 
ATOM   568 C  CD2 . LEU A 1 83  ? 14.836  8.024   4.483   1.00 47.93 ? 82  LEU A CD2 1 
ATOM   569 N  N   . GLY A 1 84  ? 17.898  11.795  1.073   1.00 46.74 ? 83  GLY A N   1 
ATOM   570 C  CA  . GLY A 1 84  ? 19.224  11.922  0.513   1.00 42.95 ? 83  GLY A CA  1 
ATOM   571 C  C   . GLY A 1 84  ? 19.779  10.648  -0.078  1.00 43.88 ? 83  GLY A C   1 
ATOM   572 O  O   . GLY A 1 84  ? 20.989  10.506  -0.210  1.00 49.25 ? 83  GLY A O   1 
ATOM   573 N  N   . ILE A 1 85  ? 18.900  9.717   -0.443  1.00 50.42 ? 84  ILE A N   1 
ATOM   574 C  CA  . ILE A 1 85  ? 19.318  8.445   -1.037  1.00 39.32 ? 84  ILE A CA  1 
ATOM   575 C  C   . ILE A 1 85  ? 18.696  8.225   -2.403  1.00 41.86 ? 84  ILE A C   1 
ATOM   576 O  O   . ILE A 1 85  ? 17.483  8.414   -2.572  1.00 46.70 ? 84  ILE A O   1 
ATOM   577 C  CB  . ILE A 1 85  ? 18.942  7.251   -0.144  1.00 44.65 ? 84  ILE A CB  1 
ATOM   578 C  CG1 . ILE A 1 85  ? 19.601  7.380   1.228   1.00 47.92 ? 84  ILE A CG1 1 
ATOM   579 C  CG2 . ILE A 1 85  ? 19.320  5.937   -0.823  1.00 41.03 ? 84  ILE A CG2 1 
ATOM   580 C  CD1 . ILE A 1 85  ? 19.201  6.295   2.200   1.00 38.28 ? 84  ILE A CD1 1 
ATOM   581 N  N   . SER A 1 86  ? 19.521  7.823   -3.367  1.00 40.36 ? 85  SER A N   1 
ATOM   582 C  CA  . SER A 1 86  ? 19.050  7.417   -4.690  1.00 38.10 ? 85  SER A CA  1 
ATOM   583 C  C   . SER A 1 86  ? 18.842  5.898   -4.747  1.00 40.64 ? 85  SER A C   1 
ATOM   584 O  O   . SER A 1 86  ? 19.803  5.132   -4.833  1.00 39.09 ? 85  SER A O   1 
ATOM   585 C  CB  A SER A 1 86  ? 20.042  7.841   -5.780  0.94 41.79 ? 85  SER A CB  1 
ATOM   586 O  OG  A SER A 1 86  ? 20.464  9.182   -5.606  0.94 54.52 ? 85  SER A OG  1 
ATOM   587 N  N   . PRO A 1 87  ? 17.582  5.453   -4.714  1.00 44.54 ? 86  PRO A N   1 
ATOM   588 C  CA  . PRO A 1 87  ? 17.343  4.010   -4.610  1.00 40.84 ? 86  PRO A CA  1 
ATOM   589 C  C   . PRO A 1 87  ? 17.258  3.323   -5.954  1.00 39.60 ? 86  PRO A C   1 
ATOM   590 O  O   . PRO A 1 87  ? 17.342  3.949   -7.006  1.00 40.88 ? 86  PRO A O   1 
ATOM   591 C  CB  . PRO A 1 87  ? 15.995  3.940   -3.899  1.00 39.85 ? 86  PRO A CB  1 
ATOM   592 C  CG  . PRO A 1 87  ? 15.245  5.116   -4.496  1.00 40.05 ? 86  PRO A CG  1 
ATOM   593 C  CD  . PRO A 1 87  ? 16.317  6.217   -4.684  1.00 45.40 ? 86  PRO A CD  1 
ATOM   594 N  N   . PHE A 1 88  ? 17.042  2.019   -5.908  1.00 33.79 ? 87  PHE A N   1 
ATOM   595 C  CA  . PHE A 1 88  ? 16.948  1.226   -7.120  1.00 35.07 ? 87  PHE A CA  1 
ATOM   596 C  C   . PHE A 1 88  ? 15.593  1.305   -7.824  1.00 32.82 ? 87  PHE A C   1 
ATOM   597 O  O   . PHE A 1 88  ? 15.527  1.526   -9.024  1.00 37.15 ? 87  PHE A O   1 
ATOM   598 C  CB  . PHE A 1 88  ? 17.255  -0.220  -6.785  1.00 33.86 ? 87  PHE A CB  1 
ATOM   599 C  CG  . PHE A 1 88  ? 17.312  -1.097  -7.970  1.00 35.46 ? 87  PHE A CG  1 
ATOM   600 C  CD1 . PHE A 1 88  ? 18.324  -0.939  -8.901  1.00 34.12 ? 87  PHE A CD1 1 
ATOM   601 C  CD2 . PHE A 1 88  ? 16.359  -2.080  -8.163  1.00 28.69 ? 87  PHE A CD2 1 
ATOM   602 C  CE1 . PHE A 1 88  ? 18.400  -1.756  -10.006 1.00 35.68 ? 87  PHE A CE1 1 
ATOM   603 C  CE2 . PHE A 1 88  ? 16.419  -2.898  -9.265  1.00 34.11 ? 87  PHE A CE2 1 
ATOM   604 C  CZ  . PHE A 1 88  ? 17.452  -2.746  -10.192 1.00 33.78 ? 87  PHE A CZ  1 
ATOM   605 N  N   . HIS A 1 89  ? 14.512  1.104   -7.083  1.00 32.23 ? 88  HIS A N   1 
ATOM   606 C  CA  . HIS A 1 89  ? 13.186  0.972   -7.690  1.00 32.49 ? 88  HIS A CA  1 
ATOM   607 C  C   . HIS A 1 89  ? 12.499  2.301   -7.924  1.00 33.01 ? 88  HIS A C   1 
ATOM   608 O  O   . HIS A 1 89  ? 12.678  3.233   -7.144  1.00 34.13 ? 88  HIS A O   1 
ATOM   609 C  CB  . HIS A 1 89  ? 12.278  0.098   -6.808  1.00 28.67 ? 88  HIS A CB  1 
ATOM   610 C  CG  . HIS A 1 89  ? 12.838  -1.258  -6.527  1.00 29.02 ? 88  HIS A CG  1 
ATOM   611 N  ND1 . HIS A 1 89  ? 13.566  -1.538  -5.391  1.00 32.18 ? 88  HIS A ND1 1 
ATOM   612 C  CD2 . HIS A 1 89  ? 12.788  -2.408  -7.237  1.00 29.93 ? 88  HIS A CD2 1 
ATOM   613 C  CE1 . HIS A 1 89  ? 13.935  -2.811  -5.413  1.00 31.17 ? 88  HIS A CE1 1 
ATOM   614 N  NE2 . HIS A 1 89  ? 13.478  -3.357  -6.526  1.00 31.21 ? 88  HIS A NE2 1 
ATOM   615 N  N   . GLU A 1 90  ? 11.689  2.373   -8.984  1.00 37.54 ? 89  GLU A N   1 
ATOM   616 C  CA  . GLU A 1 90  ? 10.851  3.550   -9.260  1.00 36.58 ? 89  GLU A CA  1 
ATOM   617 C  C   . GLU A 1 90  ? 9.760   3.654   -8.201  1.00 36.90 ? 89  GLU A C   1 
ATOM   618 O  O   . GLU A 1 90  ? 9.321   4.736   -7.826  1.00 37.07 ? 89  GLU A O   1 
ATOM   619 C  CB  . GLU A 1 90  ? 10.206  3.472   -10.657 1.00 33.14 ? 89  GLU A CB  1 
ATOM   620 C  CG  . GLU A 1 90  ? 11.133  3.739   -11.833 1.00 39.56 ? 89  GLU A CG  1 
ATOM   621 C  CD  . GLU A 1 90  ? 11.777  5.123   -11.778 1.00 49.32 ? 89  GLU A CD  1 
ATOM   622 O  OE1 . GLU A 1 90  ? 11.043  6.135   -11.900 1.00 54.45 ? 89  GLU A OE1 1 
ATOM   623 O  OE2 . GLU A 1 90  ? 13.017  5.195   -11.606 1.00 43.75 ? 89  GLU A OE2 1 
ATOM   624 N  N   . HIS A 1 91  ? 9.321   2.494   -7.732  1.00 37.07 ? 90  HIS A N   1 
ATOM   625 C  CA  . HIS A 1 91  ? 8.267   2.407   -6.738  1.00 38.37 ? 90  HIS A CA  1 
ATOM   626 C  C   . HIS A 1 91  ? 7.946   0.959   -6.517  1.00 33.14 ? 90  HIS A C   1 
ATOM   627 O  O   . HIS A 1 91  ? 8.520   0.089   -7.162  1.00 35.15 ? 90  HIS A O   1 
ATOM   628 C  CB  . HIS A 1 91  ? 7.015   3.156   -7.184  1.00 37.73 ? 90  HIS A CB  1 
ATOM   629 C  CG  . HIS A 1 91  ? 6.487   2.698   -8.496  1.00 36.58 ? 90  HIS A CG  1 
ATOM   630 N  ND1 . HIS A 1 91  ? 6.294   1.363   -8.796  1.00 45.97 ? 90  HIS A ND1 1 
ATOM   631 C  CD2 . HIS A 1 91  ? 6.123   3.385   -9.601  1.00 40.13 ? 90  HIS A CD2 1 
ATOM   632 C  CE1 . HIS A 1 91  ? 5.824   1.253   -10.022 1.00 46.56 ? 90  HIS A CE1 1 
ATOM   633 N  NE2 . HIS A 1 91  ? 5.711   2.468   -10.536 1.00 47.42 ? 90  HIS A NE2 1 
ATOM   634 N  N   . ALA A 1 92  ? 7.007   0.704   -5.623  1.00 34.85 ? 91  ALA A N   1 
ATOM   635 C  CA  . ALA A 1 92  ? 6.593   -0.656  -5.339  1.00 37.13 ? 91  ALA A CA  1 
ATOM   636 C  C   . ALA A 1 92  ? 5.080   -0.775  -5.489  1.00 40.92 ? 91  ALA A C   1 
ATOM   637 O  O   . ALA A 1 92  ? 4.328   0.068   -5.004  1.00 42.92 ? 91  ALA A O   1 
ATOM   638 C  CB  . ALA A 1 92  ? 7.034   -1.063  -3.944  1.00 30.91 ? 91  ALA A CB  1 
ATOM   639 N  N   . GLU A 1 93  ? 4.621   -1.809  -6.178  1.00 36.00 ? 92  GLU A N   1 
ATOM   640 C  CA  . GLU A 1 93  ? 3.188   -1.980  -6.324  1.00 37.14 ? 92  GLU A CA  1 
ATOM   641 C  C   . GLU A 1 93  ? 2.772   -3.382  -5.930  1.00 36.49 ? 92  GLU A C   1 
ATOM   642 O  O   . GLU A 1 93  ? 3.487   -4.348  -6.178  1.00 40.54 ? 92  GLU A O   1 
ATOM   643 C  CB  . GLU A 1 93  ? 2.759   -1.670  -7.749  1.00 46.24 ? 92  GLU A CB  1 
ATOM   644 C  CG  . GLU A 1 93  ? 3.641   -2.293  -8.788  1.00 53.29 ? 92  GLU A CG  1 
ATOM   645 C  CD  . GLU A 1 93  ? 3.309   -1.790  -10.181 1.00 65.54 ? 92  GLU A CD  1 
ATOM   646 O  OE1 . GLU A 1 93  ? 2.099   -1.703  -10.513 1.00 63.13 ? 92  GLU A OE1 1 
ATOM   647 O  OE2 . GLU A 1 93  ? 4.262   -1.489  -10.944 1.00 66.39 ? 92  GLU A OE2 1 
ATOM   648 N  N   . VAL A 1 94  ? 1.631   -3.464  -5.264  1.00 31.07 ? 93  VAL A N   1 
ATOM   649 C  CA  . VAL A 1 94  ? 1.047   -4.730  -4.876  1.00 35.58 ? 93  VAL A CA  1 
ATOM   650 C  C   . VAL A 1 94  ? -0.284  -4.871  -5.605  1.00 36.02 ? 93  VAL A C   1 
ATOM   651 O  O   . VAL A 1 94  ? -1.148  -3.997  -5.512  1.00 36.79 ? 93  VAL A O   1 
ATOM   652 C  CB  . VAL A 1 94  ? 0.844   -4.823  -3.347  1.00 33.12 ? 93  VAL A CB  1 
ATOM   653 C  CG1 . VAL A 1 94  ? 0.049   -6.075  -2.966  1.00 35.64 ? 93  VAL A CG1 1 
ATOM   654 C  CG2 . VAL A 1 94  ? 2.180   -4.826  -2.644  1.00 35.83 ? 93  VAL A CG2 1 
ATOM   655 N  N   . VAL A 1 95  ? -0.431  -5.958  -6.350  1.00 33.72 ? 94  VAL A N   1 
ATOM   656 C  CA  . VAL A 1 95  ? -1.666  -6.253  -7.050  1.00 31.24 ? 94  VAL A CA  1 
ATOM   657 C  C   . VAL A 1 95  ? -2.317  -7.515  -6.490  1.00 34.85 ? 94  VAL A C   1 
ATOM   658 O  O   . VAL A 1 95  ? -1.687  -8.552  -6.401  1.00 30.12 ? 94  VAL A O   1 
ATOM   659 C  CB  . VAL A 1 95  ? -1.424  -6.449  -8.532  1.00 34.60 ? 94  VAL A CB  1 
ATOM   660 C  CG1 . VAL A 1 95  ? -2.756  -6.520  -9.255  1.00 32.35 ? 94  VAL A CG1 1 
ATOM   661 C  CG2 . VAL A 1 95  ? -0.572  -5.329  -9.073  1.00 35.83 ? 94  VAL A CG2 1 
ATOM   662 N  N   . PHE A 1 96  ? -3.591  -7.436  -6.136  1.00 32.31 ? 95  PHE A N   1 
ATOM   663 C  CA  . PHE A 1 96  ? -4.237  -8.568  -5.510  1.00 31.78 ? 95  PHE A CA  1 
ATOM   664 C  C   . PHE A 1 96  ? -5.747  -8.575  -5.681  1.00 34.57 ? 95  PHE A C   1 
ATOM   665 O  O   . PHE A 1 96  ? -6.363  -7.527  -5.834  1.00 32.61 ? 95  PHE A O   1 
ATOM   666 C  CB  . PHE A 1 96  ? -3.906  -8.585  -4.025  1.00 33.38 ? 95  PHE A CB  1 
ATOM   667 C  CG  . PHE A 1 96  ? -4.331  -7.337  -3.297  1.00 33.12 ? 95  PHE A CG  1 
ATOM   668 C  CD1 . PHE A 1 96  ? -3.551  -6.199  -3.332  1.00 33.18 ? 95  PHE A CD1 1 
ATOM   669 C  CD2 . PHE A 1 96  ? -5.506  -7.309  -2.569  1.00 31.19 ? 95  PHE A CD2 1 
ATOM   670 C  CE1 . PHE A 1 96  ? -3.943  -5.052  -2.660  1.00 33.78 ? 95  PHE A CE1 1 
ATOM   671 C  CE2 . PHE A 1 96  ? -5.892  -6.162  -1.896  1.00 29.25 ? 95  PHE A CE2 1 
ATOM   672 C  CZ  . PHE A 1 96  ? -5.108  -5.043  -1.941  1.00 27.24 ? 95  PHE A CZ  1 
ATOM   673 N  N   . THR A 1 97  ? -6.344  -9.763  -5.645  1.00 33.83 ? 96  THR A N   1 
ATOM   674 C  CA  . THR A 1 97  ? -7.790  -9.853  -5.595  1.00 34.28 ? 96  THR A CA  1 
ATOM   675 C  C   . THR A 1 97  ? -8.224  -9.698  -4.155  1.00 32.55 ? 96  THR A C   1 
ATOM   676 O  O   . THR A 1 97  ? -7.600  -10.241 -3.250  1.00 34.94 ? 96  THR A O   1 
ATOM   677 C  CB  . THR A 1 97  ? -8.318  -11.178 -6.159  1.00 41.75 ? 96  THR A CB  1 
ATOM   678 O  OG1 . THR A 1 97  ? -7.840  -11.348 -7.497  1.00 40.13 ? 96  THR A OG1 1 
ATOM   679 C  CG2 . THR A 1 97  ? -9.851  -11.183 -6.171  1.00 41.22 ? 96  THR A CG2 1 
ATOM   680 N  N   . ALA A 1 98  ? -9.292  -8.945  -3.943  1.00 31.52 ? 97  ALA A N   1 
ATOM   681 C  CA  . ALA A 1 98  ? -9.822  -8.735  -2.608  1.00 33.70 ? 97  ALA A CA  1 
ATOM   682 C  C   . ALA A 1 98  ? -11.279 -9.206  -2.493  1.00 38.45 ? 97  ALA A C   1 
ATOM   683 O  O   . ALA A 1 98  ? -12.063 -9.120  -3.446  1.00 36.42 ? 97  ALA A O   1 
ATOM   684 C  CB  . ALA A 1 98  ? -9.702  -7.276  -2.229  1.00 32.52 ? 97  ALA A CB  1 
ATOM   685 N  N   . ASN A 1 99  ? -11.609 -9.732  -1.318  1.00 40.31 ? 98  ASN A N   1 
ATOM   686 C  CA  . ASN A 1 99  ? -12.986 -10.032 -0.922  1.00 42.48 ? 98  ASN A CA  1 
ATOM   687 C  C   . ASN A 1 99  ? -13.700 -11.069 -1.789  1.00 39.55 ? 98  ASN A C   1 
ATOM   688 O  O   . ASN A 1 99  ? -14.922 -11.172 -1.757  1.00 44.72 ? 98  ASN A O   1 
ATOM   689 C  CB  . ASN A 1 99  ? -13.794 -8.726  -0.887  1.00 41.03 ? 98  ASN A CB  1 
ATOM   690 C  CG  . ASN A 1 99  ? -13.352 -7.817  0.236   1.00 41.90 ? 98  ASN A CG  1 
ATOM   691 O  OD1 . ASN A 1 99  ? -12.953 -8.287  1.297   1.00 43.97 ? 98  ASN A OD1 1 
ATOM   692 N  ND2 . ASN A 1 99  ? -13.408 -6.511  0.010   1.00 47.97 ? 98  ASN A ND2 1 
ATOM   693 N  N   . ASP A 1 100 ? -12.940 -11.845 -2.552  1.00 44.55 ? 99  ASP A N   1 
ATOM   694 C  CA  . ASP A 1 100 ? -13.525 -12.852 -3.430  1.00 45.68 ? 99  ASP A CA  1 
ATOM   695 C  C   . ASP A 1 100 ? -14.131 -14.034 -2.658  1.00 54.84 ? 99  ASP A C   1 
ATOM   696 O  O   . ASP A 1 100 ? -14.712 -14.942 -3.260  1.00 55.95 ? 99  ASP A O   1 
ATOM   697 C  CB  . ASP A 1 100 ? -12.480 -13.363 -4.430  1.00 47.42 ? 99  ASP A CB  1 
ATOM   698 C  CG  . ASP A 1 100 ? -11.258 -13.962 -3.753  1.00 56.69 ? 99  ASP A CG  1 
ATOM   699 O  OD1 . ASP A 1 100 ? -10.685 -13.312 -2.843  1.00 57.99 ? 99  ASP A OD1 1 
ATOM   700 O  OD2 . ASP A 1 100 ? -10.865 -15.087 -4.134  1.00 62.23 ? 99  ASP A OD2 1 
ATOM   701 N  N   . SER A 1 101 ? -13.985 -14.021 -1.333  1.00 52.80 ? 100 SER A N   1 
ATOM   702 C  CA  . SER A 1 101 ? -14.583 -15.038 -0.472  1.00 51.99 ? 100 SER A CA  1 
ATOM   703 C  C   . SER A 1 101 ? -15.237 -14.387 0.741   1.00 54.17 ? 100 SER A C   1 
ATOM   704 O  O   . SER A 1 101 ? -15.115 -14.875 1.862   1.00 59.50 ? 100 SER A O   1 
ATOM   705 C  CB  . SER A 1 101 ? -13.538 -16.053 -0.010  1.00 53.57 ? 100 SER A CB  1 
ATOM   706 O  OG  . SER A 1 101 ? -12.619 -16.352 -1.044  1.00 62.92 ? 100 SER A OG  1 
ATOM   707 N  N   . GLY A 1 102 ? -15.924 -13.277 0.517   1.00 50.36 ? 101 GLY A N   1 
ATOM   708 C  CA  . GLY A 1 102 ? -16.527 -12.544 1.609   1.00 47.61 ? 101 GLY A CA  1 
ATOM   709 C  C   . GLY A 1 102 ? -15.570 -11.493 2.115   1.00 48.74 ? 101 GLY A C   1 
ATOM   710 O  O   . GLY A 1 102 ? -14.378 -11.536 1.818   1.00 49.90 ? 101 GLY A O   1 
ATOM   711 N  N   . PRO A 1 103 ? -16.086 -10.550 2.906   1.00 47.23 ? 102 PRO A N   1 
ATOM   712 C  CA  . PRO A 1 103 ? -15.308 -9.400  3.366   1.00 47.80 ? 102 PRO A CA  1 
ATOM   713 C  C   . PRO A 1 103 ? -14.203 -9.787  4.334   1.00 48.08 ? 102 PRO A C   1 
ATOM   714 O  O   . PRO A 1 103 ? -14.425 -10.503 5.310   1.00 49.23 ? 102 PRO A O   1 
ATOM   715 C  CB  . PRO A 1 103 ? -16.358 -8.522  4.050   1.00 46.57 ? 102 PRO A CB  1 
ATOM   716 C  CG  . PRO A 1 103 ? -17.400 -9.481  4.498   1.00 43.66 ? 102 PRO A CG  1 
ATOM   717 C  CD  . PRO A 1 103 ? -17.447 -10.559 3.462   1.00 47.50 ? 102 PRO A CD  1 
ATOM   718 N  N   . ARG A 1 104 ? -13.001 -9.312  4.045   1.00 47.83 ? 103 ARG A N   1 
ATOM   719 C  CA  . ARG A 1 104 ? -11.883 -9.492  4.949   1.00 43.42 ? 103 ARG A CA  1 
ATOM   720 C  C   . ARG A 1 104 ? -11.306 -8.133  5.264   1.00 44.75 ? 103 ARG A C   1 
ATOM   721 O  O   . ARG A 1 104 ? -11.517 -7.170  4.523   1.00 40.93 ? 103 ARG A O   1 
ATOM   722 C  CB  . ARG A 1 104 ? -10.814 -10.387 4.332   1.00 45.64 ? 103 ARG A CB  1 
ATOM   723 C  CG  . ARG A 1 104 ? -11.300 -11.777 3.934   1.00 46.63 ? 103 ARG A CG  1 
ATOM   724 C  CD  . ARG A 1 104 ? -11.605 -12.608 5.165   1.00 52.10 ? 103 ARG A CD  1 
ATOM   725 N  NE  . ARG A 1 104 ? -11.876 -13.998 4.817   1.00 54.99 ? 103 ARG A NE  1 
ATOM   726 C  CZ  . ARG A 1 104 ? -13.088 -14.484 4.584   1.00 56.96 ? 103 ARG A CZ  1 
ATOM   727 N  NH1 . ARG A 1 104 ? -14.155 -13.695 4.663   1.00 55.99 ? 103 ARG A NH1 1 
ATOM   728 N  NH2 . ARG A 1 104 ? -13.233 -15.762 4.269   1.00 66.93 ? 103 ARG A NH2 1 
ATOM   729 N  N   . ARG A 1 105 ? -10.584 -8.052  6.370   1.00 46.38 ? 104 ARG A N   1 
ATOM   730 C  CA  . ARG A 1 105 ? -9.772  -6.882  6.655   1.00 43.55 ? 104 ARG A CA  1 
ATOM   731 C  C   . ARG A 1 105 ? -8.362  -7.141  6.146   1.00 43.66 ? 104 ARG A C   1 
ATOM   732 O  O   . ARG A 1 105 ? -7.787  -8.213  6.384   1.00 43.63 ? 104 ARG A O   1 
ATOM   733 C  CB  . ARG A 1 105 ? -9.765  -6.566  8.147   1.00 49.68 ? 104 ARG A CB  1 
ATOM   734 C  CG  . ARG A 1 105 ? -10.738 -5.468  8.536   1.00 57.37 ? 104 ARG A CG  1 
ATOM   735 C  CD  . ARG A 1 105 ? -10.475 -4.988  9.959   1.00 64.65 ? 104 ARG A CD  1 
ATOM   736 N  NE  . ARG A 1 105 ? -11.154 -5.830  10.937  1.00 69.64 ? 104 ARG A NE  1 
ATOM   737 C  CZ  . ARG A 1 105 ? -12.281 -5.493  11.556  1.00 75.62 ? 104 ARG A CZ  1 
ATOM   738 N  NH1 . ARG A 1 105 ? -12.852 -4.317  11.309  1.00 69.34 ? 104 ARG A NH1 1 
ATOM   739 N  NH2 . ARG A 1 105 ? -12.833 -6.329  12.430  1.00 79.33 ? 104 ARG A NH2 1 
ATOM   740 N  N   . TYR A 1 106 ? -7.804  -6.165  5.442   1.00 38.62 ? 105 TYR A N   1 
ATOM   741 C  CA  . TYR A 1 106 ? -6.498  -6.342  4.811   1.00 37.65 ? 105 TYR A CA  1 
ATOM   742 C  C   . TYR A 1 106 ? -5.451  -5.356  5.344   1.00 38.99 ? 105 TYR A C   1 
ATOM   743 O  O   . TYR A 1 106 ? -5.704  -4.161  5.471   1.00 37.05 ? 105 TYR A O   1 
ATOM   744 C  CB  . TYR A 1 106 ? -6.612  -6.188  3.288   1.00 33.71 ? 105 TYR A CB  1 
ATOM   745 C  CG  . TYR A 1 106 ? -7.384  -7.295  2.573   1.00 40.23 ? 105 TYR A CG  1 
ATOM   746 C  CD1 . TYR A 1 106 ? -8.781  -7.297  2.548   1.00 38.14 ? 105 TYR A CD1 1 
ATOM   747 C  CD2 . TYR A 1 106 ? -6.714  -8.320  1.898   1.00 34.71 ? 105 TYR A CD2 1 
ATOM   748 C  CE1 . TYR A 1 106 ? -9.490  -8.297  1.900   1.00 36.68 ? 105 TYR A CE1 1 
ATOM   749 C  CE2 . TYR A 1 106 ? -7.412  -9.324  1.244   1.00 33.61 ? 105 TYR A CE2 1 
ATOM   750 C  CZ  . TYR A 1 106 ? -8.808  -9.304  1.254   1.00 39.64 ? 105 TYR A CZ  1 
ATOM   751 O  OH  . TYR A 1 106 ? -9.526  -10.286 0.617   1.00 35.96 ? 105 TYR A OH  1 
ATOM   752 N  N   . THR A 1 107 ? -4.270  -5.867  5.664   1.00 39.35 ? 106 THR A N   1 
ATOM   753 C  CA  . THR A 1 107 ? -3.122  -5.002  5.905   1.00 38.14 ? 106 THR A CA  1 
ATOM   754 C  C   . THR A 1 107 ? -2.074  -5.330  4.867   1.00 31.63 ? 106 THR A C   1 
ATOM   755 O  O   . THR A 1 107 ? -1.635  -6.464  4.767   1.00 34.42 ? 106 THR A O   1 
ATOM   756 C  CB  . THR A 1 107 ? -2.513  -5.171  7.319   1.00 38.99 ? 106 THR A CB  1 
ATOM   757 O  OG1 . THR A 1 107 ? -3.504  -4.885  8.310   1.00 44.48 ? 106 THR A OG1 1 
ATOM   758 C  CG2 . THR A 1 107 ? -1.319  -4.210  7.522   1.00 41.38 ? 106 THR A CG2 1 
ATOM   759 N  N   . ILE A 1 108 ? -1.694  -4.345  4.070   1.00 34.41 ? 107 ILE A N   1 
ATOM   760 C  CA  . ILE A 1 108 ? -0.561  -4.519  3.181   1.00 30.35 ? 107 ILE A CA  1 
ATOM   761 C  C   . ILE A 1 108 ? 0.653   -3.891  3.866   1.00 34.61 ? 107 ILE A C   1 
ATOM   762 O  O   . ILE A 1 108 ? 0.643   -2.708  4.199   1.00 32.95 ? 107 ILE A O   1 
ATOM   763 C  CB  . ILE A 1 108 ? -0.797  -3.878  1.817   1.00 35.86 ? 107 ILE A CB  1 
ATOM   764 C  CG1 . ILE A 1 108 ? -2.168  -4.295  1.253   1.00 37.52 ? 107 ILE A CG1 1 
ATOM   765 C  CG2 . ILE A 1 108 ? 0.342   -4.219  0.865   1.00 32.99 ? 107 ILE A CG2 1 
ATOM   766 C  CD1 . ILE A 1 108 ? -2.295  -5.770  0.944   1.00 28.01 ? 107 ILE A CD1 1 
ATOM   767 N  N   . ALA A 1 109 ? 1.670   -4.705  4.130   1.00 35.83 ? 108 ALA A N   1 
ATOM   768 C  CA  . ALA A 1 109 ? 2.905   -4.233  4.736   1.00 29.26 ? 108 ALA A CA  1 
ATOM   769 C  C   . ALA A 1 109 ? 4.021   -4.305  3.716   1.00 30.53 ? 108 ALA A C   1 
ATOM   770 O  O   . ALA A 1 109 ? 4.054   -5.225  2.888   1.00 30.74 ? 108 ALA A O   1 
ATOM   771 C  CB  . ALA A 1 109 ? 3.251   -5.064  5.964   1.00 30.50 ? 108 ALA A CB  1 
ATOM   772 N  N   . ALA A 1 110 ? 4.915   -3.320  3.765   1.00 26.82 ? 109 ALA A N   1 
ATOM   773 C  CA  . ALA A 1 110 ? 6.132   -3.314  2.965   1.00 30.09 ? 109 ALA A CA  1 
ATOM   774 C  C   . ALA A 1 110 ? 7.364   -2.891  3.775   1.00 28.58 ? 109 ALA A C   1 
ATOM   775 O  O   . ALA A 1 110 ? 7.349   -1.855  4.439   1.00 26.23 ? 109 ALA A O   1 
ATOM   776 C  CB  . ALA A 1 110 ? 5.966   -2.382  1.765   1.00 28.19 ? 109 ALA A CB  1 
ATOM   777 N  N   . LEU A 1 111 ? 8.432   -3.676  3.676   1.00 29.11 ? 110 LEU A N   1 
ATOM   778 C  CA  . LEU A 1 111 ? 9.726   -3.356  4.278   1.00 27.22 ? 110 LEU A CA  1 
ATOM   779 C  C   . LEU A 1 111 ? 10.683  -2.956  3.177   1.00 27.75 ? 110 LEU A C   1 
ATOM   780 O  O   . LEU A 1 111 ? 10.878  -3.722  2.240   1.00 25.28 ? 110 LEU A O   1 
ATOM   781 C  CB  . LEU A 1 111 ? 10.281  -4.545  5.050   1.00 26.95 ? 110 LEU A CB  1 
ATOM   782 C  CG  . LEU A 1 111 ? 11.615  -4.456  5.783   1.00 31.24 ? 110 LEU A CG  1 
ATOM   783 C  CD1 . LEU A 1 111 ? 11.561  -3.425  6.938   1.00 28.81 ? 110 LEU A CD1 1 
ATOM   784 C  CD2 . LEU A 1 111 ? 12.001  -5.839  6.319   1.00 34.52 ? 110 LEU A CD2 1 
ATOM   785 N  N   . LEU A 1 112 ? 11.279  -1.767  3.296   1.00 25.60 ? 111 LEU A N   1 
ATOM   786 C  CA  . LEU A 1 112 ? 12.074  -1.179  2.213   1.00 24.97 ? 111 LEU A CA  1 
ATOM   787 C  C   . LEU A 1 112 ? 13.577  -1.019  2.495   1.00 25.89 ? 111 LEU A C   1 
ATOM   788 O  O   . LEU A 1 112 ? 13.983  -0.659  3.590   1.00 30.09 ? 111 LEU A O   1 
ATOM   789 C  CB  . LEU A 1 112 ? 11.535  0.208   1.870   1.00 29.57 ? 111 LEU A CB  1 
ATOM   790 C  CG  . LEU A 1 112 ? 10.045  0.480   1.774   1.00 28.46 ? 111 LEU A CG  1 
ATOM   791 C  CD1 . LEU A 1 112 ? 9.831   1.983   1.510   1.00 27.55 ? 111 LEU A CD1 1 
ATOM   792 C  CD2 . LEU A 1 112 ? 9.424   -0.370  0.677   1.00 24.32 ? 111 LEU A CD2 1 
ATOM   793 N  N   . SER A 1 113 ? 14.389  -1.272  1.477   1.00 30.01 ? 112 SER A N   1 
ATOM   794 C  CA  . SER A 1 113 ? 15.789  -0.894  1.465   1.00 26.76 ? 112 SER A CA  1 
ATOM   795 C  C   . SER A 1 113 ? 16.030  -0.293  0.103   1.00 26.27 ? 112 SER A C   1 
ATOM   796 O  O   . SER A 1 113 ? 15.219  -0.461  -0.788  1.00 27.21 ? 112 SER A O   1 
ATOM   797 C  CB  . SER A 1 113 ? 16.719  -2.085  1.705   1.00 27.56 ? 112 SER A CB  1 
ATOM   798 O  OG  . SER A 1 113 ? 16.486  -2.674  2.971   1.00 34.99 ? 112 SER A OG  1 
ATOM   799 N  N   . PRO A 1 114 ? 17.148  0.409   -0.073  1.00 30.06 ? 113 PRO A N   1 
ATOM   800 C  CA  . PRO A 1 114 ? 17.388  1.048   -1.372  1.00 27.29 ? 113 PRO A CA  1 
ATOM   801 C  C   . PRO A 1 114 ? 17.341  0.048   -2.526  1.00 29.06 ? 113 PRO A C   1 
ATOM   802 O  O   . PRO A 1 114 ? 16.760  0.377   -3.551  1.00 27.45 ? 113 PRO A O   1 
ATOM   803 C  CB  . PRO A 1 114 ? 18.790  1.640   -1.225  1.00 33.14 ? 113 PRO A CB  1 
ATOM   804 C  CG  . PRO A 1 114 ? 18.990  1.765   0.274   1.00 35.52 ? 113 PRO A CG  1 
ATOM   805 C  CD  . PRO A 1 114 ? 18.250  0.619   0.882   1.00 26.41 ? 113 PRO A CD  1 
ATOM   806 N  N   . TYR A 1 115 ? 17.900  -1.149  -2.359  1.00 26.31 ? 114 TYR A N   1 
ATOM   807 C  CA  . TYR A 1 115 ? 17.961  -2.109  -3.462  1.00 28.31 ? 114 TYR A CA  1 
ATOM   808 C  C   . TYR A 1 115 ? 17.066  -3.325  -3.296  1.00 29.39 ? 114 TYR A C   1 
ATOM   809 O  O   . TYR A 1 115 ? 17.184  -4.289  -4.045  1.00 30.61 ? 114 TYR A O   1 
ATOM   810 C  CB  . TYR A 1 115 ? 19.392  -2.581  -3.668  1.00 28.94 ? 114 TYR A CB  1 
ATOM   811 C  CG  . TYR A 1 115 ? 20.162  -1.614  -4.508  1.00 31.69 ? 114 TYR A CG  1 
ATOM   812 C  CD1 . TYR A 1 115 ? 20.556  -0.397  -3.983  1.00 31.93 ? 114 TYR A CD1 1 
ATOM   813 C  CD2 . TYR A 1 115 ? 20.459  -1.889  -5.832  1.00 30.95 ? 114 TYR A CD2 1 
ATOM   814 C  CE1 . TYR A 1 115 ? 21.229  0.514   -4.746  1.00 38.60 ? 114 TYR A CE1 1 
ATOM   815 C  CE2 . TYR A 1 115 ? 21.153  -0.982  -6.611  1.00 30.72 ? 114 TYR A CE2 1 
ATOM   816 C  CZ  . TYR A 1 115 ? 21.533  0.224   -6.055  1.00 41.16 ? 114 TYR A CZ  1 
ATOM   817 O  OH  . TYR A 1 115 ? 22.227  1.167   -6.789  1.00 57.60 ? 114 TYR A OH  1 
ATOM   818 N  N   . SER A 1 116 ? 16.152  -3.273  -2.342  1.00 27.96 ? 115 SER A N   1 
ATOM   819 C  CA  . SER A 1 116 ? 15.344  -4.450  -2.034  1.00 31.15 ? 115 SER A CA  1 
ATOM   820 C  C   . SER A 1 116 ? 14.050  -4.019  -1.386  1.00 30.36 ? 115 SER A C   1 
ATOM   821 O  O   . SER A 1 116 ? 13.983  -2.936  -0.762  1.00 27.58 ? 115 SER A O   1 
ATOM   822 C  CB  . SER A 1 116 ? 16.112  -5.405  -1.102  1.00 33.87 ? 115 SER A CB  1 
ATOM   823 O  OG  . SER A 1 116 ? 15.505  -6.697  -1.036  1.00 39.24 ? 115 SER A OG  1 
ATOM   824 N  N   . TYR A 1 117 ? 13.009  -4.827  -1.546  1.00 25.47 ? 116 TYR A N   1 
ATOM   825 C  CA  . TYR A 1 117 ? 11.824  -4.652  -0.712  1.00 24.72 ? 116 TYR A CA  1 
ATOM   826 C  C   . TYR A 1 117 ? 11.037  -5.929  -0.563  1.00 29.30 ? 116 TYR A C   1 
ATOM   827 O  O   . TYR A 1 117 ? 11.089  -6.848  -1.385  1.00 26.04 ? 116 TYR A O   1 
ATOM   828 C  CB  . TYR A 1 117 ? 10.911  -3.529  -1.230  1.00 28.92 ? 116 TYR A CB  1 
ATOM   829 C  CG  . TYR A 1 117 ? 10.223  -3.768  -2.544  1.00 27.09 ? 116 TYR A CG  1 
ATOM   830 C  CD1 . TYR A 1 117 ? 9.031   -4.466  -2.609  1.00 30.96 ? 116 TYR A CD1 1 
ATOM   831 C  CD2 . TYR A 1 117 ? 10.751  -3.254  -3.726  1.00 33.55 ? 116 TYR A CD2 1 
ATOM   832 C  CE1 . TYR A 1 117 ? 8.390   -4.673  -3.823  1.00 32.91 ? 116 TYR A CE1 1 
ATOM   833 C  CE2 . TYR A 1 117 ? 10.121  -3.442  -4.933  1.00 34.37 ? 116 TYR A CE2 1 
ATOM   834 C  CZ  . TYR A 1 117 ? 8.942   -4.159  -4.973  1.00 32.97 ? 116 TYR A CZ  1 
ATOM   835 O  OH  . TYR A 1 117 ? 8.316   -4.352  -6.173  1.00 47.01 ? 116 TYR A OH  1 
ATOM   836 N  N   . SER A 1 118 ? 10.303  -5.975  0.525   1.00 29.02 ? 117 SER A N   1 
ATOM   837 C  CA  A SER A 1 118 ? 9.539   -7.149  0.841   0.91 30.12 ? 117 SER A CA  1 
ATOM   838 C  C   . SER A 1 118 ? 8.119   -6.700  1.134   1.00 29.90 ? 117 SER A C   1 
ATOM   839 O  O   . SER A 1 118 ? 7.904   -5.628  1.687   1.00 29.86 ? 117 SER A O   1 
ATOM   840 C  CB  A SER A 1 118 ? 10.175  -7.882  2.022   0.91 30.87 ? 117 SER A CB  1 
ATOM   841 O  OG  A SER A 1 118 ? 9.448   -9.061  2.340   0.91 45.70 ? 117 SER A OG  1 
ATOM   842 N  N   . THR A 1 119 ? 7.147   -7.500  0.739   1.00 27.99 ? 118 THR A N   1 
ATOM   843 C  CA  . THR A 1 119 ? 5.777   -7.168  1.016   1.00 27.38 ? 118 THR A CA  1 
ATOM   844 C  C   . THR A 1 119 ? 5.048   -8.395  1.516   1.00 32.39 ? 118 THR A C   1 
ATOM   845 O  O   . THR A 1 119 ? 5.344   -9.516  1.115   1.00 34.11 ? 118 THR A O   1 
ATOM   846 C  CB  . THR A 1 119 ? 5.074   -6.618  -0.239  1.00 32.58 ? 118 THR A CB  1 
ATOM   847 O  OG1 . THR A 1 119 ? 3.783   -6.124  0.122   1.00 29.13 ? 118 THR A OG1 1 
ATOM   848 C  CG2 . THR A 1 119 ? 4.907   -7.700  -1.281  1.00 28.78 ? 118 THR A CG2 1 
ATOM   849 N  N   . THR A 1 120 ? 4.106   -8.193  2.415   1.00 29.77 ? 119 THR A N   1 
ATOM   850 C  CA  . THR A 1 120 ? 3.244   -9.273  2.822   1.00 30.61 ? 119 THR A CA  1 
ATOM   851 C  C   . THR A 1 120 ? 1.830   -8.746  3.066   1.00 35.80 ? 119 THR A C   1 
ATOM   852 O  O   . THR A 1 120 ? 1.609   -7.546  3.228   1.00 29.56 ? 119 THR A O   1 
ATOM   853 C  CB  . THR A 1 120 ? 3.769   -9.968  4.095   1.00 33.64 ? 119 THR A CB  1 
ATOM   854 O  OG1 . THR A 1 120 ? 3.102   -11.227 4.263   1.00 38.14 ? 119 THR A OG1 1 
ATOM   855 C  CG2 . THR A 1 120 ? 3.547   -9.094  5.331   1.00 32.14 ? 119 THR A CG2 1 
ATOM   856 N  N   . ALA A 1 121 ? 0.865   -9.650  3.100   1.00 28.33 ? 120 ALA A N   1 
ATOM   857 C  CA  . ALA A 1 121 ? -0.489  -9.246  3.430   1.00 34.46 ? 120 ALA A CA  1 
ATOM   858 C  C   . ALA A 1 121 ? -0.968  -9.969  4.684   1.00 35.28 ? 120 ALA A C   1 
ATOM   859 O  O   . ALA A 1 121 ? -0.755  -11.166 4.836   1.00 33.60 ? 120 ALA A O   1 
ATOM   860 C  CB  . ALA A 1 121 ? -1.418  -9.517  2.255   1.00 28.23 ? 120 ALA A CB  1 
ATOM   861 N  N   . VAL A 1 122 ? -1.592  -9.235  5.598   1.00 38.59 ? 121 VAL A N   1 
ATOM   862 C  CA  . VAL A 1 122 ? -2.274  -9.867  6.725   1.00 38.63 ? 121 VAL A CA  1 
ATOM   863 C  C   . VAL A 1 122 ? -3.781  -9.798  6.472   1.00 37.03 ? 121 VAL A C   1 
ATOM   864 O  O   . VAL A 1 122 ? -4.362  -8.715  6.412   1.00 38.25 ? 121 VAL A O   1 
ATOM   865 C  CB  . VAL A 1 122 ? -1.939  -9.195  8.068   1.00 32.93 ? 121 VAL A CB  1 
ATOM   866 C  CG1 . VAL A 1 122 ? -2.492  -10.041 9.218   1.00 37.71 ? 121 VAL A CG1 1 
ATOM   867 C  CG2 . VAL A 1 122 ? -0.431  -9.014  8.214   1.00 33.34 ? 121 VAL A CG2 1 
ATOM   868 N  N   . VAL A 1 123 ? -4.402  -10.955 6.311   1.00 40.46 ? 122 VAL A N   1 
ATOM   869 C  CA  . VAL A 1 123 ? -5.802  -11.033 5.927   1.00 43.94 ? 122 VAL A CA  1 
ATOM   870 C  C   . VAL A 1 123 ? -6.610  -11.743 6.995   1.00 44.31 ? 122 VAL A C   1 
ATOM   871 O  O   . VAL A 1 123 ? -6.412  -12.930 7.226   1.00 47.76 ? 122 VAL A O   1 
ATOM   872 C  CB  . VAL A 1 123 ? -5.973  -11.783 4.604   1.00 37.07 ? 122 VAL A CB  1 
ATOM   873 C  CG1 . VAL A 1 123 ? -7.445  -11.865 4.227   1.00 41.87 ? 122 VAL A CG1 1 
ATOM   874 C  CG2 . VAL A 1 123 ? -5.170  -11.110 3.514   1.00 39.49 ? 122 VAL A CG2 1 
ATOM   875 N  N   . THR A 1 124 ? -7.531  -11.022 7.627   1.00 44.51 ? 123 THR A N   1 
ATOM   876 C  CA  . THR A 1 124 ? -8.318  -11.578 8.722   1.00 49.36 ? 123 THR A CA  1 
ATOM   877 C  C   . THR A 1 124 ? -9.835  -11.487 8.505   1.00 53.95 ? 123 THR A C   1 
ATOM   878 O  O   . THR A 1 124 ? -10.328 -10.614 7.789   1.00 51.87 ? 123 THR A O   1 
ATOM   879 C  CB  . THR A 1 124 ? -7.985  -10.872 10.023  1.00 53.43 ? 123 THR A CB  1 
ATOM   880 O  OG1 . THR A 1 124 ? -8.243  -9.473  9.857   1.00 54.43 ? 123 THR A OG1 1 
ATOM   881 C  CG2 . THR A 1 124 ? -6.505  -11.083 10.389  1.00 50.77 ? 123 THR A CG2 1 
ATOM   882 N  N   . ASN A 1 125 ? -10.565 -12.401 9.141   1.00 58.28 ? 124 ASN A N   1 
ATOM   883 C  CA  . ASN A 1 125 ? -12.019 -12.449 9.065   1.00 57.55 ? 124 ASN A CA  1 
ATOM   884 C  C   . ASN A 1 125 ? -12.646 -11.786 10.284  1.00 60.57 ? 124 ASN A C   1 
ATOM   885 O  O   . ASN A 1 125 ? -12.490 -12.268 11.397  1.00 59.91 ? 124 ASN A O   1 
ATOM   886 C  CB  . ASN A 1 125 ? -12.491 -13.900 8.948   1.00 62.76 ? 124 ASN A CB  1 
ATOM   887 C  CG  . ASN A 1 125 ? -13.980 -14.017 8.659   1.00 60.66 ? 124 ASN A CG  1 
ATOM   888 O  OD1 . ASN A 1 125 ? -14.793 -13.243 9.162   1.00 58.86 ? 124 ASN A OD1 1 
ATOM   889 N  ND2 . ASN A 1 125 ? -14.342 -15.002 7.847   1.00 65.54 ? 124 ASN A ND2 1 
ATOM   890 N  N   . PRO A 1 126 ? -13.374 -10.682 10.070  1.00 64.51 ? 125 PRO A N   1 
ATOM   891 C  CA  . PRO A 1 126 ? -13.942 -9.894  11.168  1.00 66.46 ? 125 PRO A CA  1 
ATOM   892 C  C   . PRO A 1 126 ? -15.275 -10.453 11.658  1.00 69.96 ? 125 PRO A C   1 
ATOM   893 O  O   . PRO A 1 126 ? -15.593 -10.261 12.832  1.00 70.70 ? 125 PRO A O   1 
ATOM   894 C  CB  . PRO A 1 126 ? -14.126 -8.519  10.534  1.00 67.71 ? 125 PRO A CB  1 
ATOM   895 C  CG  . PRO A 1 126 ? -14.462 -8.837  9.112   1.00 66.40 ? 125 PRO A CG  1 
ATOM   896 C  CD  . PRO A 1 126 ? -13.724 -10.117 8.756   1.00 59.13 ? 125 PRO A CD  1 
HETATM 897 C  C01 . S2L B 2 .   ? 3.485   -4.616  12.036  0.50 45.83 ? 200 S2L A C01 1 
HETATM 898 C  C02 . S2L B 2 .   ? 3.013   -5.345  10.954  0.50 44.60 ? 200 S2L A C02 1 
HETATM 899 C  C03 . S2L B 2 .   ? 3.961   -5.912  10.113  0.50 43.65 ? 200 S2L A C03 1 
HETATM 900 C  C04 . S2L B 2 .   ? 5.333   -5.792  10.310  0.50 42.62 ? 200 S2L A C04 1 
HETATM 901 C  C05 . S2L B 2 .   ? 5.726   -5.046  11.416  0.50 42.93 ? 200 S2L A C05 1 
HETATM 902 C  C06 . S2L B 2 .   ? 4.838   -4.447  12.296  0.50 44.71 ? 200 S2L A C06 1 
HETATM 903 O  O01 . S2L B 2 .   ? 5.305   -3.710  13.401  0.50 46.84 ? 200 S2L A O01 1 
HETATM 904 C  C07 . S2L B 2 .   ? 6.475   -6.349  9.479   0.50 39.23 ? 200 S2L A C07 1 
HETATM 905 C  C08 . S2L B 2 .   ? 6.346   -7.149  8.408   0.50 39.44 ? 200 S2L A C08 1 
HETATM 906 C  C09 . S2L B 2 .   ? 7.473   -7.708  7.555   0.50 33.80 ? 200 S2L A C09 1 
HETATM 907 C  C10 . S2L B 2 .   ? 7.312   -7.514  6.191   0.50 33.65 ? 200 S2L A C10 1 
HETATM 908 C  C11 . S2L B 2 .   ? 8.198   -7.940  5.216   0.50 33.18 ? 200 S2L A C11 1 
HETATM 909 C  C12 . S2L B 2 .   ? 9.358   -8.612  5.555   0.50 33.27 ? 200 S2L A C12 1 
HETATM 910 C  C13 . S2L B 2 .   ? 9.548   -8.818  6.901   0.50 33.35 ? 200 S2L A C13 1 
HETATM 911 C  C14 . S2L B 2 .   ? 8.647   -8.390  7.852   0.50 33.66 ? 200 S2L A C14 1 
HETATM 912 CL CL1 . S2L B 2 .   ? 9.067   -8.774  9.563   0.50 35.10 ? 200 S2L A CL1 1 
HETATM 913 O  O02 . S2L B 2 .   ? 10.261  -9.042  4.592   0.50 38.79 ? 200 S2L A O02 1 
HETATM 914 O  O03 . S2L B 2 .   ? 1.645   -5.519  10.681  0.50 47.05 ? 200 S2L A O03 1 
HETATM 915 O  O   . HOH C 3 .   ? 9.392   -2.027  -8.142  1.00 33.85 ? 301 HOH A O   1 
HETATM 916 O  O   . HOH C 3 .   ? 12.522  3.162   -4.411  1.00 32.19 ? 302 HOH A O   1 
HETATM 917 O  O   . HOH C 3 .   ? 14.206  0.971   -3.934  1.00 30.27 ? 303 HOH A O   1 
HETATM 918 O  O   . HOH C 3 .   ? -14.457 -5.556  4.514   1.00 56.61 ? 304 HOH A O   1 
HETATM 919 O  O   . HOH C 3 .   ? 12.734  0.484   -1.545  1.00 30.67 ? 305 HOH A O   1 
HETATM 920 O  O   . HOH C 3 .   ? -3.134  10.889  3.874   1.00 32.60 ? 306 HOH A O   1 
HETATM 921 O  O   . HOH C 3 .   ? 21.707  2.132   9.899   1.00 37.07 ? 307 HOH A O   1 
HETATM 922 O  O   . HOH C 3 .   ? -12.121 -5.417  -10.132 1.00 32.99 ? 308 HOH A O   1 
HETATM 923 O  O   . HOH C 3 .   ? -5.127  11.075  -6.363  1.00 47.61 ? 309 HOH A O   1 
HETATM 924 O  O   . HOH C 3 .   ? 7.486   7.313   15.818  1.00 42.75 ? 310 HOH A O   1 
HETATM 925 O  O   . HOH C 3 .   ? 20.489  8.386   6.168   1.00 47.02 ? 311 HOH A O   1 
# 
loop_
_pdbx_poly_seq_scheme.asym_id 
_pdbx_poly_seq_scheme.entity_id 
_pdbx_poly_seq_scheme.seq_id 
_pdbx_poly_seq_scheme.mon_id 
_pdbx_poly_seq_scheme.ndb_seq_num 
_pdbx_poly_seq_scheme.pdb_seq_num 
_pdbx_poly_seq_scheme.auth_seq_num 
_pdbx_poly_seq_scheme.pdb_mon_id 
_pdbx_poly_seq_scheme.auth_mon_id 
_pdbx_poly_seq_scheme.pdb_strand_id 
_pdbx_poly_seq_scheme.pdb_ins_code 
_pdbx_poly_seq_scheme.hetero 
A 1 1   MET 1   0   ?   ?   ?   A . n 
A 1 2   GLY 2   1   ?   ?   ?   A . n 
A 1 3   PRO 3   2   ?   ?   ?   A . n 
A 1 4   THR 4   3   ?   ?   ?   A . n 
A 1 5   GLY 5   4   ?   ?   ?   A . n 
A 1 6   THR 6   5   ?   ?   ?   A . n 
A 1 7   GLY 7   6   ?   ?   ?   A . n 
A 1 8   GLU 8   7   ?   ?   ?   A . n 
A 1 9   SER 9   8   ?   ?   ?   A . n 
A 1 10  LYS 10  9   ?   ?   ?   A . n 
A 1 11  CYS 11  10  10  CYS CYS A . n 
A 1 12  PRO 12  11  11  PRO PRO A . n 
A 1 13  LEU 13  12  12  LEU LEU A . n 
A 1 14  MET 14  13  13  MET MET A . n 
A 1 15  VAL 15  14  14  VAL VAL A . n 
A 1 16  LYS 16  15  15  LYS LYS A . n 
A 1 17  VAL 17  16  16  VAL VAL A . n 
A 1 18  LEU 18  17  17  LEU LEU A . n 
A 1 19  ASP 19  18  18  ASP ASP A . n 
A 1 20  ALA 20  19  19  ALA ALA A . n 
A 1 21  VAL 21  20  20  VAL VAL A . n 
A 1 22  ARG 22  21  21  ARG ARG A . n 
A 1 23  GLY 23  22  22  GLY GLY A . n 
A 1 24  SER 24  23  23  SER SER A . n 
A 1 25  PRO 25  24  24  PRO PRO A . n 
A 1 26  ALA 26  25  25  ALA ALA A . n 
A 1 27  ILE 27  26  26  ILE ILE A . n 
A 1 28  ASN 28  27  27  ASN ASN A . n 
A 1 29  VAL 29  28  28  VAL VAL A . n 
A 1 30  ALA 30  29  29  ALA ALA A . n 
A 1 31  VAL 31  30  30  VAL VAL A . n 
A 1 32  HIS 32  31  31  HIS HIS A . n 
A 1 33  VAL 33  32  32  VAL VAL A . n 
A 1 34  PHE 34  33  33  PHE PHE A . n 
A 1 35  ARG 35  34  34  ARG ARG A . n 
A 1 36  LYS 36  35  35  LYS LYS A . n 
A 1 37  ALA 37  36  36  ALA ALA A . n 
A 1 38  ALA 38  37  37  ALA ALA A . n 
A 1 39  ASP 39  38  38  ASP ASP A . n 
A 1 40  ASP 40  39  39  ASP ASP A . n 
A 1 41  THR 41  40  40  THR THR A . n 
A 1 42  TRP 42  41  41  TRP TRP A . n 
A 1 43  GLU 43  42  42  GLU GLU A . n 
A 1 44  PRO 44  43  43  PRO PRO A . n 
A 1 45  PHE 45  44  44  PHE PHE A . n 
A 1 46  ALA 46  45  45  ALA ALA A . n 
A 1 47  SER 47  46  46  SER SER A . n 
A 1 48  GLY 48  47  47  GLY GLY A . n 
A 1 49  LYS 49  48  48  LYS LYS A . n 
A 1 50  THR 50  49  49  THR THR A . n 
A 1 51  SER 51  50  50  SER SER A . n 
A 1 52  GLU 52  51  51  GLU GLU A . n 
A 1 53  SER 53  52  52  SER SER A . n 
A 1 54  GLY 54  53  53  GLY GLY A . n 
A 1 55  GLU 55  54  54  GLU GLU A . n 
A 1 56  LEU 56  55  55  LEU LEU A . n 
A 1 57  HIS 57  56  56  HIS HIS A . n 
A 1 58  GLY 58  57  57  GLY GLY A . n 
A 1 59  LEU 59  58  58  LEU LEU A . n 
A 1 60  THR 60  59  59  THR THR A . n 
A 1 61  THR 61  60  60  THR THR A . n 
A 1 62  GLU 62  61  61  GLU GLU A . n 
A 1 63  GLU 63  62  62  GLU GLU A . n 
A 1 64  GLU 64  63  63  GLU GLU A . n 
A 1 65  PHE 65  64  64  PHE PHE A . n 
A 1 66  VAL 66  65  65  VAL VAL A . n 
A 1 67  GLU 67  66  66  GLU GLU A . n 
A 1 68  GLY 68  67  67  GLY GLY A . n 
A 1 69  ILE 69  68  68  ILE ILE A . n 
A 1 70  TYR 70  69  69  TYR TYR A . n 
A 1 71  LYS 71  70  70  LYS LYS A . n 
A 1 72  VAL 72  71  71  VAL VAL A . n 
A 1 73  GLU 73  72  72  GLU GLU A . n 
A 1 74  ILE 74  73  73  ILE ILE A . n 
A 1 75  ASP 75  74  74  ASP ASP A . n 
A 1 76  THR 76  75  75  THR THR A . n 
A 1 77  LYS 77  76  76  LYS LYS A . n 
A 1 78  SER 78  77  77  SER SER A . n 
A 1 79  TYR 79  78  78  TYR TYR A . n 
A 1 80  TRP 80  79  79  TRP TRP A . n 
A 1 81  LYS 81  80  80  LYS LYS A . n 
A 1 82  ALA 82  81  81  ALA ALA A . n 
A 1 83  LEU 83  82  82  LEU LEU A . n 
A 1 84  GLY 84  83  83  GLY GLY A . n 
A 1 85  ILE 85  84  84  ILE ILE A . n 
A 1 86  SER 86  85  85  SER SER A . n 
A 1 87  PRO 87  86  86  PRO PRO A . n 
A 1 88  PHE 88  87  87  PHE PHE A . n 
A 1 89  HIS 89  88  88  HIS HIS A . n 
A 1 90  GLU 90  89  89  GLU GLU A . n 
A 1 91  HIS 91  90  90  HIS HIS A . n 
A 1 92  ALA 92  91  91  ALA ALA A . n 
A 1 93  GLU 93  92  92  GLU GLU A . n 
A 1 94  VAL 94  93  93  VAL VAL A . n 
A 1 95  VAL 95  94  94  VAL VAL A . n 
A 1 96  PHE 96  95  95  PHE PHE A . n 
A 1 97  THR 97  96  96  THR THR A . n 
A 1 98  ALA 98  97  97  ALA ALA A . n 
A 1 99  ASN 99  98  98  ASN ASN A . n 
A 1 100 ASP 100 99  99  ASP ASP A . n 
A 1 101 SER 101 100 100 SER SER A . n 
A 1 102 GLY 102 101 101 GLY GLY A . n 
A 1 103 PRO 103 102 102 PRO PRO A . n 
A 1 104 ARG 104 103 103 ARG ARG A . n 
A 1 105 ARG 105 104 104 ARG ARG A . n 
A 1 106 TYR 106 105 105 TYR TYR A . n 
A 1 107 THR 107 106 106 THR THR A . n 
A 1 108 ILE 108 107 107 ILE ILE A . n 
A 1 109 ALA 109 108 108 ALA ALA A . n 
A 1 110 ALA 110 109 109 ALA ALA A . n 
A 1 111 LEU 111 110 110 LEU LEU A . n 
A 1 112 LEU 112 111 111 LEU LEU A . n 
A 1 113 SER 113 112 112 SER SER A . n 
A 1 114 PRO 114 113 113 PRO PRO A . n 
A 1 115 TYR 115 114 114 TYR TYR A . n 
A 1 116 SER 116 115 115 SER SER A . n 
A 1 117 TYR 117 116 116 TYR TYR A . n 
A 1 118 SER 118 117 117 SER SER A . n 
A 1 119 THR 119 118 118 THR THR A . n 
A 1 120 THR 120 119 119 THR THR A . n 
A 1 121 ALA 121 120 120 ALA ALA A . n 
A 1 122 VAL 122 121 121 VAL VAL A . n 
A 1 123 VAL 123 122 122 VAL VAL A . n 
A 1 124 THR 124 123 123 THR THR A . n 
A 1 125 ASN 125 124 124 ASN ASN A . n 
A 1 126 PRO 126 125 125 PRO PRO A . n 
A 1 127 LYS 127 126 ?   ?   ?   A . n 
A 1 128 GLU 128 127 ?   ?   ?   A . n 
# 
loop_
_pdbx_nonpoly_scheme.asym_id 
_pdbx_nonpoly_scheme.entity_id 
_pdbx_nonpoly_scheme.mon_id 
_pdbx_nonpoly_scheme.ndb_seq_num 
_pdbx_nonpoly_scheme.pdb_seq_num 
_pdbx_nonpoly_scheme.auth_seq_num 
_pdbx_nonpoly_scheme.pdb_mon_id 
_pdbx_nonpoly_scheme.auth_mon_id 
_pdbx_nonpoly_scheme.pdb_strand_id 
_pdbx_nonpoly_scheme.pdb_ins_code 
B 2 S2L 1  200 200 S2L S2L A . 
C 3 HOH 1  301 2   HOH HOH A . 
C 3 HOH 2  302 11  HOH HOH A . 
C 3 HOH 3  303 1   HOH HOH A . 
C 3 HOH 4  304 5   HOH HOH A . 
C 3 HOH 5  305 10  HOH HOH A . 
C 3 HOH 6  306 3   HOH HOH A . 
C 3 HOH 7  307 6   HOH HOH A . 
C 3 HOH 8  308 4   HOH HOH A . 
C 3 HOH 9  309 9   HOH HOH A . 
C 3 HOH 10 310 8   HOH HOH A . 
C 3 HOH 11 311 7   HOH HOH A . 
# 
_pdbx_struct_assembly.id                   1 
_pdbx_struct_assembly.details              author_defined_assembly 
_pdbx_struct_assembly.method_details       ? 
_pdbx_struct_assembly.oligomeric_details   tetrameric 
_pdbx_struct_assembly.oligomeric_count     4 
# 
loop_
_pdbx_struct_assembly_gen.assembly_id 
_pdbx_struct_assembly_gen.oper_expression 
_pdbx_struct_assembly_gen.asym_id_list 
1 1 A,B,C 
1 2 A,B,C 
1 3 A,B,C 
1 4 A,B,C 
# 
loop_
_pdbx_struct_oper_list.id 
_pdbx_struct_oper_list.type 
_pdbx_struct_oper_list.name 
_pdbx_struct_oper_list.symmetry_operation 
_pdbx_struct_oper_list.matrix[1][1] 
_pdbx_struct_oper_list.matrix[1][2] 
_pdbx_struct_oper_list.matrix[1][3] 
_pdbx_struct_oper_list.vector[1] 
_pdbx_struct_oper_list.matrix[2][1] 
_pdbx_struct_oper_list.matrix[2][2] 
_pdbx_struct_oper_list.matrix[2][3] 
_pdbx_struct_oper_list.vector[2] 
_pdbx_struct_oper_list.matrix[3][1] 
_pdbx_struct_oper_list.matrix[3][2] 
_pdbx_struct_oper_list.matrix[3][3] 
_pdbx_struct_oper_list.vector[3] 
1 'identity operation'         1_555 x,y,z       1.0000000000  0.0000000000  0.0000000000  0.0000000000  0.0000000000  1.0000000000  0.0000000000  0.0000000000   0.0000000000  0.0000000000  1.0000000000  0.0000000000   
2 'crystal symmetry operation' 2_775 -x+2,-y+2,z -0.5337472353 -0.3987229819 0.7457438384  12.2350604140 -0.3987229819 -0.6590261155 -0.6377339279 -10.6299661410 0.7457438384  -0.6377339279 0.1927733508  -13.3330535639 
3 'crystal symmetry operation' 3_756 -x+2,y,-z+1 -0.1728976753 -0.5548563965 -0.8137817724 11.0275489356 -0.5548563965 -0.6277780735 0.5459203877  -12.0735102271 -0.8137817724 0.5459203877  -0.1993242513 19.4400713740  
4 'crystal symmetry operation' 4_576 x,-y+2,-z+1 -0.2933550894 0.9535793785  0.0680379340  25.6604361025 0.9535793785  0.2868041890  0.0918135401  -19.4677378658 0.0680379340  0.0918135401  -0.9934490995 6.3378879063 
# 
_pdbx_struct_special_symmetry.id              1 
_pdbx_struct_special_symmetry.PDB_model_num   1 
_pdbx_struct_special_symmetry.auth_asym_id    A 
_pdbx_struct_special_symmetry.auth_comp_id    S2L 
_pdbx_struct_special_symmetry.auth_seq_id     200 
_pdbx_struct_special_symmetry.PDB_ins_code    ? 
_pdbx_struct_special_symmetry.label_asym_id   B 
_pdbx_struct_special_symmetry.label_comp_id   S2L 
_pdbx_struct_special_symmetry.label_seq_id    . 
# 
loop_
_pdbx_audit_revision_history.ordinal 
_pdbx_audit_revision_history.data_content_type 
_pdbx_audit_revision_history.major_revision 
_pdbx_audit_revision_history.minor_revision 
_pdbx_audit_revision_history.revision_date 
1 'Structure model' 1 0 2017-09-27 
2 'Structure model' 1 1 2017-10-11 
3 'Structure model' 1 2 2018-04-18 
4 'Structure model' 1 3 2019-11-27 
5 'Structure model' 1 4 2023-10-04 
# 
_pdbx_audit_revision_details.ordinal             1 
_pdbx_audit_revision_details.revision_ordinal    1 
_pdbx_audit_revision_details.data_content_type   'Structure model' 
_pdbx_audit_revision_details.provider            repository 
_pdbx_audit_revision_details.type                'Initial release' 
_pdbx_audit_revision_details.description         ? 
_pdbx_audit_revision_details.details             ? 
# 
loop_
_pdbx_audit_revision_group.ordinal 
_pdbx_audit_revision_group.revision_ordinal 
_pdbx_audit_revision_group.data_content_type 
_pdbx_audit_revision_group.group 
1 2 'Structure model' 'Database references'        
2 3 'Structure model' 'Data collection'            
3 4 'Structure model' 'Author supporting evidence' 
4 4 'Structure model' 'Derived calculations'       
5 5 'Structure model' 'Data collection'            
6 5 'Structure model' 'Database references'        
7 5 'Structure model' 'Refinement description'     
# 
loop_
_pdbx_audit_revision_category.ordinal 
_pdbx_audit_revision_category.revision_ordinal 
_pdbx_audit_revision_category.data_content_type 
_pdbx_audit_revision_category.category 
1 2 'Structure model' citation                      
2 3 'Structure model' diffrn_detector               
3 4 'Structure model' pdbx_audit_support            
4 4 'Structure model' pdbx_struct_special_symmetry  
5 5 'Structure model' chem_comp_atom                
6 5 'Structure model' chem_comp_bond                
7 5 'Structure model' database_2                    
8 5 'Structure model' pdbx_initial_refinement_model 
# 
loop_
_pdbx_audit_revision_item.ordinal 
_pdbx_audit_revision_item.revision_ordinal 
_pdbx_audit_revision_item.data_content_type 
_pdbx_audit_revision_item.item 
1 2 'Structure model' '_citation.journal_volume'                 
2 2 'Structure model' '_citation.page_first'                     
3 2 'Structure model' '_citation.page_last'                      
4 3 'Structure model' '_diffrn_detector.detector'                
5 4 'Structure model' '_pdbx_audit_support.funding_organization' 
6 5 'Structure model' '_database_2.pdbx_DOI'                     
7 5 'Structure model' '_database_2.pdbx_database_accession'      
# 
loop_
_software.citation_id 
_software.classification 
_software.compiler_name 
_software.compiler_version 
_software.contact_author 
_software.contact_author_email 
_software.date 
_software.description 
_software.dependencies 
_software.hardware 
_software.language 
_software.location 
_software.mods 
_software.name 
_software.os 
_software.os_version 
_software.type 
_software.version 
_software.pdbx_ordinal 
? 'data reduction' ? ? ? ? ? ? ? ? ? ? ? HKL-2000  ? ? ? .        1 
? 'data scaling'   ? ? ? ? ? ? ? ? ? ? ? SCALEPACK ? ? ? .        2 
? phasing          ? ? ? ? ? ? ? ? ? ? ? PHASER    ? ? ? .        3 
? refinement       ? ? ? ? ? ? ? ? ? ? ? PHENIX    ? ? ? 1.9_1692 4 
# 
loop_
_pdbx_validate_torsion.id 
_pdbx_validate_torsion.PDB_model_num 
_pdbx_validate_torsion.auth_comp_id 
_pdbx_validate_torsion.auth_asym_id 
_pdbx_validate_torsion.auth_seq_id 
_pdbx_validate_torsion.PDB_ins_code 
_pdbx_validate_torsion.label_alt_id 
_pdbx_validate_torsion.phi 
_pdbx_validate_torsion.psi 
1 1 SER A 50 ? ? -73.01 -163.86 
2 1 HIS A 90 ? ? 175.57 179.39  
# 
loop_
_pdbx_unobs_or_zero_occ_residues.id 
_pdbx_unobs_or_zero_occ_residues.PDB_model_num 
_pdbx_unobs_or_zero_occ_residues.polymer_flag 
_pdbx_unobs_or_zero_occ_residues.occupancy_flag 
_pdbx_unobs_or_zero_occ_residues.auth_asym_id 
_pdbx_unobs_or_zero_occ_residues.auth_comp_id 
_pdbx_unobs_or_zero_occ_residues.auth_seq_id 
_pdbx_unobs_or_zero_occ_residues.PDB_ins_code 
_pdbx_unobs_or_zero_occ_residues.label_asym_id 
_pdbx_unobs_or_zero_occ_residues.label_comp_id 
_pdbx_unobs_or_zero_occ_residues.label_seq_id 
1  1 Y 1 A MET 0   ? A MET 1   
2  1 Y 1 A GLY 1   ? A GLY 2   
3  1 Y 1 A PRO 2   ? A PRO 3   
4  1 Y 1 A THR 3   ? A THR 4   
5  1 Y 1 A GLY 4   ? A GLY 5   
6  1 Y 1 A THR 5   ? A THR 6   
7  1 Y 1 A GLY 6   ? A GLY 7   
8  1 Y 1 A GLU 7   ? A GLU 8   
9  1 Y 1 A SER 8   ? A SER 9   
10 1 Y 1 A LYS 9   ? A LYS 10  
11 1 Y 1 A LYS 126 ? A LYS 127 
12 1 Y 1 A GLU 127 ? A GLU 128 
# 
loop_
_chem_comp_atom.comp_id 
_chem_comp_atom.atom_id 
_chem_comp_atom.type_symbol 
_chem_comp_atom.pdbx_aromatic_flag 
_chem_comp_atom.pdbx_stereo_config 
_chem_comp_atom.pdbx_ordinal 
ALA N    N  N N 1   
ALA CA   C  N S 2   
ALA C    C  N N 3   
ALA O    O  N N 4   
ALA CB   C  N N 5   
ALA OXT  O  N N 6   
ALA H    H  N N 7   
ALA H2   H  N N 8   
ALA HA   H  N N 9   
ALA HB1  H  N N 10  
ALA HB2  H  N N 11  
ALA HB3  H  N N 12  
ALA HXT  H  N N 13  
ARG N    N  N N 14  
ARG CA   C  N S 15  
ARG C    C  N N 16  
ARG O    O  N N 17  
ARG CB   C  N N 18  
ARG CG   C  N N 19  
ARG CD   C  N N 20  
ARG NE   N  N N 21  
ARG CZ   C  N N 22  
ARG NH1  N  N N 23  
ARG NH2  N  N N 24  
ARG OXT  O  N N 25  
ARG H    H  N N 26  
ARG H2   H  N N 27  
ARG HA   H  N N 28  
ARG HB2  H  N N 29  
ARG HB3  H  N N 30  
ARG HG2  H  N N 31  
ARG HG3  H  N N 32  
ARG HD2  H  N N 33  
ARG HD3  H  N N 34  
ARG HE   H  N N 35  
ARG HH11 H  N N 36  
ARG HH12 H  N N 37  
ARG HH21 H  N N 38  
ARG HH22 H  N N 39  
ARG HXT  H  N N 40  
ASN N    N  N N 41  
ASN CA   C  N S 42  
ASN C    C  N N 43  
ASN O    O  N N 44  
ASN CB   C  N N 45  
ASN CG   C  N N 46  
ASN OD1  O  N N 47  
ASN ND2  N  N N 48  
ASN OXT  O  N N 49  
ASN H    H  N N 50  
ASN H2   H  N N 51  
ASN HA   H  N N 52  
ASN HB2  H  N N 53  
ASN HB3  H  N N 54  
ASN HD21 H  N N 55  
ASN HD22 H  N N 56  
ASN HXT  H  N N 57  
ASP N    N  N N 58  
ASP CA   C  N S 59  
ASP C    C  N N 60  
ASP O    O  N N 61  
ASP CB   C  N N 62  
ASP CG   C  N N 63  
ASP OD1  O  N N 64  
ASP OD2  O  N N 65  
ASP OXT  O  N N 66  
ASP H    H  N N 67  
ASP H2   H  N N 68  
ASP HA   H  N N 69  
ASP HB2  H  N N 70  
ASP HB3  H  N N 71  
ASP HD2  H  N N 72  
ASP HXT  H  N N 73  
CYS N    N  N N 74  
CYS CA   C  N R 75  
CYS C    C  N N 76  
CYS O    O  N N 77  
CYS CB   C  N N 78  
CYS SG   S  N N 79  
CYS OXT  O  N N 80  
CYS H    H  N N 81  
CYS H2   H  N N 82  
CYS HA   H  N N 83  
CYS HB2  H  N N 84  
CYS HB3  H  N N 85  
CYS HG   H  N N 86  
CYS HXT  H  N N 87  
GLU N    N  N N 88  
GLU CA   C  N S 89  
GLU C    C  N N 90  
GLU O    O  N N 91  
GLU CB   C  N N 92  
GLU CG   C  N N 93  
GLU CD   C  N N 94  
GLU OE1  O  N N 95  
GLU OE2  O  N N 96  
GLU OXT  O  N N 97  
GLU H    H  N N 98  
GLU H2   H  N N 99  
GLU HA   H  N N 100 
GLU HB2  H  N N 101 
GLU HB3  H  N N 102 
GLU HG2  H  N N 103 
GLU HG3  H  N N 104 
GLU HE2  H  N N 105 
GLU HXT  H  N N 106 
GLY N    N  N N 107 
GLY CA   C  N N 108 
GLY C    C  N N 109 
GLY O    O  N N 110 
GLY OXT  O  N N 111 
GLY H    H  N N 112 
GLY H2   H  N N 113 
GLY HA2  H  N N 114 
GLY HA3  H  N N 115 
GLY HXT  H  N N 116 
HIS N    N  N N 117 
HIS CA   C  N S 118 
HIS C    C  N N 119 
HIS O    O  N N 120 
HIS CB   C  N N 121 
HIS CG   C  Y N 122 
HIS ND1  N  Y N 123 
HIS CD2  C  Y N 124 
HIS CE1  C  Y N 125 
HIS NE2  N  Y N 126 
HIS OXT  O  N N 127 
HIS H    H  N N 128 
HIS H2   H  N N 129 
HIS HA   H  N N 130 
HIS HB2  H  N N 131 
HIS HB3  H  N N 132 
HIS HD1  H  N N 133 
HIS HD2  H  N N 134 
HIS HE1  H  N N 135 
HIS HE2  H  N N 136 
HIS HXT  H  N N 137 
HOH O    O  N N 138 
HOH H1   H  N N 139 
HOH H2   H  N N 140 
ILE N    N  N N 141 
ILE CA   C  N S 142 
ILE C    C  N N 143 
ILE O    O  N N 144 
ILE CB   C  N S 145 
ILE CG1  C  N N 146 
ILE CG2  C  N N 147 
ILE CD1  C  N N 148 
ILE OXT  O  N N 149 
ILE H    H  N N 150 
ILE H2   H  N N 151 
ILE HA   H  N N 152 
ILE HB   H  N N 153 
ILE HG12 H  N N 154 
ILE HG13 H  N N 155 
ILE HG21 H  N N 156 
ILE HG22 H  N N 157 
ILE HG23 H  N N 158 
ILE HD11 H  N N 159 
ILE HD12 H  N N 160 
ILE HD13 H  N N 161 
ILE HXT  H  N N 162 
LEU N    N  N N 163 
LEU CA   C  N S 164 
LEU C    C  N N 165 
LEU O    O  N N 166 
LEU CB   C  N N 167 
LEU CG   C  N N 168 
LEU CD1  C  N N 169 
LEU CD2  C  N N 170 
LEU OXT  O  N N 171 
LEU H    H  N N 172 
LEU H2   H  N N 173 
LEU HA   H  N N 174 
LEU HB2  H  N N 175 
LEU HB3  H  N N 176 
LEU HG   H  N N 177 
LEU HD11 H  N N 178 
LEU HD12 H  N N 179 
LEU HD13 H  N N 180 
LEU HD21 H  N N 181 
LEU HD22 H  N N 182 
LEU HD23 H  N N 183 
LEU HXT  H  N N 184 
LYS N    N  N N 185 
LYS CA   C  N S 186 
LYS C    C  N N 187 
LYS O    O  N N 188 
LYS CB   C  N N 189 
LYS CG   C  N N 190 
LYS CD   C  N N 191 
LYS CE   C  N N 192 
LYS NZ   N  N N 193 
LYS OXT  O  N N 194 
LYS H    H  N N 195 
LYS H2   H  N N 196 
LYS HA   H  N N 197 
LYS HB2  H  N N 198 
LYS HB3  H  N N 199 
LYS HG2  H  N N 200 
LYS HG3  H  N N 201 
LYS HD2  H  N N 202 
LYS HD3  H  N N 203 
LYS HE2  H  N N 204 
LYS HE3  H  N N 205 
LYS HZ1  H  N N 206 
LYS HZ2  H  N N 207 
LYS HZ3  H  N N 208 
LYS HXT  H  N N 209 
MET N    N  N N 210 
MET CA   C  N S 211 
MET C    C  N N 212 
MET O    O  N N 213 
MET CB   C  N N 214 
MET CG   C  N N 215 
MET SD   S  N N 216 
MET CE   C  N N 217 
MET OXT  O  N N 218 
MET H    H  N N 219 
MET H2   H  N N 220 
MET HA   H  N N 221 
MET HB2  H  N N 222 
MET HB3  H  N N 223 
MET HG2  H  N N 224 
MET HG3  H  N N 225 
MET HE1  H  N N 226 
MET HE2  H  N N 227 
MET HE3  H  N N 228 
MET HXT  H  N N 229 
PHE N    N  N N 230 
PHE CA   C  N S 231 
PHE C    C  N N 232 
PHE O    O  N N 233 
PHE CB   C  N N 234 
PHE CG   C  Y N 235 
PHE CD1  C  Y N 236 
PHE CD2  C  Y N 237 
PHE CE1  C  Y N 238 
PHE CE2  C  Y N 239 
PHE CZ   C  Y N 240 
PHE OXT  O  N N 241 
PHE H    H  N N 242 
PHE H2   H  N N 243 
PHE HA   H  N N 244 
PHE HB2  H  N N 245 
PHE HB3  H  N N 246 
PHE HD1  H  N N 247 
PHE HD2  H  N N 248 
PHE HE1  H  N N 249 
PHE HE2  H  N N 250 
PHE HZ   H  N N 251 
PHE HXT  H  N N 252 
PRO N    N  N N 253 
PRO CA   C  N S 254 
PRO C    C  N N 255 
PRO O    O  N N 256 
PRO CB   C  N N 257 
PRO CG   C  N N 258 
PRO CD   C  N N 259 
PRO OXT  O  N N 260 
PRO H    H  N N 261 
PRO HA   H  N N 262 
PRO HB2  H  N N 263 
PRO HB3  H  N N 264 
PRO HG2  H  N N 265 
PRO HG3  H  N N 266 
PRO HD2  H  N N 267 
PRO HD3  H  N N 268 
PRO HXT  H  N N 269 
S2L C01  C  Y N 270 
S2L C02  C  Y N 271 
S2L C03  C  Y N 272 
S2L C04  C  Y N 273 
S2L C05  C  Y N 274 
S2L C06  C  Y N 275 
S2L O01  O  N N 276 
S2L C07  C  N N 277 
S2L C08  C  N N 278 
S2L C09  C  Y N 279 
S2L C10  C  Y N 280 
S2L C11  C  Y N 281 
S2L C12  C  Y N 282 
S2L C13  C  Y N 283 
S2L C14  C  Y N 284 
S2L CL1  CL N N 285 
S2L O02  O  N N 286 
S2L O03  O  N N 287 
S2L H1   H  N N 288 
S2L H2   H  N N 289 
S2L H3   H  N N 290 
S2L H4   H  N N 291 
S2L H5   H  N N 292 
S2L H6   H  N N 293 
S2L H7   H  N N 294 
S2L H8   H  N N 295 
S2L H9   H  N N 296 
S2L H10  H  N N 297 
S2L H11  H  N N 298 
SER N    N  N N 299 
SER CA   C  N S 300 
SER C    C  N N 301 
SER O    O  N N 302 
SER CB   C  N N 303 
SER OG   O  N N 304 
SER OXT  O  N N 305 
SER H    H  N N 306 
SER H2   H  N N 307 
SER HA   H  N N 308 
SER HB2  H  N N 309 
SER HB3  H  N N 310 
SER HG   H  N N 311 
SER HXT  H  N N 312 
THR N    N  N N 313 
THR CA   C  N S 314 
THR C    C  N N 315 
THR O    O  N N 316 
THR CB   C  N R 317 
THR OG1  O  N N 318 
THR CG2  C  N N 319 
THR OXT  O  N N 320 
THR H    H  N N 321 
THR H2   H  N N 322 
THR HA   H  N N 323 
THR HB   H  N N 324 
THR HG1  H  N N 325 
THR HG21 H  N N 326 
THR HG22 H  N N 327 
THR HG23 H  N N 328 
THR HXT  H  N N 329 
TRP N    N  N N 330 
TRP CA   C  N S 331 
TRP C    C  N N 332 
TRP O    O  N N 333 
TRP CB   C  N N 334 
TRP CG   C  Y N 335 
TRP CD1  C  Y N 336 
TRP CD2  C  Y N 337 
TRP NE1  N  Y N 338 
TRP CE2  C  Y N 339 
TRP CE3  C  Y N 340 
TRP CZ2  C  Y N 341 
TRP CZ3  C  Y N 342 
TRP CH2  C  Y N 343 
TRP OXT  O  N N 344 
TRP H    H  N N 345 
TRP H2   H  N N 346 
TRP HA   H  N N 347 
TRP HB2  H  N N 348 
TRP HB3  H  N N 349 
TRP HD1  H  N N 350 
TRP HE1  H  N N 351 
TRP HE3  H  N N 352 
TRP HZ2  H  N N 353 
TRP HZ3  H  N N 354 
TRP HH2  H  N N 355 
TRP HXT  H  N N 356 
TYR N    N  N N 357 
TYR CA   C  N S 358 
TYR C    C  N N 359 
TYR O    O  N N 360 
TYR CB   C  N N 361 
TYR CG   C  Y N 362 
TYR CD1  C  Y N 363 
TYR CD2  C  Y N 364 
TYR CE1  C  Y N 365 
TYR CE2  C  Y N 366 
TYR CZ   C  Y N 367 
TYR OH   O  N N 368 
TYR OXT  O  N N 369 
TYR H    H  N N 370 
TYR H2   H  N N 371 
TYR HA   H  N N 372 
TYR HB2  H  N N 373 
TYR HB3  H  N N 374 
TYR HD1  H  N N 375 
TYR HD2  H  N N 376 
TYR HE1  H  N N 377 
TYR HE2  H  N N 378 
TYR HH   H  N N 379 
TYR HXT  H  N N 380 
VAL N    N  N N 381 
VAL CA   C  N S 382 
VAL C    C  N N 383 
VAL O    O  N N 384 
VAL CB   C  N N 385 
VAL CG1  C  N N 386 
VAL CG2  C  N N 387 
VAL OXT  O  N N 388 
VAL H    H  N N 389 
VAL H2   H  N N 390 
VAL HA   H  N N 391 
VAL HB   H  N N 392 
VAL HG11 H  N N 393 
VAL HG12 H  N N 394 
VAL HG13 H  N N 395 
VAL HG21 H  N N 396 
VAL HG22 H  N N 397 
VAL HG23 H  N N 398 
VAL HXT  H  N N 399 
# 
loop_
_chem_comp_bond.comp_id 
_chem_comp_bond.atom_id_1 
_chem_comp_bond.atom_id_2 
_chem_comp_bond.value_order 
_chem_comp_bond.pdbx_aromatic_flag 
_chem_comp_bond.pdbx_stereo_config 
_chem_comp_bond.pdbx_ordinal 
ALA N   CA   sing N N 1   
ALA N   H    sing N N 2   
ALA N   H2   sing N N 3   
ALA CA  C    sing N N 4   
ALA CA  CB   sing N N 5   
ALA CA  HA   sing N N 6   
ALA C   O    doub N N 7   
ALA C   OXT  sing N N 8   
ALA CB  HB1  sing N N 9   
ALA CB  HB2  sing N N 10  
ALA CB  HB3  sing N N 11  
ALA OXT HXT  sing N N 12  
ARG N   CA   sing N N 13  
ARG N   H    sing N N 14  
ARG N   H2   sing N N 15  
ARG CA  C    sing N N 16  
ARG CA  CB   sing N N 17  
ARG CA  HA   sing N N 18  
ARG C   O    doub N N 19  
ARG C   OXT  sing N N 20  
ARG CB  CG   sing N N 21  
ARG CB  HB2  sing N N 22  
ARG CB  HB3  sing N N 23  
ARG CG  CD   sing N N 24  
ARG CG  HG2  sing N N 25  
ARG CG  HG3  sing N N 26  
ARG CD  NE   sing N N 27  
ARG CD  HD2  sing N N 28  
ARG CD  HD3  sing N N 29  
ARG NE  CZ   sing N N 30  
ARG NE  HE   sing N N 31  
ARG CZ  NH1  sing N N 32  
ARG CZ  NH2  doub N N 33  
ARG NH1 HH11 sing N N 34  
ARG NH1 HH12 sing N N 35  
ARG NH2 HH21 sing N N 36  
ARG NH2 HH22 sing N N 37  
ARG OXT HXT  sing N N 38  
ASN N   CA   sing N N 39  
ASN N   H    sing N N 40  
ASN N   H2   sing N N 41  
ASN CA  C    sing N N 42  
ASN CA  CB   sing N N 43  
ASN CA  HA   sing N N 44  
ASN C   O    doub N N 45  
ASN C   OXT  sing N N 46  
ASN CB  CG   sing N N 47  
ASN CB  HB2  sing N N 48  
ASN CB  HB3  sing N N 49  
ASN CG  OD1  doub N N 50  
ASN CG  ND2  sing N N 51  
ASN ND2 HD21 sing N N 52  
ASN ND2 HD22 sing N N 53  
ASN OXT HXT  sing N N 54  
ASP N   CA   sing N N 55  
ASP N   H    sing N N 56  
ASP N   H2   sing N N 57  
ASP CA  C    sing N N 58  
ASP CA  CB   sing N N 59  
ASP CA  HA   sing N N 60  
ASP C   O    doub N N 61  
ASP C   OXT  sing N N 62  
ASP CB  CG   sing N N 63  
ASP CB  HB2  sing N N 64  
ASP CB  HB3  sing N N 65  
ASP CG  OD1  doub N N 66  
ASP CG  OD2  sing N N 67  
ASP OD2 HD2  sing N N 68  
ASP OXT HXT  sing N N 69  
CYS N   CA   sing N N 70  
CYS N   H    sing N N 71  
CYS N   H2   sing N N 72  
CYS CA  C    sing N N 73  
CYS CA  CB   sing N N 74  
CYS CA  HA   sing N N 75  
CYS C   O    doub N N 76  
CYS C   OXT  sing N N 77  
CYS CB  SG   sing N N 78  
CYS CB  HB2  sing N N 79  
CYS CB  HB3  sing N N 80  
CYS SG  HG   sing N N 81  
CYS OXT HXT  sing N N 82  
GLU N   CA   sing N N 83  
GLU N   H    sing N N 84  
GLU N   H2   sing N N 85  
GLU CA  C    sing N N 86  
GLU CA  CB   sing N N 87  
GLU CA  HA   sing N N 88  
GLU C   O    doub N N 89  
GLU C   OXT  sing N N 90  
GLU CB  CG   sing N N 91  
GLU CB  HB2  sing N N 92  
GLU CB  HB3  sing N N 93  
GLU CG  CD   sing N N 94  
GLU CG  HG2  sing N N 95  
GLU CG  HG3  sing N N 96  
GLU CD  OE1  doub N N 97  
GLU CD  OE2  sing N N 98  
GLU OE2 HE2  sing N N 99  
GLU OXT HXT  sing N N 100 
GLY N   CA   sing N N 101 
GLY N   H    sing N N 102 
GLY N   H2   sing N N 103 
GLY CA  C    sing N N 104 
GLY CA  HA2  sing N N 105 
GLY CA  HA3  sing N N 106 
GLY C   O    doub N N 107 
GLY C   OXT  sing N N 108 
GLY OXT HXT  sing N N 109 
HIS N   CA   sing N N 110 
HIS N   H    sing N N 111 
HIS N   H2   sing N N 112 
HIS CA  C    sing N N 113 
HIS CA  CB   sing N N 114 
HIS CA  HA   sing N N 115 
HIS C   O    doub N N 116 
HIS C   OXT  sing N N 117 
HIS CB  CG   sing N N 118 
HIS CB  HB2  sing N N 119 
HIS CB  HB3  sing N N 120 
HIS CG  ND1  sing Y N 121 
HIS CG  CD2  doub Y N 122 
HIS ND1 CE1  doub Y N 123 
HIS ND1 HD1  sing N N 124 
HIS CD2 NE2  sing Y N 125 
HIS CD2 HD2  sing N N 126 
HIS CE1 NE2  sing Y N 127 
HIS CE1 HE1  sing N N 128 
HIS NE2 HE2  sing N N 129 
HIS OXT HXT  sing N N 130 
HOH O   H1   sing N N 131 
HOH O   H2   sing N N 132 
ILE N   CA   sing N N 133 
ILE N   H    sing N N 134 
ILE N   H2   sing N N 135 
ILE CA  C    sing N N 136 
ILE CA  CB   sing N N 137 
ILE CA  HA   sing N N 138 
ILE C   O    doub N N 139 
ILE C   OXT  sing N N 140 
ILE CB  CG1  sing N N 141 
ILE CB  CG2  sing N N 142 
ILE CB  HB   sing N N 143 
ILE CG1 CD1  sing N N 144 
ILE CG1 HG12 sing N N 145 
ILE CG1 HG13 sing N N 146 
ILE CG2 HG21 sing N N 147 
ILE CG2 HG22 sing N N 148 
ILE CG2 HG23 sing N N 149 
ILE CD1 HD11 sing N N 150 
ILE CD1 HD12 sing N N 151 
ILE CD1 HD13 sing N N 152 
ILE OXT HXT  sing N N 153 
LEU N   CA   sing N N 154 
LEU N   H    sing N N 155 
LEU N   H2   sing N N 156 
LEU CA  C    sing N N 157 
LEU CA  CB   sing N N 158 
LEU CA  HA   sing N N 159 
LEU C   O    doub N N 160 
LEU C   OXT  sing N N 161 
LEU CB  CG   sing N N 162 
LEU CB  HB2  sing N N 163 
LEU CB  HB3  sing N N 164 
LEU CG  CD1  sing N N 165 
LEU CG  CD2  sing N N 166 
LEU CG  HG   sing N N 167 
LEU CD1 HD11 sing N N 168 
LEU CD1 HD12 sing N N 169 
LEU CD1 HD13 sing N N 170 
LEU CD2 HD21 sing N N 171 
LEU CD2 HD22 sing N N 172 
LEU CD2 HD23 sing N N 173 
LEU OXT HXT  sing N N 174 
LYS N   CA   sing N N 175 
LYS N   H    sing N N 176 
LYS N   H2   sing N N 177 
LYS CA  C    sing N N 178 
LYS CA  CB   sing N N 179 
LYS CA  HA   sing N N 180 
LYS C   O    doub N N 181 
LYS C   OXT  sing N N 182 
LYS CB  CG   sing N N 183 
LYS CB  HB2  sing N N 184 
LYS CB  HB3  sing N N 185 
LYS CG  CD   sing N N 186 
LYS CG  HG2  sing N N 187 
LYS CG  HG3  sing N N 188 
LYS CD  CE   sing N N 189 
LYS CD  HD2  sing N N 190 
LYS CD  HD3  sing N N 191 
LYS CE  NZ   sing N N 192 
LYS CE  HE2  sing N N 193 
LYS CE  HE3  sing N N 194 
LYS NZ  HZ1  sing N N 195 
LYS NZ  HZ2  sing N N 196 
LYS NZ  HZ3  sing N N 197 
LYS OXT HXT  sing N N 198 
MET N   CA   sing N N 199 
MET N   H    sing N N 200 
MET N   H2   sing N N 201 
MET CA  C    sing N N 202 
MET CA  CB   sing N N 203 
MET CA  HA   sing N N 204 
MET C   O    doub N N 205 
MET C   OXT  sing N N 206 
MET CB  CG   sing N N 207 
MET CB  HB2  sing N N 208 
MET CB  HB3  sing N N 209 
MET CG  SD   sing N N 210 
MET CG  HG2  sing N N 211 
MET CG  HG3  sing N N 212 
MET SD  CE   sing N N 213 
MET CE  HE1  sing N N 214 
MET CE  HE2  sing N N 215 
MET CE  HE3  sing N N 216 
MET OXT HXT  sing N N 217 
PHE N   CA   sing N N 218 
PHE N   H    sing N N 219 
PHE N   H2   sing N N 220 
PHE CA  C    sing N N 221 
PHE CA  CB   sing N N 222 
PHE CA  HA   sing N N 223 
PHE C   O    doub N N 224 
PHE C   OXT  sing N N 225 
PHE CB  CG   sing N N 226 
PHE CB  HB2  sing N N 227 
PHE CB  HB3  sing N N 228 
PHE CG  CD1  doub Y N 229 
PHE CG  CD2  sing Y N 230 
PHE CD1 CE1  sing Y N 231 
PHE CD1 HD1  sing N N 232 
PHE CD2 CE2  doub Y N 233 
PHE CD2 HD2  sing N N 234 
PHE CE1 CZ   doub Y N 235 
PHE CE1 HE1  sing N N 236 
PHE CE2 CZ   sing Y N 237 
PHE CE2 HE2  sing N N 238 
PHE CZ  HZ   sing N N 239 
PHE OXT HXT  sing N N 240 
PRO N   CA   sing N N 241 
PRO N   CD   sing N N 242 
PRO N   H    sing N N 243 
PRO CA  C    sing N N 244 
PRO CA  CB   sing N N 245 
PRO CA  HA   sing N N 246 
PRO C   O    doub N N 247 
PRO C   OXT  sing N N 248 
PRO CB  CG   sing N N 249 
PRO CB  HB2  sing N N 250 
PRO CB  HB3  sing N N 251 
PRO CG  CD   sing N N 252 
PRO CG  HG2  sing N N 253 
PRO CG  HG3  sing N N 254 
PRO CD  HD2  sing N N 255 
PRO CD  HD3  sing N N 256 
PRO OXT HXT  sing N N 257 
S2L C11 C10  doub Y N 258 
S2L C11 C12  sing Y N 259 
S2L O03 C02  sing N N 260 
S2L C10 C09  sing Y N 261 
S2L C02 C03  doub Y N 262 
S2L C02 C01  sing Y N 263 
S2L C03 C04  sing Y N 264 
S2L O02 C12  sing N N 265 
S2L C12 C13  doub Y N 266 
S2L C08 C09  sing N N 267 
S2L C08 C07  doub N E 268 
S2L C09 C14  doub Y N 269 
S2L C01 C06  doub Y N 270 
S2L C04 C07  sing N N 271 
S2L C04 C05  doub Y N 272 
S2L C13 C14  sing Y N 273 
S2L C05 C06  sing Y N 274 
S2L C06 O01  sing N N 275 
S2L C14 CL1  sing N N 276 
S2L C01 H1   sing N N 277 
S2L C03 H2   sing N N 278 
S2L C05 H3   sing N N 279 
S2L O01 H4   sing N N 280 
S2L C07 H5   sing N N 281 
S2L C08 H6   sing N N 282 
S2L C10 H7   sing N N 283 
S2L C11 H8   sing N N 284 
S2L C13 H9   sing N N 285 
S2L O02 H10  sing N N 286 
S2L O03 H11  sing N N 287 
SER N   CA   sing N N 288 
SER N   H    sing N N 289 
SER N   H2   sing N N 290 
SER CA  C    sing N N 291 
SER CA  CB   sing N N 292 
SER CA  HA   sing N N 293 
SER C   O    doub N N 294 
SER C   OXT  sing N N 295 
SER CB  OG   sing N N 296 
SER CB  HB2  sing N N 297 
SER CB  HB3  sing N N 298 
SER OG  HG   sing N N 299 
SER OXT HXT  sing N N 300 
THR N   CA   sing N N 301 
THR N   H    sing N N 302 
THR N   H2   sing N N 303 
THR CA  C    sing N N 304 
THR CA  CB   sing N N 305 
THR CA  HA   sing N N 306 
THR C   O    doub N N 307 
THR C   OXT  sing N N 308 
THR CB  OG1  sing N N 309 
THR CB  CG2  sing N N 310 
THR CB  HB   sing N N 311 
THR OG1 HG1  sing N N 312 
THR CG2 HG21 sing N N 313 
THR CG2 HG22 sing N N 314 
THR CG2 HG23 sing N N 315 
THR OXT HXT  sing N N 316 
TRP N   CA   sing N N 317 
TRP N   H    sing N N 318 
TRP N   H2   sing N N 319 
TRP CA  C    sing N N 320 
TRP CA  CB   sing N N 321 
TRP CA  HA   sing N N 322 
TRP C   O    doub N N 323 
TRP C   OXT  sing N N 324 
TRP CB  CG   sing N N 325 
TRP CB  HB2  sing N N 326 
TRP CB  HB3  sing N N 327 
TRP CG  CD1  doub Y N 328 
TRP CG  CD2  sing Y N 329 
TRP CD1 NE1  sing Y N 330 
TRP CD1 HD1  sing N N 331 
TRP CD2 CE2  doub Y N 332 
TRP CD2 CE3  sing Y N 333 
TRP NE1 CE2  sing Y N 334 
TRP NE1 HE1  sing N N 335 
TRP CE2 CZ2  sing Y N 336 
TRP CE3 CZ3  doub Y N 337 
TRP CE3 HE3  sing N N 338 
TRP CZ2 CH2  doub Y N 339 
TRP CZ2 HZ2  sing N N 340 
TRP CZ3 CH2  sing Y N 341 
TRP CZ3 HZ3  sing N N 342 
TRP CH2 HH2  sing N N 343 
TRP OXT HXT  sing N N 344 
TYR N   CA   sing N N 345 
TYR N   H    sing N N 346 
TYR N   H2   sing N N 347 
TYR CA  C    sing N N 348 
TYR CA  CB   sing N N 349 
TYR CA  HA   sing N N 350 
TYR C   O    doub N N 351 
TYR C   OXT  sing N N 352 
TYR CB  CG   sing N N 353 
TYR CB  HB2  sing N N 354 
TYR CB  HB3  sing N N 355 
TYR CG  CD1  doub Y N 356 
TYR CG  CD2  sing Y N 357 
TYR CD1 CE1  sing Y N 358 
TYR CD1 HD1  sing N N 359 
TYR CD2 CE2  doub Y N 360 
TYR CD2 HD2  sing N N 361 
TYR CE1 CZ   doub Y N 362 
TYR CE1 HE1  sing N N 363 
TYR CE2 CZ   sing Y N 364 
TYR CE2 HE2  sing N N 365 
TYR CZ  OH   sing N N 366 
TYR OH  HH   sing N N 367 
TYR OXT HXT  sing N N 368 
VAL N   CA   sing N N 369 
VAL N   H    sing N N 370 
VAL N   H2   sing N N 371 
VAL CA  C    sing N N 372 
VAL CA  CB   sing N N 373 
VAL CA  HA   sing N N 374 
VAL C   O    doub N N 375 
VAL C   OXT  sing N N 376 
VAL CB  CG1  sing N N 377 
VAL CB  CG2  sing N N 378 
VAL CB  HB   sing N N 379 
VAL CG1 HG11 sing N N 380 
VAL CG1 HG12 sing N N 381 
VAL CG1 HG13 sing N N 382 
VAL CG2 HG21 sing N N 383 
VAL CG2 HG22 sing N N 384 
VAL CG2 HG23 sing N N 385 
VAL OXT HXT  sing N N 386 
# 
loop_
_pdbx_audit_support.funding_organization 
_pdbx_audit_support.country 
_pdbx_audit_support.grant_number 
_pdbx_audit_support.ordinal 
'National Institutes of Health/National Institute of General Medical Sciences (NIH/NIGMS)' 'United States' 'T32 GM008349' 1 
'National Institutes of Health/National Institute of General Medical Sciences (NIH/NIGMS)' 'United States' 'R01 GM044783' 2 
'National Science Foundation (NSF, United States)'                                         'United States' 'MCB 1518160'  3 
# 
loop_
_pdbx_entity_nonpoly.entity_id 
_pdbx_entity_nonpoly.name 
_pdbx_entity_nonpoly.comp_id 
2 '5-[(E)-2-(2-chloro-4-hydroxyphenyl)ethenyl]benzene-1,3-diol' S2L 
3 water                                                         HOH 
# 
_pdbx_initial_refinement_model.id               1 
_pdbx_initial_refinement_model.entity_id_list   ? 
_pdbx_initial_refinement_model.type             'experimental model' 
_pdbx_initial_refinement_model.source_name      PDB 
_pdbx_initial_refinement_model.accession_code   2QGB 
_pdbx_initial_refinement_model.details          'pdbid 2QGB' 
# 
